data_7L6Z
#
_entry.id   7L6Z
#
_cell.length_a   88.432
_cell.length_b   156.529
_cell.length_c   90.535
_cell.angle_alpha   90.000
_cell.angle_beta   117.180
_cell.angle_gamma   90.000
#
_symmetry.space_group_name_H-M   'P 1 21 1'
#
loop_
_entity.id
_entity.type
_entity.pdbx_description
1 polymer 'Peptidyl-prolyl cis-trans isomerase'
2 non-polymer 'CHLORIDE ION'
3 non-polymer 1,2-ETHANEDIOL
4 non-polymer '2-(N-MORPHOLINO)-ETHANESULFONIC ACID'
5 water water
#
_entity_poly.entity_id   1
_entity_poly.type   'polypeptide(L)'
_entity_poly.pdbx_seq_one_letter_code
;(MSE)NFPQLSKEVAEDEAEVILHTSQGDIRIKLFPKLAPLAVENFLTHAKEGYYNGITFHRVIDGF(MSE)VQTGDPKG
DGTGGQSIWHDKDKTKDKGTGFKNEITPYLYNIRGALA(MSE)ANTGQPNTNGSQFFINQNSTDTSSKLPTSKYPQKIIE
AYKEGGNPSLDGKHPVFGQVIGG(MSE)DVVDKIAKAEKDEKDKPTTAITIDSIEVVKDYDFKSENLYFQ
;
_entity_poly.pdbx_strand_id   A,B,C,D,E,F,G,H,I,J
#
# COMPACT_ATOMS: atom_id res chain seq x y z
N ASN A 2 22.90 16.29 24.72
CA ASN A 2 23.06 17.10 23.53
C ASN A 2 23.38 16.18 22.35
N PHE A 3 22.56 16.22 21.31
CA PHE A 3 22.79 15.39 20.09
C PHE A 3 23.25 16.36 19.01
N PRO A 4 24.55 16.38 18.68
CA PRO A 4 25.07 17.43 17.80
C PRO A 4 24.53 17.35 16.37
N GLN A 5 23.95 16.22 15.99
CA GLN A 5 23.39 16.15 14.61
C GLN A 5 22.10 16.97 14.53
N LEU A 6 21.46 17.27 15.65
CA LEU A 6 20.12 17.93 15.62
C LEU A 6 20.20 19.46 15.44
N SER A 7 21.39 20.02 15.27
CA SER A 7 21.51 21.48 14.98
C SER A 7 22.35 21.68 13.72
N LYS A 8 21.94 22.60 12.85
CA LYS A 8 22.73 22.92 11.63
C LYS A 8 23.90 23.84 11.98
N GLU A 9 23.94 24.35 13.21
CA GLU A 9 25.06 25.25 13.59
C GLU A 9 26.33 24.41 13.79
N VAL A 10 27.45 24.89 13.26
CA VAL A 10 28.75 24.19 13.44
C VAL A 10 29.32 24.62 14.79
N ALA A 11 29.39 23.69 15.75
CA ALA A 11 29.92 24.01 17.10
C ALA A 11 31.43 24.31 17.04
N GLU A 12 31.96 24.94 18.08
CA GLU A 12 33.42 25.26 18.10
C GLU A 12 34.25 23.98 17.99
N ASP A 13 33.74 22.86 18.51
CA ASP A 13 34.51 21.58 18.49
C ASP A 13 34.13 20.74 17.27
N GLU A 14 33.48 21.34 16.26
CA GLU A 14 33.10 20.58 15.02
C GLU A 14 33.90 21.10 13.82
N ALA A 15 33.98 20.30 12.77
CA ALA A 15 34.66 20.68 11.52
C ALA A 15 33.59 20.81 10.44
N GLU A 16 33.93 21.39 9.29
CA GLU A 16 32.93 21.64 8.24
C GLU A 16 33.59 21.48 6.87
N VAL A 17 32.96 20.69 6.02
CA VAL A 17 33.46 20.49 4.63
C VAL A 17 32.30 20.69 3.66
N ILE A 18 32.66 20.90 2.39
CA ILE A 18 31.64 20.98 1.31
C ILE A 18 32.11 20.01 0.24
N LEU A 19 31.29 19.00 -0.06
CA LEU A 19 31.57 18.11 -1.21
C LEU A 19 31.10 18.87 -2.45
N HIS A 20 32.03 19.24 -3.32
CA HIS A 20 31.67 19.93 -4.58
C HIS A 20 31.45 18.82 -5.62
N THR A 21 30.20 18.38 -5.78
CA THR A 21 29.90 17.26 -6.72
C THR A 21 29.39 17.79 -8.05
N SER A 22 29.41 16.94 -9.08
CA SER A 22 28.91 17.33 -10.41
C SER A 22 27.40 17.60 -10.35
N GLN A 23 26.74 17.21 -9.25
CA GLN A 23 25.27 17.42 -9.09
C GLN A 23 24.97 18.57 -8.10
N GLY A 24 26.02 19.19 -7.56
CA GLY A 24 25.84 20.29 -6.60
C GLY A 24 26.67 20.08 -5.35
N ASP A 25 26.53 21.02 -4.42
CA ASP A 25 27.34 21.05 -3.17
C ASP A 25 26.59 20.41 -1.99
N ILE A 26 27.31 19.59 -1.23
CA ILE A 26 26.76 19.00 0.01
C ILE A 26 27.61 19.56 1.16
N ARG A 27 26.98 20.32 2.05
CA ARG A 27 27.66 20.95 3.21
C ARG A 27 27.53 19.99 4.39
N ILE A 28 28.66 19.58 4.96
CA ILE A 28 28.67 18.57 6.05
C ILE A 28 29.47 19.05 7.27
N LYS A 29 28.89 18.86 8.44
CA LYS A 29 29.69 19.14 9.65
C LYS A 29 30.16 17.79 10.17
N LEU A 30 31.36 17.79 10.75
CA LEU A 30 31.99 16.53 11.22
C LEU A 30 32.14 16.57 12.74
N PHE A 31 32.25 15.39 13.37
CA PHE A 31 32.30 15.25 14.85
C PHE A 31 33.63 14.63 15.30
N PRO A 32 34.76 15.36 15.19
CA PRO A 32 36.06 14.83 15.57
C PRO A 32 36.18 14.42 17.05
N LYS A 33 35.38 15.00 17.93
CA LYS A 33 35.46 14.65 19.37
C LYS A 33 34.81 13.29 19.62
N LEU A 34 33.89 12.86 18.74
CA LEU A 34 33.13 11.59 18.95
C LEU A 34 33.64 10.47 18.03
N ALA A 35 34.11 10.82 16.84
CA ALA A 35 34.63 9.83 15.87
C ALA A 35 35.96 10.35 15.34
N PRO A 36 36.97 10.49 16.23
CA PRO A 36 38.26 11.07 15.84
C PRO A 36 38.97 10.32 14.71
N LEU A 37 38.94 8.99 14.71
CA LEU A 37 39.64 8.29 13.61
C LEU A 37 38.92 8.51 12.28
N ALA A 38 37.60 8.35 12.28
CA ALA A 38 36.88 8.52 11.00
C ALA A 38 37.06 9.95 10.49
N VAL A 39 37.04 10.93 11.39
CA VAL A 39 37.15 12.35 10.91
C VAL A 39 38.58 12.65 10.45
N GLU A 40 39.60 12.17 11.19
CA GLU A 40 41.00 12.43 10.75
C GLU A 40 41.22 11.76 9.39
N ASN A 41 40.78 10.51 9.27
CA ASN A 41 40.96 9.74 8.00
C ASN A 41 40.30 10.50 6.84
N PHE A 42 39.07 10.95 7.05
CA PHE A 42 38.30 11.68 6.03
C PHE A 42 38.94 13.04 5.68
N LEU A 43 39.29 13.84 6.69
CA LEU A 43 39.88 15.18 6.43
C LEU A 43 41.24 15.04 5.76
N THR A 44 42.06 14.08 6.22
CA THR A 44 43.40 13.92 5.60
C THR A 44 43.22 13.45 4.16
N HIS A 45 42.41 12.42 3.92
CA HIS A 45 42.17 11.96 2.52
C HIS A 45 41.66 13.13 1.68
N ALA A 46 40.73 13.91 2.22
CA ALA A 46 40.15 15.05 1.47
C ALA A 46 41.26 16.03 1.06
N LYS A 47 42.09 16.43 2.01
CA LYS A 47 43.17 17.43 1.76
C LYS A 47 44.26 16.82 0.87
N GLU A 48 44.43 15.50 0.92
CA GLU A 48 45.50 14.87 0.10
C GLU A 48 45.01 14.65 -1.33
N GLY A 49 43.74 14.93 -1.61
CA GLY A 49 43.15 14.76 -2.95
C GLY A 49 42.70 13.34 -3.23
N TYR A 50 42.63 12.52 -2.20
CA TYR A 50 42.28 11.08 -2.36
C TYR A 50 40.87 10.90 -2.97
N TYR A 51 39.95 11.83 -2.71
CA TYR A 51 38.56 11.69 -3.22
C TYR A 51 38.32 12.52 -4.51
N ASN A 52 39.35 13.21 -5.02
CA ASN A 52 39.15 14.05 -6.23
C ASN A 52 38.85 13.13 -7.42
N GLY A 53 37.66 13.27 -8.02
CA GLY A 53 37.31 12.43 -9.18
C GLY A 53 36.63 11.13 -8.77
N ILE A 54 36.48 10.88 -7.46
CA ILE A 54 35.80 9.64 -6.98
C ILE A 54 34.29 9.78 -7.25
N THR A 55 33.64 8.65 -7.55
CA THR A 55 32.22 8.70 -7.94
C THR A 55 31.29 8.19 -6.83
N PHE A 56 30.03 8.59 -6.92
CA PHE A 56 28.96 7.94 -6.11
C PHE A 56 28.64 6.68 -6.92
N HIS A 57 29.22 5.54 -6.52
CA HIS A 57 29.16 4.31 -7.35
C HIS A 57 27.92 3.46 -7.07
N ARG A 58 27.18 3.77 -6.00
CA ARG A 58 25.97 2.97 -5.68
C ARG A 58 24.95 3.90 -5.02
N VAL A 59 23.77 4.00 -5.65
CA VAL A 59 22.68 4.88 -5.17
C VAL A 59 21.38 4.07 -5.06
N ILE A 60 20.71 4.20 -3.91
CA ILE A 60 19.41 3.51 -3.64
C ILE A 60 18.46 4.55 -3.06
N ASP A 61 17.52 5.03 -3.86
CA ASP A 61 16.54 6.02 -3.38
C ASP A 61 15.79 5.40 -2.21
N GLY A 62 15.63 6.17 -1.13
CA GLY A 62 14.92 5.70 0.07
C GLY A 62 15.87 4.98 1.01
N PHE A 63 17.15 4.92 0.66
CA PHE A 63 18.11 4.19 1.51
C PHE A 63 19.35 5.03 1.74
N VAL A 65 23.24 6.77 -0.49
CA VAL A 65 24.14 6.92 -1.61
C VAL A 65 25.56 6.65 -1.07
N GLN A 66 26.36 5.83 -1.75
CA GLN A 66 27.71 5.57 -1.20
C GLN A 66 28.80 5.97 -2.21
N THR A 67 29.97 6.25 -1.65
CA THR A 67 31.11 6.82 -2.42
C THR A 67 32.41 6.49 -1.69
N GLY A 68 33.48 7.18 -2.07
CA GLY A 68 34.78 7.05 -1.39
C GLY A 68 35.61 5.88 -1.86
N ASP A 69 35.22 5.20 -2.95
CA ASP A 69 35.99 4.04 -3.45
C ASP A 69 36.77 4.39 -4.71
N PRO A 70 38.12 4.47 -4.67
CA PRO A 70 38.92 4.74 -5.88
C PRO A 70 38.64 3.72 -7.00
N LYS A 71 38.28 2.48 -6.65
CA LYS A 71 38.00 1.44 -7.69
C LYS A 71 36.60 1.63 -8.29
N GLY A 72 35.69 2.34 -7.63
CA GLY A 72 34.36 2.60 -8.22
C GLY A 72 33.43 1.40 -8.24
N ASP A 73 33.66 0.37 -7.44
CA ASP A 73 32.74 -0.80 -7.45
C ASP A 73 32.42 -1.23 -6.01
N GLY A 74 32.94 -0.52 -5.02
CA GLY A 74 32.64 -0.84 -3.62
C GLY A 74 33.64 -1.82 -3.02
N THR A 75 34.71 -2.15 -3.74
CA THR A 75 35.70 -3.13 -3.21
C THR A 75 37.03 -2.45 -2.83
N GLY A 76 37.17 -1.15 -3.02
CA GLY A 76 38.51 -0.58 -2.76
C GLY A 76 38.58 0.47 -1.67
N GLY A 77 39.72 1.17 -1.64
CA GLY A 77 39.96 2.24 -0.66
C GLY A 77 40.75 1.72 0.53
N GLN A 78 41.55 2.60 1.12
CA GLN A 78 42.35 2.25 2.31
C GLN A 78 42.30 3.42 3.31
N SER A 79 42.55 3.16 4.59
CA SER A 79 42.64 4.28 5.56
C SER A 79 44.01 4.94 5.39
N ILE A 80 44.18 6.14 5.96
CA ILE A 80 45.48 6.87 5.92
C ILE A 80 46.53 6.14 6.78
N TRP A 81 46.14 5.10 7.52
CA TRP A 81 47.12 4.39 8.39
C TRP A 81 47.50 3.03 7.80
N HIS A 82 46.90 2.66 6.67
CA HIS A 82 47.20 1.33 6.06
C HIS A 82 48.70 1.19 5.79
N ASP A 83 49.32 0.14 6.34
CA ASP A 83 50.78 -0.13 6.22
C ASP A 83 51.61 1.04 6.77
N LYS A 84 51.11 1.74 7.79
CA LYS A 84 51.84 2.88 8.40
C LYS A 84 51.77 2.78 9.93
N ASP A 85 50.58 2.48 10.46
CA ASP A 85 50.40 2.40 11.93
C ASP A 85 49.41 1.25 12.23
N LYS A 86 49.96 0.09 12.62
CA LYS A 86 49.15 -1.12 12.94
C LYS A 86 48.31 -0.90 14.21
N THR A 87 48.61 0.13 15.01
CA THR A 87 47.76 0.37 16.22
C THR A 87 46.43 0.98 15.76
N LYS A 88 46.32 1.37 14.48
CA LYS A 88 45.08 2.01 13.97
C LYS A 88 44.47 1.19 12.83
N ASP A 89 45.32 0.61 11.97
CA ASP A 89 44.88 -0.19 10.81
C ASP A 89 45.68 -1.49 10.82
N LYS A 90 45.04 -2.59 11.24
CA LYS A 90 45.72 -3.92 11.34
C LYS A 90 45.84 -4.56 9.95
N GLY A 91 45.36 -3.90 8.89
CA GLY A 91 45.48 -4.44 7.52
C GLY A 91 44.20 -4.30 6.69
N THR A 92 43.03 -4.23 7.33
CA THR A 92 41.75 -4.16 6.57
C THR A 92 41.01 -2.86 6.87
N GLY A 93 41.59 -2.00 7.72
CA GLY A 93 40.94 -0.73 8.06
C GLY A 93 40.98 -0.42 9.56
N PHE A 94 40.31 0.65 9.96
CA PHE A 94 40.30 1.06 11.39
C PHE A 94 38.98 0.63 12.04
N LYS A 95 38.97 0.69 13.38
CA LYS A 95 37.83 0.21 14.19
C LYS A 95 36.62 1.12 14.08
N ASN A 96 35.45 0.52 14.32
CA ASN A 96 34.16 1.24 14.39
C ASN A 96 34.16 2.08 15.66
N GLU A 97 33.81 3.35 15.54
CA GLU A 97 33.67 4.26 16.70
C GLU A 97 32.17 4.47 16.87
N ILE A 98 31.54 3.63 17.69
CA ILE A 98 30.07 3.73 17.93
C ILE A 98 29.89 4.58 19.19
N THR A 99 28.94 5.49 19.18
CA THR A 99 28.66 6.37 20.35
C THR A 99 27.15 6.50 20.48
N PRO A 100 26.61 6.63 21.72
CA PRO A 100 25.18 6.87 21.90
C PRO A 100 24.79 8.31 21.54
N TYR A 101 25.73 9.10 21.01
CA TYR A 101 25.41 10.50 20.64
C TYR A 101 25.24 10.66 19.12
N LEU A 102 25.55 9.63 18.32
CA LEU A 102 25.41 9.74 16.84
C LEU A 102 24.62 8.57 16.27
N TYR A 103 23.71 8.87 15.34
CA TYR A 103 22.81 7.85 14.72
C TYR A 103 22.72 8.02 13.21
N ASN A 104 22.31 6.93 12.54
CA ASN A 104 22.13 6.89 11.06
C ASN A 104 20.79 7.54 10.67
N ILE A 105 20.53 8.74 11.20
CA ILE A 105 19.32 9.48 10.76
C ILE A 105 19.55 9.99 9.33
N ARG A 106 18.49 10.44 8.69
CA ARG A 106 18.60 11.07 7.33
C ARG A 106 19.69 12.15 7.40
N GLY A 107 20.60 12.18 6.42
CA GLY A 107 21.64 13.22 6.42
C GLY A 107 22.92 12.80 7.13
N ALA A 108 22.89 11.70 7.87
CA ALA A 108 24.09 11.24 8.61
C ALA A 108 25.13 10.67 7.65
N LEU A 109 26.39 11.07 7.84
CA LEU A 109 27.55 10.58 7.10
C LEU A 109 28.18 9.44 7.94
N ALA A 110 28.36 8.27 7.36
CA ALA A 110 28.93 7.11 8.10
C ALA A 110 29.90 6.34 7.21
N ALA A 112 31.30 2.95 5.45
CA ALA A 112 30.68 1.74 4.91
C ALA A 112 31.21 0.47 5.62
N ASN A 113 32.43 0.05 5.29
CA ASN A 113 33.10 -1.14 5.89
C ASN A 113 32.45 -2.42 5.34
N THR A 114 32.99 -3.58 5.68
CA THR A 114 32.49 -4.86 5.11
C THR A 114 31.50 -5.54 6.06
N GLY A 115 31.20 -4.93 7.21
CA GLY A 115 30.32 -5.59 8.20
C GLY A 115 31.14 -6.36 9.20
N GLN A 116 32.45 -6.48 8.96
CA GLN A 116 33.35 -7.15 9.93
C GLN A 116 34.12 -6.08 10.70
N PRO A 117 34.67 -6.43 11.87
CA PRO A 117 35.43 -5.46 12.68
C PRO A 117 36.70 -4.96 11.98
N ASN A 118 37.04 -3.69 12.23
CA ASN A 118 38.29 -3.08 11.73
C ASN A 118 38.34 -3.10 10.20
N THR A 119 37.24 -2.73 9.54
CA THR A 119 37.23 -2.72 8.04
C THR A 119 36.84 -1.33 7.51
N ASN A 120 36.95 -0.28 8.32
CA ASN A 120 36.71 1.10 7.83
C ASN A 120 37.93 1.55 7.02
N GLY A 121 37.77 1.88 5.74
CA GLY A 121 38.92 2.29 4.90
C GLY A 121 38.74 3.71 4.43
N SER A 122 38.14 3.89 3.26
CA SER A 122 37.91 5.26 2.72
C SER A 122 36.45 5.42 2.31
N GLN A 123 35.72 4.31 2.13
CA GLN A 123 34.32 4.38 1.65
C GLN A 123 33.37 4.86 2.74
N PHE A 124 32.44 5.72 2.33
CA PHE A 124 31.44 6.32 3.24
C PHE A 124 30.12 6.44 2.50
N PHE A 125 29.04 6.62 3.26
CA PHE A 125 27.70 6.77 2.65
C PHE A 125 26.94 7.86 3.39
N ILE A 126 25.91 8.39 2.72
CA ILE A 126 25.01 9.39 3.33
C ILE A 126 23.62 8.74 3.41
N ASN A 127 23.07 8.69 4.63
CA ASN A 127 21.71 8.14 4.86
C ASN A 127 20.73 9.06 4.14
N GLN A 128 19.85 8.50 3.31
CA GLN A 128 18.95 9.37 2.49
C GLN A 128 17.48 8.98 2.68
N ASN A 129 17.23 7.87 3.37
CA ASN A 129 15.84 7.43 3.69
C ASN A 129 15.03 8.59 4.29
N SER A 130 13.76 8.71 3.89
CA SER A 130 12.85 9.79 4.39
C SER A 130 11.53 9.19 4.91
N THR A 131 11.53 7.92 5.33
CA THR A 131 10.27 7.29 5.86
C THR A 131 10.31 7.23 7.39
N ASP A 132 9.16 7.38 8.03
CA ASP A 132 9.05 7.31 9.51
C ASP A 132 8.87 5.86 9.97
N THR A 133 9.93 5.21 10.46
CA THR A 133 9.83 3.84 11.06
C THR A 133 10.15 3.95 12.56
N SER A 134 9.99 5.15 13.13
CA SER A 134 10.38 5.44 14.54
C SER A 134 9.54 4.66 15.56
N SER A 135 8.35 4.21 15.20
CA SER A 135 7.47 3.49 16.16
C SER A 135 8.06 2.11 16.51
N LYS A 136 9.03 1.60 15.73
CA LYS A 136 9.63 0.26 16.00
C LYS A 136 10.88 0.40 16.88
N LEU A 137 11.40 1.61 17.09
CA LEU A 137 12.67 1.81 17.84
C LEU A 137 12.48 1.51 19.33
N PRO A 138 13.29 0.62 19.95
CA PRO A 138 13.19 0.36 21.39
C PRO A 138 13.53 1.63 22.18
N THR A 139 12.57 2.10 22.97
CA THR A 139 12.70 3.32 23.80
C THR A 139 13.75 3.12 24.88
N SER A 140 14.16 1.87 25.13
CA SER A 140 15.20 1.61 26.14
C SER A 140 16.59 1.82 25.51
N LYS A 141 16.66 1.92 24.19
CA LYS A 141 17.97 2.03 23.49
C LYS A 141 18.11 3.37 22.75
N TYR A 142 16.98 3.94 22.30
CA TYR A 142 17.02 5.21 21.55
C TYR A 142 16.49 6.35 22.41
N PRO A 143 17.31 7.41 22.62
CA PRO A 143 16.87 8.58 23.38
C PRO A 143 15.63 9.19 22.70
N GLN A 144 14.74 9.80 23.47
CA GLN A 144 13.47 10.31 22.90
C GLN A 144 13.74 11.36 21.80
N LYS A 145 14.78 12.19 21.93
CA LYS A 145 15.03 13.24 20.92
C LYS A 145 15.46 12.60 19.59
N ILE A 146 16.08 11.42 19.65
CA ILE A 146 16.58 10.71 18.44
C ILE A 146 15.39 10.00 17.79
N ILE A 147 14.50 9.45 18.62
CA ILE A 147 13.27 8.80 18.08
C ILE A 147 12.52 9.87 17.30
N GLU A 148 12.46 11.09 17.86
CA GLU A 148 11.77 12.23 17.17
C GLU A 148 12.53 12.53 15.88
N ALA A 149 13.85 12.60 15.93
CA ALA A 149 14.65 12.91 14.71
C ALA A 149 14.39 11.84 13.63
N TYR A 150 14.28 10.57 14.03
CA TYR A 150 14.07 9.48 13.05
C TYR A 150 12.72 9.61 12.32
N LYS A 151 11.80 10.42 12.83
CA LYS A 151 10.50 10.59 12.14
C LYS A 151 10.74 11.20 10.74
N GLU A 152 11.86 11.91 10.55
CA GLU A 152 12.17 12.52 9.23
C GLU A 152 12.90 11.50 8.35
N GLY A 153 13.20 10.32 8.89
CA GLY A 153 13.85 9.27 8.09
C GLY A 153 15.20 8.85 8.62
N GLY A 154 15.65 7.71 8.14
CA GLY A 154 16.95 7.15 8.56
C GLY A 154 16.98 5.65 8.42
N ASN A 155 18.14 5.08 8.71
CA ASN A 155 18.38 3.62 8.60
C ASN A 155 18.88 3.13 9.95
N PRO A 156 17.98 2.99 10.95
CA PRO A 156 18.39 2.62 12.31
C PRO A 156 19.04 1.23 12.36
N SER A 157 18.72 0.35 11.40
CA SER A 157 19.34 -1.00 11.39
C SER A 157 20.87 -0.86 11.18
N LEU A 158 21.34 0.30 10.73
CA LEU A 158 22.79 0.53 10.52
C LEU A 158 23.48 0.98 11.82
N ASP A 159 22.70 1.35 12.85
CA ASP A 159 23.31 1.84 14.12
C ASP A 159 24.10 0.71 14.78
N GLY A 160 25.32 1.00 15.24
CA GLY A 160 26.13 -0.05 15.88
C GLY A 160 27.01 -0.81 14.90
N LYS A 161 26.73 -0.74 13.59
CA LYS A 161 27.51 -1.48 12.56
C LYS A 161 28.29 -0.49 11.69
N HIS A 162 27.78 0.73 11.57
CA HIS A 162 28.42 1.75 10.70
C HIS A 162 28.64 3.00 11.53
N PRO A 163 29.91 3.38 11.77
CA PRO A 163 30.21 4.54 12.59
C PRO A 163 29.84 5.85 11.88
N VAL A 164 29.03 6.66 12.56
CA VAL A 164 28.62 8.01 12.07
C VAL A 164 29.72 9.01 12.40
N PHE A 165 30.04 9.94 11.50
CA PHE A 165 31.13 10.90 11.80
C PHE A 165 30.77 12.28 11.26
N GLY A 166 29.60 12.42 10.63
CA GLY A 166 29.20 13.73 10.12
C GLY A 166 27.71 13.83 9.88
N GLN A 167 27.28 15.05 9.53
CA GLN A 167 25.85 15.35 9.28
C GLN A 167 25.74 16.40 8.19
N VAL A 168 24.96 16.10 7.16
CA VAL A 168 24.67 17.07 6.09
C VAL A 168 23.86 18.22 6.71
N ILE A 169 24.31 19.45 6.49
CA ILE A 169 23.59 20.63 7.05
C ILE A 169 23.17 21.53 5.89
N GLY A 170 23.53 21.16 4.67
CA GLY A 170 23.18 21.91 3.47
C GLY A 170 23.29 21.03 2.26
N GLY A 171 22.35 21.15 1.33
CA GLY A 171 22.44 20.37 0.09
C GLY A 171 21.86 18.96 0.18
N ASP A 173 19.06 18.34 -0.75
CA ASP A 173 18.34 18.24 -2.00
C ASP A 173 19.26 17.66 -3.07
N VAL A 174 20.56 17.94 -2.96
CA VAL A 174 21.58 17.40 -3.91
C VAL A 174 21.70 15.90 -3.60
N VAL A 175 21.74 15.52 -2.33
CA VAL A 175 21.81 14.08 -1.95
C VAL A 175 20.59 13.34 -2.54
N ASP A 176 19.38 13.90 -2.42
CA ASP A 176 18.16 13.25 -2.97
C ASP A 176 18.27 13.16 -4.49
N LYS A 177 18.84 14.18 -5.13
CA LYS A 177 18.97 14.21 -6.62
C LYS A 177 19.91 13.07 -7.05
N ILE A 178 21.00 12.90 -6.31
CA ILE A 178 21.98 11.81 -6.57
C ILE A 178 21.30 10.45 -6.36
N ALA A 179 20.56 10.29 -5.26
CA ALA A 179 19.88 9.02 -4.93
C ALA A 179 18.91 8.60 -6.04
N LYS A 180 18.28 9.56 -6.74
CA LYS A 180 17.28 9.26 -7.80
C LYS A 180 17.92 9.27 -9.18
N ALA A 181 19.25 9.24 -9.30
CA ALA A 181 19.85 9.30 -10.65
C ALA A 181 19.54 8.02 -11.43
N GLU A 182 19.46 8.12 -12.75
CA GLU A 182 19.27 6.94 -13.63
C GLU A 182 20.44 6.00 -13.35
N LYS A 183 20.20 4.70 -13.26
CA LYS A 183 21.28 3.77 -12.84
C LYS A 183 21.10 2.40 -13.48
N ASP A 184 22.15 1.57 -13.43
CA ASP A 184 22.15 0.21 -14.05
C ASP A 184 21.67 -0.82 -13.01
N GLU A 185 21.71 -2.11 -13.36
CA GLU A 185 21.22 -3.20 -12.47
C GLU A 185 22.08 -3.30 -11.20
N LYS A 186 23.27 -2.69 -11.16
CA LYS A 186 24.12 -2.75 -9.94
C LYS A 186 23.96 -1.44 -9.15
N ASP A 187 22.99 -0.62 -9.55
CA ASP A 187 22.65 0.65 -8.85
C ASP A 187 23.78 1.67 -9.07
N LYS A 188 24.57 1.51 -10.13
CA LYS A 188 25.61 2.52 -10.45
C LYS A 188 25.02 3.53 -11.42
N PRO A 189 25.10 4.85 -11.13
CA PRO A 189 24.55 5.86 -12.03
C PRO A 189 25.07 5.69 -13.47
N THR A 190 24.16 5.89 -14.44
CA THR A 190 24.46 5.78 -15.90
C THR A 190 25.47 6.88 -16.26
N THR A 191 25.23 8.07 -15.74
CA THR A 191 26.13 9.23 -15.92
C THR A 191 26.89 9.43 -14.62
N ALA A 192 28.21 9.36 -14.67
CA ALA A 192 29.04 9.44 -13.46
C ALA A 192 28.70 10.68 -12.64
N ILE A 193 28.53 10.48 -11.34
CA ILE A 193 28.35 11.59 -10.37
C ILE A 193 29.66 11.63 -9.59
N THR A 194 30.41 12.73 -9.77
CA THR A 194 31.77 12.81 -9.20
C THR A 194 31.90 13.85 -8.08
N ILE A 195 32.80 13.56 -7.17
CA ILE A 195 33.26 14.56 -6.17
C ILE A 195 34.39 15.29 -6.90
N ASP A 196 34.16 16.54 -7.33
CA ASP A 196 35.20 17.26 -8.11
C ASP A 196 36.27 17.78 -7.15
N SER A 197 35.84 18.20 -5.96
CA SER A 197 36.78 18.72 -4.93
C SER A 197 36.05 18.70 -3.61
N ILE A 198 36.81 18.76 -2.53
CA ILE A 198 36.24 18.89 -1.16
C ILE A 198 36.85 20.15 -0.56
N GLU A 199 35.99 21.09 -0.22
CA GLU A 199 36.46 22.34 0.39
C GLU A 199 36.46 22.15 1.92
N VAL A 200 37.60 22.37 2.57
CA VAL A 200 37.61 22.29 4.06
C VAL A 200 37.34 23.73 4.55
N VAL A 201 36.09 23.99 4.93
CA VAL A 201 35.64 25.34 5.41
C VAL A 201 36.20 25.57 6.82
N LYS A 202 36.09 24.56 7.68
CA LYS A 202 36.64 24.64 9.05
C LYS A 202 37.40 23.34 9.32
N ASP A 203 38.71 23.44 9.43
CA ASP A 203 39.51 22.21 9.62
C ASP A 203 39.53 21.87 11.12
N TYR A 204 40.21 20.79 11.46
CA TYR A 204 40.35 20.41 12.89
C TYR A 204 41.77 19.92 13.08
N ASP A 205 42.44 20.44 14.10
CA ASP A 205 43.84 20.04 14.40
C ASP A 205 43.77 18.96 15.49
N PHE A 206 44.18 17.73 15.17
CA PHE A 206 44.05 16.62 16.15
C PHE A 206 45.11 16.73 17.26
N LYS A 207 45.99 17.74 17.20
CA LYS A 207 46.97 17.94 18.31
C LYS A 207 46.49 19.07 19.22
N SER A 208 45.34 19.69 18.90
CA SER A 208 44.82 20.80 19.73
C SER A 208 44.33 20.28 21.08
N GLU A 209 44.69 20.98 22.15
CA GLU A 209 44.25 20.65 23.53
C GLU A 209 43.36 21.78 24.04
N ASN A 210 42.85 22.60 23.12
CA ASN A 210 41.97 23.74 23.52
C ASN A 210 40.68 23.19 24.14
N LEU A 211 40.25 23.77 25.26
CA LEU A 211 38.93 23.39 25.84
C LEU A 211 37.91 24.42 25.34
N TYR A 212 36.72 23.96 24.97
CA TYR A 212 35.64 24.86 24.49
C TYR A 212 34.47 24.81 25.49
N PHE A 213 33.93 25.97 25.86
CA PHE A 213 32.79 26.03 26.81
C PHE A 213 31.56 25.43 26.15
N GLN A 214 30.95 24.43 26.78
CA GLN A 214 29.75 23.74 26.22
C GLN A 214 28.49 24.43 26.78
N ASN B 2 -3.32 5.75 -23.64
CA ASN B 2 -3.58 6.85 -22.74
C ASN B 2 -3.89 6.28 -21.36
N PHE B 3 -3.12 6.70 -20.34
CA PHE B 3 -3.30 6.19 -18.96
C PHE B 3 -4.04 7.27 -18.16
N PRO B 4 -5.32 7.03 -17.80
CA PRO B 4 -6.13 8.04 -17.14
C PRO B 4 -5.58 8.53 -15.78
N GLN B 5 -4.68 7.78 -15.15
CA GLN B 5 -4.11 8.27 -13.86
C GLN B 5 -3.13 9.42 -14.11
N LEU B 6 -2.58 9.55 -15.32
CA LEU B 6 -1.52 10.58 -15.60
C LEU B 6 -2.11 11.94 -15.98
N SER B 7 -3.44 12.07 -15.88
CA SER B 7 -4.17 13.33 -16.18
C SER B 7 -4.92 13.77 -14.90
N LYS B 8 -4.68 14.99 -14.41
CA LYS B 8 -5.40 15.46 -13.19
C LYS B 8 -6.85 15.85 -13.51
N GLU B 9 -7.11 16.25 -14.76
CA GLU B 9 -8.49 16.64 -15.15
C GLU B 9 -9.44 15.44 -15.00
N VAL B 10 -10.63 15.70 -14.49
CA VAL B 10 -11.67 14.64 -14.37
C VAL B 10 -12.31 14.50 -15.75
N ALA B 11 -12.03 13.38 -16.43
CA ALA B 11 -12.56 13.15 -17.80
C ALA B 11 -14.09 13.05 -17.78
N GLU B 12 -14.70 13.17 -18.95
CA GLU B 12 -16.19 13.10 -19.08
C GLU B 12 -16.70 11.77 -18.52
N ASP B 13 -15.92 10.69 -18.68
CA ASP B 13 -16.33 9.32 -18.25
C ASP B 13 -15.78 8.97 -16.86
N GLU B 14 -15.28 9.94 -16.11
CA GLU B 14 -14.73 9.65 -14.75
C GLU B 14 -15.67 10.25 -13.69
N ALA B 15 -15.61 9.70 -12.49
CA ALA B 15 -16.41 10.21 -11.36
C ALA B 15 -15.45 10.89 -10.40
N GLU B 16 -15.97 11.50 -9.34
CA GLU B 16 -15.10 12.27 -8.42
C GLU B 16 -15.76 12.36 -7.06
N VAL B 17 -14.97 12.10 -6.02
CA VAL B 17 -15.46 12.16 -4.62
C VAL B 17 -14.43 12.90 -3.78
N ILE B 18 -14.87 13.32 -2.61
CA ILE B 18 -13.95 13.91 -1.61
C ILE B 18 -14.14 13.10 -0.33
N LEU B 19 -13.07 12.43 0.11
CA LEU B 19 -13.12 11.76 1.43
C LEU B 19 -12.90 12.88 2.45
N HIS B 20 -13.90 13.16 3.27
CA HIS B 20 -13.76 14.18 4.34
C HIS B 20 -13.26 13.46 5.59
N THR B 21 -11.94 13.44 5.81
CA THR B 21 -11.39 12.70 6.97
C THR B 21 -11.17 13.65 8.15
N SER B 22 -10.99 13.07 9.33
CA SER B 22 -10.71 13.85 10.55
C SER B 22 -9.35 14.58 10.44
N GLN B 23 -8.56 14.28 9.41
CA GLN B 23 -7.22 14.90 9.20
C GLN B 23 -7.23 15.79 7.95
N GLY B 24 -8.36 15.90 7.25
CA GLY B 24 -8.39 16.74 6.03
C GLY B 24 -9.10 16.05 4.88
N ASP B 25 -9.19 16.75 3.75
CA ASP B 25 -9.92 16.26 2.56
C ASP B 25 -8.97 15.59 1.56
N ILE B 26 -9.45 14.49 0.99
CA ILE B 26 -8.71 13.75 -0.08
C ILE B 26 -9.64 13.74 -1.30
N ARG B 27 -9.24 14.41 -2.37
N ARG B 27 -9.23 14.40 -2.38
CA ARG B 27 -10.08 14.46 -3.60
CA ARG B 27 -10.05 14.49 -3.62
C ARG B 27 -9.62 13.34 -4.52
C ARG B 27 -9.61 13.36 -4.55
N ILE B 28 -10.56 12.51 -4.96
CA ILE B 28 -10.21 11.33 -5.80
C ILE B 28 -11.06 11.24 -7.06
N LYS B 29 -10.43 10.99 -8.21
CA LYS B 29 -11.23 10.71 -9.42
C LYS B 29 -11.34 9.19 -9.52
N LEU B 30 -12.49 8.70 -10.00
CA LEU B 30 -12.74 7.23 -10.12
C LEU B 30 -12.84 6.85 -11.59
N PHE B 31 -12.62 5.56 -11.89
CA PHE B 31 -12.61 5.06 -13.28
C PHE B 31 -13.72 4.03 -13.50
N PRO B 32 -15.01 4.46 -13.56
CA PRO B 32 -16.14 3.54 -13.75
C PRO B 32 -16.08 2.74 -15.06
N LYS B 33 -15.40 3.27 -16.08
CA LYS B 33 -15.29 2.56 -17.38
C LYS B 33 -14.39 1.34 -17.24
N LEU B 34 -13.33 1.44 -16.42
CA LEU B 34 -12.32 0.36 -16.31
C LEU B 34 -12.58 -0.55 -15.12
N ALA B 35 -13.20 -0.05 -14.04
CA ALA B 35 -13.48 -0.89 -12.85
C ALA B 35 -14.90 -0.62 -12.40
N PRO B 36 -15.90 -0.98 -13.22
CA PRO B 36 -17.29 -0.67 -12.91
C PRO B 36 -17.82 -1.32 -11.63
N LEU B 37 -17.39 -2.54 -11.31
CA LEU B 37 -17.88 -3.16 -10.04
C LEU B 37 -17.32 -2.39 -8.85
N ALA B 38 -16.00 -2.20 -8.82
CA ALA B 38 -15.37 -1.46 -7.71
C ALA B 38 -15.95 -0.05 -7.60
N VAL B 39 -16.18 0.62 -8.73
CA VAL B 39 -16.67 2.03 -8.61
C VAL B 39 -18.14 2.05 -8.18
N GLU B 40 -18.97 1.12 -8.69
CA GLU B 40 -20.40 1.16 -8.25
C GLU B 40 -20.47 0.78 -6.77
N ASN B 41 -19.68 -0.22 -6.38
CA ASN B 41 -19.65 -0.69 -4.99
C ASN B 41 -19.25 0.49 -4.09
N PHE B 42 -18.17 1.18 -4.46
CA PHE B 42 -17.66 2.32 -3.65
C PHE B 42 -18.69 3.47 -3.60
N LEU B 43 -19.19 3.90 -4.76
CA LEU B 43 -20.14 5.03 -4.81
C LEU B 43 -21.45 4.73 -4.06
N THR B 44 -21.99 3.51 -4.18
CA THR B 44 -23.24 3.16 -3.46
C THR B 44 -22.97 3.16 -1.95
N HIS B 45 -21.91 2.46 -1.50
CA HIS B 45 -21.58 2.52 -0.05
C HIS B 45 -21.39 3.98 0.39
N ALA B 46 -20.72 4.79 -0.43
CA ALA B 46 -20.42 6.19 -0.02
C ALA B 46 -21.73 6.94 0.18
N LYS B 47 -22.64 6.87 -0.79
CA LYS B 47 -23.93 7.59 -0.69
C LYS B 47 -24.81 7.06 0.45
N GLU B 48 -24.73 5.77 0.78
CA GLU B 48 -25.57 5.17 1.87
C GLU B 48 -24.94 5.40 3.25
N GLY B 49 -23.77 6.06 3.32
CA GLY B 49 -23.14 6.38 4.61
C GLY B 49 -22.40 5.20 5.22
N TYR B 50 -22.13 4.18 4.42
CA TYR B 50 -21.47 2.95 4.91
C TYR B 50 -20.07 3.26 5.47
N TYR B 51 -19.35 4.18 4.83
CA TYR B 51 -17.97 4.46 5.32
C TYR B 51 -17.94 5.53 6.41
N ASN B 52 -19.08 6.14 6.73
CA ASN B 52 -19.08 7.22 7.77
C ASN B 52 -18.67 6.63 9.11
N GLY B 53 -17.61 7.15 9.71
CA GLY B 53 -17.12 6.70 11.03
C GLY B 53 -16.11 5.58 10.90
N ILE B 54 -15.88 5.07 9.69
CA ILE B 54 -14.88 3.98 9.53
C ILE B 54 -13.48 4.58 9.66
N THR B 55 -12.54 3.81 10.23
CA THR B 55 -11.19 4.34 10.48
C THR B 55 -10.15 3.87 9.45
N PHE B 56 -9.01 4.58 9.42
CA PHE B 56 -7.82 4.12 8.68
C PHE B 56 -7.15 3.24 9.73
N HIS B 57 -7.39 1.94 9.66
CA HIS B 57 -6.97 1.05 10.78
C HIS B 57 -5.53 0.57 10.63
N ARG B 58 -4.91 0.79 9.47
CA ARG B 58 -3.52 0.30 9.27
C ARG B 58 -2.80 1.31 8.39
N VAL B 59 -1.72 1.90 8.92
CA VAL B 59 -0.97 2.90 8.14
C VAL B 59 0.52 2.54 8.17
N ILE B 60 1.17 2.59 7.00
CA ILE B 60 2.61 2.26 6.85
C ILE B 60 3.25 3.35 5.97
N ASP B 61 3.99 4.26 6.59
CA ASP B 61 4.66 5.35 5.84
C ASP B 61 5.61 4.72 4.82
N GLY B 62 5.53 5.18 3.58
CA GLY B 62 6.36 4.66 2.49
C GLY B 62 5.69 3.50 1.79
N PHE B 63 4.49 3.12 2.22
CA PHE B 63 3.77 1.99 1.58
C PHE B 63 2.35 2.40 1.23
N VAL B 65 -1.95 3.37 3.14
CA VAL B 65 -2.89 3.53 4.24
C VAL B 65 -4.17 2.80 3.82
N GLN B 66 -4.75 2.00 4.72
CA GLN B 66 -5.97 1.26 4.33
C GLN B 66 -7.09 1.52 5.34
N THR B 67 -8.30 1.34 4.84
CA THR B 67 -9.54 1.67 5.57
C THR B 67 -10.69 0.86 4.96
N GLY B 68 -11.91 1.31 5.24
CA GLY B 68 -13.15 0.73 4.71
C GLY B 68 -13.62 -0.51 5.45
N ASP B 69 -13.08 -0.77 6.65
CA ASP B 69 -13.50 -1.97 7.39
C ASP B 69 -14.34 -1.58 8.60
N PRO B 70 -15.64 -1.94 8.66
CA PRO B 70 -16.46 -1.65 9.84
C PRO B 70 -15.91 -2.24 11.14
N LYS B 71 -15.21 -3.37 11.06
N LYS B 71 -15.22 -3.37 11.06
CA LYS B 71 -14.66 -4.03 12.28
CA LYS B 71 -14.66 -4.04 12.27
C LYS B 71 -13.35 -3.38 12.70
C LYS B 71 -13.38 -3.33 12.72
N GLY B 72 -12.80 -2.48 11.87
CA GLY B 72 -11.55 -1.76 12.17
C GLY B 72 -10.34 -2.67 12.39
N ASP B 73 -10.28 -3.86 11.79
CA ASP B 73 -9.09 -4.71 12.09
C ASP B 73 -8.60 -5.44 10.83
N GLY B 74 -9.21 -5.14 9.68
CA GLY B 74 -8.83 -5.74 8.38
C GLY B 74 -9.58 -7.01 8.08
N THR B 75 -10.54 -7.41 8.92
CA THR B 75 -11.22 -8.72 8.63
C THR B 75 -12.67 -8.55 8.21
N GLY B 76 -13.20 -7.33 8.15
CA GLY B 76 -14.65 -7.20 7.87
C GLY B 76 -14.99 -6.49 6.58
N GLY B 77 -16.26 -6.05 6.46
CA GLY B 77 -16.69 -5.33 5.24
C GLY B 77 -17.34 -6.25 4.21
N GLN B 78 -18.32 -5.72 3.50
CA GLN B 78 -19.01 -6.54 2.45
C GLN B 78 -19.27 -5.66 1.24
N SER B 79 -19.42 -6.28 0.07
CA SER B 79 -19.80 -5.52 -1.13
C SER B 79 -21.30 -5.24 -1.04
N ILE B 80 -21.79 -4.35 -1.90
CA ILE B 80 -23.25 -4.03 -1.94
C ILE B 80 -24.03 -5.21 -2.52
N TRP B 81 -23.35 -6.21 -3.07
CA TRP B 81 -24.06 -7.35 -3.69
C TRP B 81 -24.07 -8.57 -2.77
N HIS B 82 -23.41 -8.48 -1.60
CA HIS B 82 -23.35 -9.64 -0.68
C HIS B 82 -24.77 -10.10 -0.33
N ASP B 83 -25.06 -11.40 -0.54
CA ASP B 83 -26.39 -12.00 -0.24
C ASP B 83 -27.50 -11.29 -1.04
N LYS B 84 -27.21 -10.83 -2.26
CA LYS B 84 -28.25 -10.15 -3.08
C LYS B 84 -28.07 -10.50 -4.55
N ASP B 85 -26.82 -10.62 -5.03
CA ASP B 85 -26.61 -10.98 -6.46
C ASP B 85 -25.37 -11.89 -6.55
N LYS B 86 -25.61 -13.21 -6.51
CA LYS B 86 -24.56 -14.26 -6.59
C LYS B 86 -23.73 -14.18 -7.87
N THR B 87 -24.19 -13.46 -8.89
CA THR B 87 -23.37 -13.38 -10.13
C THR B 87 -22.26 -12.34 -9.93
N LYS B 88 -22.39 -11.50 -8.90
CA LYS B 88 -21.36 -10.47 -8.62
C LYS B 88 -20.63 -10.78 -7.33
N ASP B 89 -21.34 -11.28 -6.31
CA ASP B 89 -20.72 -11.62 -5.00
C ASP B 89 -21.19 -13.03 -4.60
N LYS B 90 -20.30 -14.02 -4.74
CA LYS B 90 -20.59 -15.44 -4.41
C LYS B 90 -20.56 -15.66 -2.89
N GLY B 91 -20.18 -14.65 -2.10
CA GLY B 91 -20.18 -14.80 -0.62
C GLY B 91 -18.97 -14.15 0.04
N THR B 92 -17.83 -14.06 -0.67
CA THR B 92 -16.60 -13.47 -0.08
C THR B 92 -16.23 -12.16 -0.79
N GLY B 93 -17.05 -11.71 -1.75
CA GLY B 93 -16.77 -10.44 -2.46
C GLY B 93 -16.86 -10.59 -3.97
N PHE B 94 -16.52 -9.50 -4.67
CA PHE B 94 -16.61 -9.46 -6.16
C PHE B 94 -15.20 -9.62 -6.75
N LYS B 95 -15.15 -9.88 -8.06
CA LYS B 95 -13.90 -10.22 -8.77
C LYS B 95 -12.98 -9.00 -8.96
N ASN B 96 -11.71 -9.30 -9.14
CA ASN B 96 -10.68 -8.28 -9.44
C ASN B 96 -10.86 -7.81 -10.88
N GLU B 97 -10.85 -6.50 -11.08
CA GLU B 97 -10.93 -5.91 -12.44
C GLU B 97 -9.53 -5.39 -12.73
N ILE B 98 -8.68 -6.23 -13.30
CA ILE B 98 -7.29 -5.81 -13.62
C ILE B 98 -7.27 -5.39 -15.07
N THR B 99 -6.69 -4.23 -15.35
CA THR B 99 -6.63 -3.68 -16.72
C THR B 99 -5.19 -3.24 -16.99
N PRO B 100 -4.70 -3.27 -18.24
CA PRO B 100 -3.36 -2.76 -18.54
C PRO B 100 -3.31 -1.22 -18.50
N TYR B 101 -4.40 -0.56 -18.08
CA TYR B 101 -4.45 0.92 -18.07
C TYR B 101 -4.31 1.51 -16.65
N LEU B 102 -4.45 0.70 -15.60
CA LEU B 102 -4.36 1.23 -14.19
C LEU B 102 -3.30 0.48 -13.38
N TYR B 103 -2.59 1.22 -12.52
CA TYR B 103 -1.45 0.68 -11.75
C TYR B 103 -1.40 1.31 -10.36
N ASN B 104 -0.74 0.59 -9.45
CA ASN B 104 -0.59 1.01 -8.03
C ASN B 104 0.51 2.07 -7.88
N ILE B 105 0.44 3.14 -8.69
CA ILE B 105 1.39 4.28 -8.53
C ILE B 105 0.98 5.08 -7.30
N ARG B 106 1.86 5.94 -6.80
CA ARG B 106 1.50 6.83 -5.67
C ARG B 106 0.17 7.53 -6.00
N GLY B 107 -0.76 7.54 -5.04
CA GLY B 107 -2.07 8.20 -5.22
C GLY B 107 -3.14 7.28 -5.77
N ALA B 108 -2.76 6.07 -6.21
CA ALA B 108 -3.77 5.14 -6.75
C ALA B 108 -4.62 4.56 -5.61
N LEU B 109 -5.94 4.59 -5.81
CA LEU B 109 -6.93 3.99 -4.90
C LEU B 109 -7.22 2.57 -5.42
N ALA B 110 -7.07 1.56 -4.55
CA ALA B 110 -7.30 0.15 -4.98
C ALA B 110 -8.00 -0.62 -3.87
N ALA B 112 -8.43 -3.75 -1.29
CA ALA B 112 -7.54 -4.59 -0.50
C ALA B 112 -7.69 -6.06 -0.89
N ASN B 113 -8.75 -6.72 -0.43
CA ASN B 113 -9.08 -8.15 -0.70
C ASN B 113 -8.09 -9.04 0.08
N THR B 114 -8.27 -10.36 0.03
CA THR B 114 -7.44 -11.25 0.88
C THR B 114 -6.27 -11.83 0.07
N GLY B 115 -6.18 -11.47 -1.21
CA GLY B 115 -5.13 -12.04 -2.07
C GLY B 115 -5.65 -13.24 -2.85
N GLN B 116 -6.89 -13.64 -2.57
CA GLN B 116 -7.56 -14.75 -3.28
C GLN B 116 -8.63 -14.16 -4.20
N PRO B 117 -9.01 -14.89 -5.28
CA PRO B 117 -10.03 -14.41 -6.19
C PRO B 117 -11.38 -14.16 -5.50
N ASN B 118 -12.12 -13.18 -6.02
CA ASN B 118 -13.50 -12.86 -5.56
C ASN B 118 -13.51 -12.46 -4.08
N THR B 119 -12.57 -11.63 -3.63
CA THR B 119 -12.59 -11.22 -2.19
C THR B 119 -12.64 -9.70 -2.05
N ASN B 120 -13.05 -8.97 -3.10
CA ASN B 120 -13.18 -7.50 -2.93
C ASN B 120 -14.50 -7.24 -2.19
N GLY B 121 -14.46 -6.57 -1.03
CA GLY B 121 -15.68 -6.32 -0.26
C GLY B 121 -15.94 -4.83 -0.14
N SER B 122 -15.44 -4.21 0.94
CA SER B 122 -15.57 -2.76 1.15
C SER B 122 -14.21 -2.12 1.43
N GLN B 123 -13.20 -2.93 1.77
CA GLN B 123 -11.89 -2.37 2.18
C GLN B 123 -11.08 -1.90 0.98
N PHE B 124 -10.45 -0.73 1.14
CA PHE B 124 -9.60 -0.15 0.07
C PHE B 124 -8.37 0.49 0.69
N PHE B 125 -7.40 0.83 -0.15
CA PHE B 125 -6.18 1.51 0.33
C PHE B 125 -5.73 2.54 -0.69
N ILE B 126 -4.89 3.45 -0.23
CA ILE B 126 -4.26 4.46 -1.11
C ILE B 126 -2.75 4.22 -1.08
N ASN B 127 -2.14 4.04 -2.27
CA ASN B 127 -0.68 3.84 -2.43
C ASN B 127 0.00 5.13 -1.98
N GLN B 128 0.99 5.05 -1.08
CA GLN B 128 1.56 6.32 -0.53
C GLN B 128 3.08 6.35 -0.71
N ASN B 129 3.67 5.24 -1.11
CA ASN B 129 5.12 5.14 -1.39
C ASN B 129 5.57 6.32 -2.27
N SER B 130 6.76 6.88 -1.98
CA SER B 130 7.34 7.99 -2.76
C SER B 130 8.80 7.69 -3.14
N THR B 131 9.18 6.41 -3.30
CA THR B 131 10.58 6.08 -3.69
C THR B 131 10.62 5.59 -5.15
N ASP B 132 11.69 5.93 -5.86
CA ASP B 132 11.84 5.50 -7.27
C ASP B 132 12.47 4.11 -7.33
N THR B 133 11.68 3.08 -7.65
CA THR B 133 12.19 1.70 -7.84
C THR B 133 11.91 1.31 -9.31
N SER B 134 11.67 2.30 -10.16
CA SER B 134 11.29 2.08 -11.58
C SER B 134 12.34 1.31 -12.38
N SER B 135 13.63 1.41 -12.03
CA SER B 135 14.69 0.70 -12.81
C SER B 135 14.53 -0.82 -12.69
N LYS B 136 13.70 -1.29 -11.76
CA LYS B 136 13.51 -2.75 -11.53
C LYS B 136 12.29 -3.28 -12.29
N LEU B 137 11.44 -2.40 -12.87
CA LEU B 137 10.19 -2.85 -13.54
C LEU B 137 10.48 -3.52 -14.89
N PRO B 138 9.99 -4.76 -15.11
CA PRO B 138 10.18 -5.45 -16.38
C PRO B 138 9.30 -4.84 -17.50
N THR B 139 9.91 -4.57 -18.66
CA THR B 139 9.19 -3.97 -19.82
C THR B 139 8.04 -4.88 -20.27
N SER B 140 8.15 -6.19 -20.02
CA SER B 140 7.08 -7.12 -20.48
C SER B 140 5.79 -6.90 -19.69
N LYS B 141 5.84 -6.23 -18.53
CA LYS B 141 4.62 -6.05 -17.70
C LYS B 141 4.26 -4.56 -17.55
N TYR B 142 5.16 -3.66 -17.94
CA TYR B 142 4.91 -2.21 -17.71
C TYR B 142 5.16 -1.36 -18.94
N PRO B 143 4.11 -0.63 -19.41
CA PRO B 143 4.25 0.32 -20.52
C PRO B 143 5.28 1.40 -20.13
N GLN B 144 6.00 1.95 -21.12
CA GLN B 144 7.09 2.93 -20.85
C GLN B 144 6.57 4.15 -20.06
N LYS B 145 5.38 4.68 -20.39
CA LYS B 145 4.87 5.88 -19.64
C LYS B 145 4.56 5.51 -18.17
N ILE B 146 4.25 4.24 -17.89
CA ILE B 146 3.96 3.80 -16.49
C ILE B 146 5.29 3.62 -15.73
N ILE B 147 6.32 3.11 -16.41
CA ILE B 147 7.66 3.04 -15.77
C ILE B 147 8.06 4.47 -15.36
N GLU B 148 7.88 5.45 -16.26
CA GLU B 148 8.20 6.86 -15.95
C GLU B 148 7.34 7.34 -14.78
N ALA B 149 6.04 7.02 -14.78
CA ALA B 149 5.16 7.50 -13.68
C ALA B 149 5.61 6.91 -12.33
N TYR B 150 6.06 5.64 -12.33
CA TYR B 150 6.51 5.00 -11.07
C TYR B 150 7.74 5.70 -10.49
N LYS B 151 8.42 6.54 -11.26
CA LYS B 151 9.62 7.23 -10.70
C LYS B 151 9.21 8.10 -9.51
N GLU B 152 7.94 8.51 -9.42
CA GLU B 152 7.47 9.38 -8.30
C GLU B 152 6.95 8.51 -7.15
N GLY B 153 7.00 7.18 -7.29
CA GLY B 153 6.58 6.32 -6.17
C GLY B 153 5.47 5.36 -6.51
N GLY B 154 5.30 4.35 -5.67
CA GLY B 154 4.24 3.36 -5.87
C GLY B 154 4.63 2.00 -5.39
N ASN B 155 3.69 1.05 -5.49
CA ASN B 155 3.88 -0.33 -4.98
C ASN B 155 3.61 -1.28 -6.14
N PRO B 156 4.58 -1.46 -7.07
CA PRO B 156 4.37 -2.31 -8.24
C PRO B 156 4.06 -3.78 -7.91
N SER B 157 4.53 -4.26 -6.75
CA SER B 157 4.28 -5.66 -6.34
C SER B 157 2.76 -5.88 -6.12
N LEU B 158 1.98 -4.81 -6.05
CA LEU B 158 0.52 -4.94 -5.80
C LEU B 158 -0.22 -5.03 -7.14
N ASP B 159 0.42 -4.66 -8.26
CA ASP B 159 -0.24 -4.74 -9.59
C ASP B 159 -0.61 -6.19 -9.88
N GLY B 160 -1.85 -6.43 -10.31
CA GLY B 160 -2.23 -7.83 -10.64
C GLY B 160 -2.95 -8.52 -9.50
N LYS B 161 -2.79 -8.04 -8.25
CA LYS B 161 -3.49 -8.64 -7.08
C LYS B 161 -4.54 -7.66 -6.53
N HIS B 162 -4.30 -6.36 -6.74
CA HIS B 162 -5.21 -5.33 -6.17
C HIS B 162 -5.74 -4.46 -7.28
N PRO B 163 -7.07 -4.51 -7.54
CA PRO B 163 -7.64 -3.71 -8.61
C PRO B 163 -7.71 -2.22 -8.25
N VAL B 164 -7.13 -1.41 -9.14
CA VAL B 164 -7.11 0.07 -8.98
C VAL B 164 -8.45 0.61 -9.49
N PHE B 165 -9.04 1.58 -8.80
CA PHE B 165 -10.33 2.10 -9.30
C PHE B 165 -10.39 3.60 -9.14
N GLY B 166 -9.32 4.22 -8.64
CA GLY B 166 -9.30 5.70 -8.48
C GLY B 166 -7.91 6.28 -8.38
N GLN B 167 -7.83 7.61 -8.42
CA GLN B 167 -6.53 8.32 -8.33
C GLN B 167 -6.72 9.60 -7.53
N VAL B 168 -5.91 9.78 -6.47
CA VAL B 168 -5.98 11.03 -5.68
C VAL B 168 -5.51 12.16 -6.60
N ILE B 169 -6.31 13.24 -6.66
CA ILE B 169 -5.95 14.41 -7.51
C ILE B 169 -5.83 15.63 -6.60
N GLY B 170 -6.13 15.48 -5.30
CA GLY B 170 -5.97 16.60 -4.35
C GLY B 170 -5.88 16.04 -2.95
N GLY B 171 -5.09 16.67 -2.09
CA GLY B 171 -4.98 16.21 -0.69
C GLY B 171 -3.98 15.08 -0.46
N ASP B 173 -1.21 15.52 0.55
CA ASP B 173 -0.57 15.94 1.78
C ASP B 173 -1.31 15.33 2.98
N VAL B 174 -2.64 15.25 2.90
CA VAL B 174 -3.46 14.64 3.98
C VAL B 174 -3.15 13.13 4.03
N VAL B 175 -3.02 12.50 2.86
CA VAL B 175 -2.66 11.04 2.85
C VAL B 175 -1.31 10.84 3.55
N ASP B 176 -0.34 11.69 3.25
CA ASP B 176 1.02 11.59 3.87
C ASP B 176 0.91 11.77 5.39
N LYS B 177 0.07 12.70 5.89
CA LYS B 177 -0.10 12.90 7.36
C LYS B 177 -0.65 11.63 8.01
N ILE B 178 -1.67 11.07 7.37
CA ILE B 178 -2.31 9.80 7.86
C ILE B 178 -1.25 8.69 7.88
N ALA B 179 -0.46 8.54 6.81
CA ALA B 179 0.54 7.45 6.76
C ALA B 179 1.57 7.60 7.88
N LYS B 180 1.81 8.82 8.36
CA LYS B 180 2.84 9.08 9.39
C LYS B 180 2.22 9.19 10.79
N ALA B 181 0.95 8.84 10.95
CA ALA B 181 0.32 9.03 12.28
C ALA B 181 1.03 8.20 13.35
N GLU B 182 1.00 8.66 14.59
CA GLU B 182 1.54 7.88 15.74
C GLU B 182 0.71 6.58 15.77
N LYS B 183 1.34 5.43 15.93
CA LYS B 183 0.58 4.15 15.85
C LYS B 183 1.14 3.09 16.81
N ASP B 184 0.37 2.01 17.01
CA ASP B 184 0.75 0.91 17.93
C ASP B 184 1.53 -0.16 17.17
N GLU B 185 1.76 -1.31 17.83
CA GLU B 185 2.59 -2.41 17.25
C GLU B 185 1.88 -3.05 16.04
N LYS B 186 0.57 -2.87 15.88
CA LYS B 186 -0.17 -3.42 14.71
C LYS B 186 -0.33 -2.37 13.61
N ASP B 187 0.32 -1.21 13.75
CA ASP B 187 0.26 -0.10 12.76
C ASP B 187 -1.11 0.56 12.77
N LYS B 188 -1.82 0.47 13.88
CA LYS B 188 -3.15 1.11 14.04
C LYS B 188 -2.92 2.48 14.69
N PRO B 189 -3.35 3.60 14.09
CA PRO B 189 -3.18 4.91 14.71
C PRO B 189 -3.67 4.94 16.18
N THR B 190 -2.89 5.58 17.06
CA THR B 190 -3.21 5.74 18.51
C THR B 190 -4.49 6.55 18.66
N THR B 191 -4.63 7.62 17.88
CA THR B 191 -5.82 8.49 17.80
C THR B 191 -6.50 8.13 16.48
N ALA B 192 -7.76 7.69 16.57
CA ALA B 192 -8.52 7.25 15.38
C ALA B 192 -8.54 8.33 14.29
N ILE B 193 -8.31 7.92 13.05
CA ILE B 193 -8.40 8.78 11.84
C ILE B 193 -9.64 8.26 11.12
N THR B 194 -10.68 9.08 11.04
CA THR B 194 -11.97 8.59 10.51
C THR B 194 -12.38 9.26 9.20
N ILE B 195 -13.14 8.50 8.42
CA ILE B 195 -13.83 9.09 7.25
C ILE B 195 -15.11 9.67 7.85
N ASP B 196 -15.23 10.99 7.93
CA ASP B 196 -16.43 11.60 8.55
C ASP B 196 -17.59 11.55 7.57
N SER B 197 -17.31 11.82 6.29
CA SER B 197 -18.34 11.78 5.21
C SER B 197 -17.64 11.66 3.86
N ILE B 198 -18.37 11.22 2.85
CA ILE B 198 -17.83 11.15 1.47
C ILE B 198 -18.77 12.01 0.62
N GLU B 199 -18.20 13.03 -0.01
CA GLU B 199 -18.98 13.94 -0.87
C GLU B 199 -18.85 13.43 -2.31
N VAL B 200 -19.96 13.23 -3.00
CA VAL B 200 -19.87 12.79 -4.41
C VAL B 200 -19.97 14.06 -5.26
N VAL B 201 -18.81 14.55 -5.73
CA VAL B 201 -18.73 15.80 -6.54
C VAL B 201 -19.31 15.50 -7.93
N LYS B 202 -18.95 14.35 -8.47
CA LYS B 202 -19.44 13.94 -9.81
C LYS B 202 -19.81 12.47 -9.72
N ASP B 203 -21.10 12.18 -9.80
CA ASP B 203 -21.62 10.80 -9.66
C ASP B 203 -21.52 10.11 -11.02
N TYR B 204 -21.91 8.83 -11.09
CA TYR B 204 -21.89 8.09 -12.37
C TYR B 204 -23.14 7.20 -12.43
N ASP B 205 -23.85 7.23 -13.55
CA ASP B 205 -25.07 6.40 -13.69
C ASP B 205 -24.68 5.18 -14.52
N PHE B 206 -24.66 4.01 -13.91
CA PHE B 206 -24.20 2.77 -14.58
C PHE B 206 -25.22 2.25 -15.60
N LYS B 207 -26.40 2.88 -15.69
CA LYS B 207 -27.42 2.45 -16.67
C LYS B 207 -27.51 3.46 -17.82
N SER B 208 -26.81 4.59 -17.70
CA SER B 208 -26.87 5.63 -18.76
C SER B 208 -26.23 5.13 -20.06
N GLU B 209 -26.88 5.41 -21.18
CA GLU B 209 -26.37 5.09 -22.53
C GLU B 209 -26.16 6.42 -23.28
N ASN B 210 -26.14 7.54 -22.54
CA ASN B 210 -25.96 8.84 -23.23
C ASN B 210 -24.55 8.93 -23.81
N LEU B 211 -24.44 9.44 -25.05
CA LEU B 211 -23.11 9.63 -25.71
C LEU B 211 -22.56 11.04 -25.44
N TYR B 212 -21.31 11.10 -24.99
CA TYR B 212 -20.59 12.38 -24.74
C TYR B 212 -19.31 12.35 -25.57
N PHE B 213 -18.87 13.50 -26.09
CA PHE B 213 -17.59 13.52 -26.86
C PHE B 213 -16.43 13.84 -25.90
N ASN C 2 12.03 -21.10 -5.08
CA ASN C 2 12.15 -21.36 -3.66
C ASN C 2 11.04 -22.35 -3.27
N PHE C 3 11.44 -23.55 -2.86
CA PHE C 3 10.47 -24.60 -2.47
C PHE C 3 10.27 -24.53 -0.96
N PRO C 4 9.12 -24.02 -0.47
CA PRO C 4 8.92 -23.80 0.96
C PRO C 4 9.04 -25.07 1.81
N GLN C 5 8.90 -26.24 1.21
CA GLN C 5 9.01 -27.50 2.00
C GLN C 5 10.46 -27.77 2.37
N LEU C 6 11.41 -27.10 1.71
CA LEU C 6 12.86 -27.39 1.92
C LEU C 6 13.45 -26.49 3.00
N SER C 7 12.60 -25.80 3.77
CA SER C 7 13.04 -24.99 4.93
C SER C 7 12.23 -25.41 6.16
N LYS C 8 12.92 -25.74 7.24
CA LYS C 8 12.25 -26.13 8.52
C LYS C 8 11.66 -24.91 9.20
N GLU C 9 12.04 -23.70 8.77
CA GLU C 9 11.57 -22.44 9.40
C GLU C 9 10.14 -22.11 8.94
N VAL C 10 9.30 -21.62 9.86
CA VAL C 10 7.93 -21.19 9.50
C VAL C 10 8.05 -19.77 8.94
N ALA C 11 7.82 -19.62 7.64
CA ALA C 11 7.94 -18.31 6.97
C ALA C 11 6.82 -17.38 7.43
N GLU C 12 6.96 -16.08 7.14
CA GLU C 12 5.90 -15.11 7.54
C GLU C 12 4.55 -15.54 6.96
N ASP C 13 4.53 -16.08 5.75
CA ASP C 13 3.25 -16.42 5.09
C ASP C 13 2.84 -17.89 5.35
N GLU C 14 3.43 -18.54 6.34
CA GLU C 14 3.08 -19.96 6.63
C GLU C 14 2.36 -20.03 7.99
N ALA C 15 1.60 -21.09 8.19
CA ALA C 15 0.90 -21.36 9.46
C ALA C 15 1.61 -22.55 10.11
N GLU C 16 1.30 -22.83 11.37
CA GLU C 16 2.00 -23.91 12.11
C GLU C 16 1.06 -24.56 13.11
N VAL C 17 1.03 -25.89 13.14
CA VAL C 17 0.18 -26.65 14.09
C VAL C 17 1.01 -27.79 14.66
N ILE C 18 0.55 -28.29 15.79
CA ILE C 18 1.13 -29.53 16.39
C ILE C 18 -0.02 -30.51 16.52
N LEU C 19 0.12 -31.69 15.93
CA LEU C 19 -0.88 -32.77 16.15
C LEU C 19 -0.45 -33.47 17.44
N HIS C 20 -1.22 -33.30 18.52
CA HIS C 20 -0.86 -34.01 19.78
C HIS C 20 -1.47 -35.40 19.70
N THR C 21 -0.70 -36.39 19.25
CA THR C 21 -1.24 -37.77 19.08
C THR C 21 -0.93 -38.63 20.30
N SER C 22 -1.64 -39.75 20.41
CA SER C 22 -1.44 -40.73 21.50
C SER C 22 -0.03 -41.33 21.43
N GLN C 23 0.71 -41.10 20.35
CA GLN C 23 2.09 -41.67 20.26
C GLN C 23 3.13 -40.55 20.11
N GLY C 24 2.76 -39.30 20.40
CA GLY C 24 3.75 -38.22 20.28
C GLY C 24 3.23 -37.03 19.51
N ASP C 25 4.01 -35.95 19.51
CA ASP C 25 3.62 -34.69 18.83
C ASP C 25 4.20 -34.63 17.42
N ILE C 26 3.40 -34.15 16.48
CA ILE C 26 3.85 -33.95 15.08
C ILE C 26 3.71 -32.46 14.78
N ARG C 27 4.83 -31.77 14.59
CA ARG C 27 4.82 -30.31 14.29
C ARG C 27 4.77 -30.16 12.77
N ILE C 28 3.81 -29.36 12.27
CA ILE C 28 3.62 -29.25 10.81
C ILE C 28 3.46 -27.79 10.40
N LYS C 29 4.11 -27.39 9.32
CA LYS C 29 3.87 -26.02 8.79
C LYS C 29 2.89 -26.17 7.62
N LEU C 30 2.10 -25.14 7.38
CA LEU C 30 1.04 -25.15 6.33
C LEU C 30 1.30 -24.01 5.33
N PHE C 31 0.76 -24.16 4.11
CA PHE C 31 1.04 -23.21 3.01
C PHE C 31 -0.24 -22.51 2.55
N PRO C 32 -0.82 -21.64 3.39
CA PRO C 32 -2.08 -20.96 3.06
C PRO C 32 -2.07 -20.17 1.73
N LYS C 33 -0.90 -19.72 1.28
CA LYS C 33 -0.83 -18.93 0.02
C LYS C 33 -0.87 -19.86 -1.19
N LEU C 34 -0.47 -21.12 -1.03
CA LEU C 34 -0.37 -22.04 -2.18
C LEU C 34 -1.57 -22.98 -2.23
N ALA C 35 -2.12 -23.35 -1.08
CA ALA C 35 -3.27 -24.26 -1.03
C ALA C 35 -4.29 -23.66 -0.08
N PRO C 36 -4.87 -22.48 -0.42
CA PRO C 36 -5.78 -21.80 0.49
C PRO C 36 -7.00 -22.64 0.90
N LEU C 37 -7.61 -23.38 -0.03
CA LEU C 37 -8.80 -24.17 0.35
C LEU C 37 -8.39 -25.27 1.32
N ALA C 38 -7.33 -26.00 0.98
CA ALA C 38 -6.91 -27.11 1.85
C ALA C 38 -6.53 -26.56 3.23
N VAL C 39 -5.83 -25.43 3.27
CA VAL C 39 -5.37 -24.92 4.59
C VAL C 39 -6.54 -24.34 5.37
N GLU C 40 -7.46 -23.61 4.73
CA GLU C 40 -8.61 -23.07 5.52
C GLU C 40 -9.44 -24.25 6.05
N ASN C 41 -9.71 -25.25 5.20
CA ASN C 41 -10.52 -26.42 5.60
C ASN C 41 -9.86 -27.13 6.80
N PHE C 42 -8.54 -27.31 6.72
CA PHE C 42 -7.80 -28.03 7.78
C PHE C 42 -7.79 -27.22 9.08
N LEU C 43 -7.41 -25.94 8.98
CA LEU C 43 -7.31 -25.10 10.20
C LEU C 43 -8.68 -24.92 10.86
N THR C 44 -9.75 -24.73 10.07
CA THR C 44 -11.11 -24.52 10.64
C THR C 44 -11.53 -25.83 11.30
N HIS C 45 -11.37 -26.98 10.62
CA HIS C 45 -11.70 -28.29 11.25
C HIS C 45 -10.89 -28.43 12.56
N ALA C 46 -9.59 -28.16 12.51
CA ALA C 46 -8.70 -28.31 13.68
C ALA C 46 -9.23 -27.47 14.85
N LYS C 47 -9.49 -26.20 14.60
CA LYS C 47 -9.94 -25.27 15.67
C LYS C 47 -11.33 -25.66 16.20
N GLU C 48 -12.21 -26.15 15.33
CA GLU C 48 -13.59 -26.52 15.75
C GLU C 48 -13.59 -27.87 16.48
N GLY C 49 -12.46 -28.58 16.53
CA GLY C 49 -12.38 -29.88 17.24
C GLY C 49 -12.81 -31.06 16.39
N TYR C 50 -12.92 -30.87 15.07
CA TYR C 50 -13.38 -31.95 14.15
C TYR C 50 -12.44 -33.14 14.19
N TYR C 51 -11.15 -32.89 14.40
CA TYR C 51 -10.16 -34.00 14.35
C TYR C 51 -9.92 -34.56 15.76
N ASN C 52 -10.57 -34.02 16.79
CA ASN C 52 -10.37 -34.53 18.17
C ASN C 52 -10.85 -35.97 18.28
N GLY C 53 -9.95 -36.88 18.65
CA GLY C 53 -10.29 -38.30 18.80
C GLY C 53 -10.26 -39.06 17.49
N ILE C 54 -9.97 -38.39 16.37
CA ILE C 54 -9.91 -39.11 15.07
C ILE C 54 -8.64 -39.97 15.06
N THR C 55 -8.72 -41.13 14.42
CA THR C 55 -7.60 -42.09 14.44
C THR C 55 -6.79 -42.07 13.13
N PHE C 56 -5.57 -42.64 13.20
CA PHE C 56 -4.77 -43.00 12.00
C PHE C 56 -5.32 -44.39 11.66
N HIS C 57 -6.34 -44.42 10.80
CA HIS C 57 -7.12 -45.64 10.49
C HIS C 57 -6.40 -46.55 9.50
N ARG C 58 -5.37 -46.03 8.82
CA ARG C 58 -4.66 -46.86 7.81
C ARG C 58 -3.18 -46.48 7.81
N VAL C 59 -2.32 -47.45 8.11
CA VAL C 59 -0.84 -47.19 8.19
C VAL C 59 -0.11 -48.20 7.29
N ILE C 60 0.74 -47.70 6.42
N ILE C 60 0.74 -47.69 6.41
CA ILE C 60 1.54 -48.59 5.53
CA ILE C 60 1.53 -48.55 5.48
C ILE C 60 3.00 -48.16 5.61
C ILE C 60 3.01 -48.14 5.61
N ASP C 61 3.81 -48.91 6.36
CA ASP C 61 5.23 -48.58 6.57
C ASP C 61 5.95 -48.55 5.21
N GLY C 62 6.74 -47.49 4.99
CA GLY C 62 7.46 -47.30 3.72
C GLY C 62 6.60 -46.56 2.70
N PHE C 63 5.39 -46.14 3.10
CA PHE C 63 4.48 -45.45 2.15
C PHE C 63 3.90 -44.20 2.79
N VAL C 65 0.83 -42.71 6.18
CA VAL C 65 -0.16 -42.96 7.21
C VAL C 65 -1.36 -42.06 6.89
N GLN C 66 -2.58 -42.58 7.00
CA GLN C 66 -3.80 -41.80 6.67
C GLN C 66 -4.64 -41.56 7.93
N THR C 67 -5.34 -40.44 7.95
CA THR C 67 -6.19 -40.05 9.11
C THR C 67 -7.26 -39.08 8.61
N GLY C 68 -7.90 -38.37 9.53
CA GLY C 68 -8.91 -37.35 9.22
C GLY C 68 -10.28 -37.92 8.87
N ASP C 69 -10.52 -39.22 9.12
CA ASP C 69 -11.85 -39.81 8.79
C ASP C 69 -12.65 -40.05 10.06
N PRO C 70 -13.72 -39.29 10.31
CA PRO C 70 -14.54 -39.51 11.50
C PRO C 70 -15.14 -40.93 11.55
N LYS C 71 -15.33 -41.61 10.42
CA LYS C 71 -15.90 -42.98 10.43
C LYS C 71 -14.80 -44.00 10.73
N GLY C 72 -13.54 -43.63 10.53
CA GLY C 72 -12.34 -44.47 10.78
C GLY C 72 -12.20 -45.65 9.84
N ASP C 73 -12.76 -45.58 8.62
CA ASP C 73 -12.67 -46.74 7.67
C ASP C 73 -12.25 -46.26 6.27
N GLY C 74 -11.96 -44.97 6.11
CA GLY C 74 -11.48 -44.40 4.83
C GLY C 74 -12.60 -43.88 3.93
N THR C 75 -13.86 -44.04 4.34
CA THR C 75 -14.99 -43.61 3.46
C THR C 75 -15.66 -42.34 3.95
N GLY C 76 -15.22 -41.72 5.07
CA GLY C 76 -16.00 -40.56 5.55
C GLY C 76 -15.28 -39.22 5.55
N GLY C 77 -15.89 -38.24 6.23
CA GLY C 77 -15.33 -36.88 6.36
C GLY C 77 -15.92 -35.94 5.32
N GLN C 78 -16.05 -34.66 5.69
CA GLN C 78 -16.61 -33.64 4.77
C GLN C 78 -15.78 -32.38 4.88
N SER C 79 -15.84 -31.52 3.86
CA SER C 79 -15.15 -30.21 3.90
C SER C 79 -15.99 -29.26 4.77
N ILE C 80 -15.42 -28.13 5.18
CA ILE C 80 -16.18 -27.14 5.98
C ILE C 80 -17.24 -26.48 5.10
N TRP C 81 -17.18 -26.69 3.79
CA TRP C 81 -18.15 -26.03 2.89
C TRP C 81 -19.29 -26.99 2.51
N HIS C 82 -19.22 -28.24 2.97
CA HIS C 82 -20.27 -29.25 2.61
C HIS C 82 -21.65 -28.75 3.03
N ASP C 83 -22.60 -28.74 2.09
CA ASP C 83 -23.98 -28.26 2.38
C ASP C 83 -23.94 -26.82 2.93
N LYS C 84 -23.00 -25.99 2.49
CA LYS C 84 -22.93 -24.58 3.00
C LYS C 84 -22.46 -23.61 1.91
N ASP C 85 -21.45 -23.98 1.11
CA ASP C 85 -20.97 -23.07 0.04
C ASP C 85 -20.75 -23.92 -1.22
N LYS C 86 -21.76 -23.95 -2.08
CA LYS C 86 -21.72 -24.79 -3.31
C LYS C 86 -20.65 -24.28 -4.29
N THR C 87 -20.12 -23.07 -4.09
CA THR C 87 -19.05 -22.58 -5.00
C THR C 87 -17.72 -23.24 -4.61
N LYS C 88 -17.66 -23.93 -3.48
CA LYS C 88 -16.39 -24.58 -3.05
C LYS C 88 -16.61 -26.08 -2.89
N ASP C 89 -17.82 -26.50 -2.53
CA ASP C 89 -18.11 -27.95 -2.37
C ASP C 89 -19.51 -28.23 -2.92
N LYS C 90 -19.58 -28.83 -4.11
CA LYS C 90 -20.84 -29.16 -4.84
C LYS C 90 -21.53 -30.37 -4.17
N GLY C 91 -20.82 -31.09 -3.30
CA GLY C 91 -21.42 -32.27 -2.64
C GLY C 91 -20.45 -33.44 -2.54
N THR C 92 -19.30 -33.39 -3.21
CA THR C 92 -18.32 -34.52 -3.14
C THR C 92 -17.01 -34.06 -2.51
N GLY C 93 -16.84 -32.75 -2.31
CA GLY C 93 -15.59 -32.20 -1.76
C GLY C 93 -15.15 -30.98 -2.55
N PHE C 94 -13.98 -30.43 -2.23
CA PHE C 94 -13.44 -29.23 -2.92
C PHE C 94 -12.34 -29.67 -3.91
N LYS C 95 -11.97 -28.73 -4.77
CA LYS C 95 -11.02 -29.01 -5.88
C LYS C 95 -9.59 -29.23 -5.40
N ASN C 96 -8.82 -29.91 -6.24
CA ASN C 96 -7.37 -30.12 -6.02
C ASN C 96 -6.62 -28.82 -6.31
N GLU C 97 -5.73 -28.42 -5.41
CA GLU C 97 -4.86 -27.24 -5.60
C GLU C 97 -3.46 -27.79 -5.86
N ILE C 98 -3.11 -27.94 -7.14
CA ILE C 98 -1.78 -28.49 -7.52
C ILE C 98 -0.90 -27.31 -7.87
N THR C 99 0.36 -27.36 -7.44
CA THR C 99 1.30 -26.23 -7.67
C THR C 99 2.68 -26.80 -7.95
N PRO C 100 3.47 -26.15 -8.82
CA PRO C 100 4.83 -26.61 -9.10
C PRO C 100 5.75 -26.32 -7.90
N TYR C 101 5.18 -25.77 -6.82
CA TYR C 101 5.98 -25.43 -5.61
C TYR C 101 5.86 -26.51 -4.52
N LEU C 102 4.91 -27.45 -4.62
CA LEU C 102 4.73 -28.42 -3.51
C LEU C 102 4.72 -29.85 -4.04
N TYR C 103 5.33 -30.76 -3.29
CA TYR C 103 5.45 -32.17 -3.75
C TYR C 103 5.25 -33.14 -2.61
N ASN C 104 4.88 -34.37 -2.97
CA ASN C 104 4.66 -35.46 -2.00
C ASN C 104 5.99 -36.07 -1.55
N ILE C 105 6.92 -35.22 -1.11
CA ILE C 105 8.21 -35.68 -0.54
C ILE C 105 7.95 -36.21 0.87
N ARG C 106 8.92 -36.89 1.45
CA ARG C 106 8.77 -37.40 2.83
C ARG C 106 8.42 -36.22 3.75
N GLY C 107 7.37 -36.40 4.57
CA GLY C 107 6.95 -35.37 5.53
C GLY C 107 5.84 -34.49 5.00
N ALA C 108 5.57 -34.58 3.68
CA ALA C 108 4.52 -33.76 3.05
C ALA C 108 3.14 -34.24 3.50
N LEU C 109 2.29 -33.28 3.83
CA LEU C 109 0.88 -33.46 4.24
C LEU C 109 0.04 -33.15 2.99
N ALA C 110 -0.82 -34.09 2.59
CA ALA C 110 -1.67 -33.88 1.40
C ALA C 110 -3.06 -34.46 1.67
N ALA C 112 -6.27 -36.74 0.87
CA ALA C 112 -6.43 -38.07 0.31
C ALA C 112 -7.33 -38.03 -0.93
N ASN C 113 -8.64 -37.86 -0.76
CA ASN C 113 -9.61 -37.79 -1.88
C ASN C 113 -9.70 -39.19 -2.55
N THR C 114 -10.66 -39.38 -3.46
CA THR C 114 -10.87 -40.70 -4.09
C THR C 114 -9.94 -40.91 -5.29
N GLY C 115 -9.17 -39.89 -5.66
CA GLY C 115 -8.33 -39.96 -6.86
C GLY C 115 -9.08 -39.35 -8.04
N GLN C 116 -10.32 -38.90 -7.77
CA GLN C 116 -11.20 -38.24 -8.76
C GLN C 116 -11.31 -36.77 -8.41
N PRO C 117 -11.62 -35.88 -9.38
CA PRO C 117 -11.71 -34.45 -9.10
C PRO C 117 -12.79 -34.05 -8.07
N ASN C 118 -12.53 -32.93 -7.38
CA ASN C 118 -13.45 -32.32 -6.40
C ASN C 118 -13.84 -33.32 -5.30
N THR C 119 -12.90 -34.16 -4.82
CA THR C 119 -13.27 -35.10 -3.73
C THR C 119 -12.46 -34.84 -2.45
N ASN C 120 -11.87 -33.65 -2.28
CA ASN C 120 -11.17 -33.35 -1.00
C ASN C 120 -12.22 -33.06 0.08
N GLY C 121 -12.16 -33.77 1.21
CA GLY C 121 -13.13 -33.60 2.30
C GLY C 121 -12.43 -33.19 3.57
N SER C 122 -12.10 -34.18 4.41
CA SER C 122 -11.36 -33.92 5.66
C SER C 122 -10.17 -34.88 5.76
N GLN C 123 -10.17 -35.97 4.99
CA GLN C 123 -9.10 -36.99 5.11
C GLN C 123 -7.78 -36.46 4.52
N PHE C 124 -6.70 -36.76 5.22
CA PHE C 124 -5.34 -36.33 4.78
C PHE C 124 -4.35 -37.44 5.12
N PHE C 125 -3.19 -37.38 4.50
CA PHE C 125 -2.15 -38.40 4.80
C PHE C 125 -0.81 -37.68 4.94
N ILE C 126 0.15 -38.38 5.53
CA ILE C 126 1.55 -37.88 5.65
C ILE C 126 2.44 -38.86 4.90
N ASN C 127 3.19 -38.36 3.92
CA ASN C 127 4.15 -39.19 3.15
C ASN C 127 5.22 -39.70 4.13
N GLN C 128 5.48 -41.01 4.14
CA GLN C 128 6.43 -41.58 5.15
C GLN C 128 7.51 -42.41 4.44
N ASN C 129 7.35 -42.65 3.14
CA ASN C 129 8.37 -43.39 2.34
C ASN C 129 9.75 -42.74 2.59
N SER C 130 10.78 -43.56 2.83
CA SER C 130 12.15 -43.02 3.05
C SER C 130 13.16 -43.64 2.07
N THR C 131 12.70 -44.10 0.89
CA THR C 131 13.61 -44.75 -0.10
C THR C 131 13.82 -43.80 -1.30
N ASP C 132 15.01 -43.85 -1.88
CA ASP C 132 15.40 -42.98 -3.01
C ASP C 132 14.95 -43.56 -4.36
N THR C 133 13.95 -42.94 -5.01
CA THR C 133 13.52 -43.34 -6.38
C THR C 133 13.63 -42.12 -7.31
N SER C 134 14.43 -41.14 -6.91
CA SER C 134 14.63 -39.90 -7.70
C SER C 134 15.09 -40.21 -9.13
N SER C 135 15.85 -41.29 -9.32
CA SER C 135 16.42 -41.63 -10.65
C SER C 135 15.33 -41.74 -11.72
N LYS C 136 14.10 -42.14 -11.33
CA LYS C 136 12.98 -42.33 -12.29
C LYS C 136 12.38 -40.97 -12.73
N LEU C 137 12.36 -39.98 -11.83
CA LEU C 137 11.72 -38.66 -12.07
C LEU C 137 12.20 -38.02 -13.36
N PRO C 138 11.27 -37.65 -14.26
CA PRO C 138 11.63 -36.96 -15.51
C PRO C 138 12.02 -35.51 -15.21
N THR C 139 13.20 -35.08 -15.69
CA THR C 139 13.71 -33.71 -15.44
C THR C 139 12.81 -32.68 -16.13
N SER C 140 12.01 -33.10 -17.12
CA SER C 140 11.07 -32.17 -17.82
C SER C 140 9.90 -31.82 -16.89
N LYS C 141 9.64 -32.65 -15.88
CA LYS C 141 8.50 -32.41 -14.93
C LYS C 141 9.00 -31.96 -13.55
N TYR C 142 10.19 -32.42 -13.13
CA TYR C 142 10.67 -32.14 -11.75
C TYR C 142 11.91 -31.26 -11.71
N PRO C 143 11.88 -30.14 -10.95
CA PRO C 143 13.06 -29.27 -10.80
C PRO C 143 14.17 -30.01 -10.04
N GLN C 144 15.43 -29.69 -10.34
CA GLN C 144 16.62 -30.36 -9.75
C GLN C 144 16.60 -30.32 -8.22
N LYS C 145 16.15 -29.20 -7.61
CA LYS C 145 16.09 -29.12 -6.13
C LYS C 145 15.13 -30.18 -5.59
N ILE C 146 14.06 -30.48 -6.32
CA ILE C 146 13.03 -31.48 -5.87
C ILE C 146 13.53 -32.89 -6.17
N ILE C 147 14.22 -33.07 -7.31
CA ILE C 147 14.81 -34.42 -7.56
C ILE C 147 15.72 -34.72 -6.35
N GLU C 148 16.49 -33.72 -5.93
CA GLU C 148 17.41 -33.87 -4.78
C GLU C 148 16.59 -34.19 -3.51
N ALA C 149 15.52 -33.44 -3.25
CA ALA C 149 14.65 -33.67 -2.08
C ALA C 149 14.11 -35.11 -2.08
N TYR C 150 13.74 -35.63 -3.24
CA TYR C 150 13.15 -37.00 -3.32
C TYR C 150 14.18 -38.07 -2.99
N LYS C 151 15.47 -37.74 -2.93
CA LYS C 151 16.46 -38.78 -2.57
C LYS C 151 16.24 -39.23 -1.12
N GLU C 152 15.59 -38.39 -0.31
CA GLU C 152 15.30 -38.71 1.12
C GLU C 152 13.99 -39.50 1.23
N GLY C 153 13.29 -39.66 0.10
CA GLY C 153 12.04 -40.44 0.13
C GLY C 153 10.82 -39.64 -0.30
N GLY C 154 9.70 -40.34 -0.41
CA GLY C 154 8.44 -39.70 -0.83
C GLY C 154 7.72 -40.58 -1.80
N ASN C 155 6.55 -40.13 -2.26
CA ASN C 155 5.69 -40.91 -3.18
C ASN C 155 5.38 -40.05 -4.39
N PRO C 156 6.34 -39.90 -5.33
CA PRO C 156 6.14 -39.00 -6.48
C PRO C 156 4.93 -39.35 -7.35
N SER C 157 4.47 -40.61 -7.32
CA SER C 157 3.29 -41.00 -8.15
C SER C 157 2.04 -40.29 -7.65
N LEU C 158 2.09 -39.72 -6.45
CA LEU C 158 0.90 -39.02 -5.88
C LEU C 158 0.86 -37.56 -6.33
N ASP C 159 1.96 -37.02 -6.89
CA ASP C 159 2.01 -35.60 -7.32
C ASP C 159 0.97 -35.38 -8.42
N GLY C 160 0.19 -34.29 -8.35
CA GLY C 160 -0.81 -34.06 -9.41
C GLY C 160 -2.18 -34.65 -9.09
N LYS C 161 -2.25 -35.65 -8.19
CA LYS C 161 -3.54 -36.28 -7.84
C LYS C 161 -3.91 -35.93 -6.38
N HIS C 162 -2.91 -35.67 -5.55
CA HIS C 162 -3.15 -35.36 -4.11
C HIS C 162 -2.55 -33.99 -3.79
N PRO C 163 -3.38 -33.00 -3.42
CA PRO C 163 -2.89 -31.65 -3.16
C PRO C 163 -2.11 -31.57 -1.84
N VAL C 164 -0.89 -31.09 -1.93
CA VAL C 164 0.01 -30.90 -0.76
C VAL C 164 -0.35 -29.57 -0.09
N PHE C 165 -0.46 -29.55 1.23
CA PHE C 165 -0.84 -28.28 1.88
C PHE C 165 0.03 -28.04 3.13
N GLY C 166 0.90 -28.99 3.47
CA GLY C 166 1.75 -28.79 4.65
C GLY C 166 2.98 -29.69 4.64
N GLN C 167 3.84 -29.52 5.64
CA GLN C 167 5.10 -30.28 5.75
C GLN C 167 5.44 -30.51 7.21
N VAL C 168 5.73 -31.78 7.57
CA VAL C 168 6.20 -32.10 8.94
C VAL C 168 7.58 -31.45 9.12
N ILE C 169 7.76 -30.73 10.24
CA ILE C 169 9.03 -30.02 10.55
C ILE C 169 9.54 -30.50 11.91
N GLY C 170 8.71 -31.27 12.62
CA GLY C 170 9.09 -31.84 13.93
C GLY C 170 8.30 -33.11 14.20
N GLY C 171 8.94 -34.12 14.76
CA GLY C 171 8.23 -35.37 15.10
C GLY C 171 8.06 -36.33 13.92
N ASP C 173 9.81 -38.69 13.67
CA ASP C 173 10.05 -39.95 14.36
C ASP C 173 8.72 -40.54 14.87
N VAL C 174 7.77 -39.66 15.21
CA VAL C 174 6.41 -40.08 15.66
C VAL C 174 5.67 -40.63 14.43
N VAL C 175 5.79 -39.95 13.28
CA VAL C 175 5.13 -40.48 12.06
C VAL C 175 5.68 -41.88 11.78
N ASP C 176 7.00 -42.10 11.91
CA ASP C 176 7.57 -43.45 11.61
C ASP C 176 7.03 -44.48 12.61
N LYS C 177 6.92 -44.10 13.88
CA LYS C 177 6.37 -44.98 14.95
C LYS C 177 4.96 -45.41 14.57
N ILE C 178 4.10 -44.47 14.20
CA ILE C 178 2.69 -44.75 13.78
C ILE C 178 2.68 -45.68 12.56
N ALA C 179 3.53 -45.39 11.57
CA ALA C 179 3.57 -46.19 10.33
C ALA C 179 3.94 -47.66 10.60
N LYS C 180 4.68 -47.93 11.68
CA LYS C 180 5.14 -49.30 12.00
C LYS C 180 4.25 -49.96 13.05
N ALA C 181 3.11 -49.35 13.37
CA ALA C 181 2.18 -49.90 14.39
C ALA C 181 1.68 -51.29 14.00
N GLU C 182 1.51 -52.15 15.01
CA GLU C 182 0.90 -53.49 14.78
C GLU C 182 -0.48 -53.21 14.18
N LYS C 183 -0.86 -53.91 13.11
CA LYS C 183 -2.14 -53.59 12.43
C LYS C 183 -2.89 -54.86 12.03
N ASP C 184 -4.16 -54.70 11.64
CA ASP C 184 -5.01 -55.84 11.25
C ASP C 184 -4.91 -56.07 9.74
N GLU C 185 -5.84 -56.85 9.19
CA GLU C 185 -5.81 -57.20 7.74
C GLU C 185 -6.27 -56.02 6.88
N LYS C 186 -6.76 -54.93 7.50
CA LYS C 186 -7.20 -53.72 6.75
C LYS C 186 -6.21 -52.57 6.98
N ASP C 187 -5.03 -52.89 7.52
CA ASP C 187 -3.95 -51.92 7.78
C ASP C 187 -4.37 -50.94 8.88
N LYS C 188 -5.30 -51.35 9.73
CA LYS C 188 -5.74 -50.48 10.85
C LYS C 188 -5.01 -50.88 12.12
N PRO C 189 -4.36 -49.92 12.82
CA PRO C 189 -3.65 -50.21 14.07
C PRO C 189 -4.57 -51.00 15.01
N THR C 190 -4.03 -52.05 15.65
CA THR C 190 -4.83 -52.90 16.55
C THR C 190 -5.04 -52.14 17.86
N THR C 191 -4.15 -51.20 18.17
CA THR C 191 -4.34 -50.29 19.33
C THR C 191 -4.53 -48.92 18.69
N ALA C 192 -5.71 -48.32 18.89
CA ALA C 192 -6.04 -47.03 18.22
C ALA C 192 -4.96 -45.98 18.46
N ILE C 193 -4.62 -45.26 17.38
CA ILE C 193 -3.68 -44.12 17.44
C ILE C 193 -4.51 -42.87 17.20
N THR C 194 -4.65 -42.03 18.22
CA THR C 194 -5.60 -40.90 18.05
C THR C 194 -4.91 -39.55 18.02
N ILE C 195 -5.53 -38.62 17.31
CA ILE C 195 -5.17 -37.19 17.41
C ILE C 195 -5.95 -36.72 18.64
N ASP C 196 -5.28 -36.51 19.77
CA ASP C 196 -5.98 -36.09 21.01
C ASP C 196 -6.41 -34.63 20.87
N SER C 197 -5.54 -33.82 20.26
CA SER C 197 -5.87 -32.40 20.04
C SER C 197 -4.97 -31.85 18.96
N ILE C 198 -5.37 -30.71 18.38
CA ILE C 198 -4.48 -30.01 17.42
C ILE C 198 -4.23 -28.62 18.00
N GLU C 199 -2.96 -28.30 18.22
CA GLU C 199 -2.54 -26.99 18.76
C GLU C 199 -2.22 -26.08 17.57
N VAL C 200 -2.96 -24.99 17.43
CA VAL C 200 -2.64 -24.04 16.32
C VAL C 200 -1.60 -23.08 16.90
N VAL C 201 -0.32 -23.32 16.58
CA VAL C 201 0.80 -22.47 17.07
C VAL C 201 0.75 -21.11 16.38
N LYS C 202 0.59 -21.10 15.06
CA LYS C 202 0.52 -19.85 14.27
C LYS C 202 -0.63 -20.02 13.28
N ASP C 203 -1.66 -19.20 13.43
CA ASP C 203 -2.88 -19.33 12.61
C ASP C 203 -2.73 -18.46 11.36
N TYR C 204 -3.69 -18.60 10.44
CA TYR C 204 -3.76 -17.75 9.23
C TYR C 204 -5.22 -17.29 9.16
N ASP C 205 -5.46 -15.98 8.99
CA ASP C 205 -6.86 -15.50 8.94
C ASP C 205 -7.27 -15.35 7.47
N PHE C 206 -8.14 -16.24 6.98
CA PHE C 206 -8.55 -16.21 5.55
C PHE C 206 -9.46 -15.01 5.25
N LYS C 207 -9.85 -14.24 6.27
CA LYS C 207 -10.68 -13.03 6.03
C LYS C 207 -9.83 -11.75 6.14
N SER C 208 -8.54 -11.86 6.50
CA SER C 208 -7.72 -10.63 6.64
C SER C 208 -7.39 -10.00 5.27
N GLU C 209 -7.62 -8.69 5.15
CA GLU C 209 -7.29 -7.92 3.94
C GLU C 209 -6.12 -6.98 4.24
N ASN C 210 -5.44 -7.17 5.37
CA ASN C 210 -4.30 -6.27 5.71
C ASN C 210 -3.16 -6.47 4.69
N LEU C 211 -2.60 -5.36 4.23
CA LEU C 211 -1.47 -5.41 3.29
C LEU C 211 -0.15 -5.37 4.05
N TYR C 212 0.74 -6.31 3.73
CA TYR C 212 2.12 -6.38 4.32
C TYR C 212 3.13 -6.24 3.18
N PHE C 213 4.14 -5.40 3.35
CA PHE C 213 5.15 -5.23 2.27
C PHE C 213 6.12 -6.42 2.26
N ASN D 2 -24.25 32.09 11.37
CA ASN D 2 -23.28 31.04 11.05
C ASN D 2 -22.00 31.28 11.85
N PHE D 3 -21.66 30.35 12.77
CA PHE D 3 -20.46 30.48 13.64
C PHE D 3 -19.40 29.52 13.14
N PRO D 4 -18.36 30.01 12.43
CA PRO D 4 -17.37 29.15 11.80
C PRO D 4 -16.51 28.30 12.74
N GLN D 5 -16.44 28.65 14.03
CA GLN D 5 -15.67 27.82 15.00
C GLN D 5 -16.40 26.51 15.29
N LEU D 6 -17.69 26.41 14.96
CA LEU D 6 -18.51 25.23 15.35
C LEU D 6 -18.35 24.09 14.34
N SER D 7 -17.62 24.30 13.26
CA SER D 7 -17.38 23.25 12.24
C SER D 7 -15.87 22.94 12.21
N LYS D 8 -15.53 21.65 12.27
CA LYS D 8 -14.10 21.23 12.22
C LYS D 8 -13.57 21.35 10.78
N GLU D 9 -14.45 21.50 9.78
CA GLU D 9 -13.95 21.55 8.38
C GLU D 9 -13.43 22.95 8.04
N VAL D 10 -12.45 23.02 7.13
CA VAL D 10 -11.88 24.32 6.67
C VAL D 10 -12.76 24.80 5.50
N ALA D 11 -13.55 25.86 5.74
CA ALA D 11 -14.47 26.39 4.71
C ALA D 11 -13.66 26.98 3.56
N GLU D 12 -14.31 27.21 2.42
CA GLU D 12 -13.60 27.80 1.24
C GLU D 12 -12.98 29.14 1.62
N ASP D 13 -13.62 29.91 2.51
CA ASP D 13 -13.11 31.26 2.84
C ASP D 13 -12.19 31.22 4.07
N GLU D 14 -11.71 30.04 4.46
CA GLU D 14 -10.83 29.91 5.66
C GLU D 14 -9.44 29.44 5.22
N ALA D 15 -8.46 29.70 6.07
CA ALA D 15 -7.07 29.29 5.83
C ALA D 15 -6.70 28.22 6.86
N GLU D 16 -5.57 27.54 6.65
CA GLU D 16 -5.20 26.44 7.57
C GLU D 16 -3.69 26.40 7.75
N VAL D 17 -3.26 26.28 8.99
CA VAL D 17 -1.81 26.14 9.28
C VAL D 17 -1.62 24.98 10.25
N ILE D 18 -0.41 24.44 10.28
CA ILE D 18 -0.05 23.47 11.34
C ILE D 18 1.13 24.05 12.12
N LEU D 19 0.97 24.20 13.44
CA LEU D 19 2.10 24.62 14.30
C LEU D 19 2.89 23.35 14.61
N HIS D 20 4.09 23.20 14.06
CA HIS D 20 4.93 22.02 14.42
C HIS D 20 5.71 22.37 15.69
N THR D 21 5.20 21.97 16.85
CA THR D 21 5.86 22.30 18.14
C THR D 21 6.73 21.15 18.63
N SER D 22 7.60 21.45 19.61
CA SER D 22 8.49 20.43 20.22
C SER D 22 7.66 19.38 20.99
N GLN D 23 6.37 19.66 21.21
CA GLN D 23 5.42 18.76 21.93
C GLN D 23 4.42 18.13 20.96
N GLY D 24 4.51 18.46 19.66
CA GLY D 24 3.59 17.85 18.68
C GLY D 24 2.95 18.88 17.76
N ASP D 25 2.07 18.41 16.89
CA ASP D 25 1.41 19.28 15.88
C ASP D 25 0.07 19.82 16.36
N ILE D 26 -0.19 21.08 16.02
CA ILE D 26 -1.48 21.75 16.34
C ILE D 26 -2.01 22.26 15.01
N ARG D 27 -3.12 21.67 14.57
CA ARG D 27 -3.76 22.06 13.29
C ARG D 27 -4.77 23.16 13.58
N ILE D 28 -4.64 24.26 12.85
CA ILE D 28 -5.48 25.46 13.11
C ILE D 28 -6.12 25.98 11.82
N LYS D 29 -7.41 26.32 11.89
CA LYS D 29 -8.03 27.04 10.74
C LYS D 29 -8.13 28.51 11.13
N LEU D 30 -8.04 29.41 10.13
CA LEU D 30 -8.01 30.89 10.35
C LEU D 30 -9.20 31.56 9.66
N PHE D 31 -9.64 32.71 10.15
CA PHE D 31 -10.85 33.40 9.61
C PHE D 31 -10.48 34.75 8.98
N PRO D 32 -9.85 34.77 7.77
CA PRO D 32 -9.45 36.02 7.14
C PRO D 32 -10.61 36.98 6.78
N LYS D 33 -11.83 36.47 6.68
CA LYS D 33 -12.98 37.35 6.32
C LYS D 33 -13.49 38.08 7.57
N LEU D 34 -13.19 37.55 8.75
CA LEU D 34 -13.68 38.13 10.03
C LEU D 34 -12.57 38.90 10.74
N ALA D 35 -11.32 38.42 10.65
CA ALA D 35 -10.20 39.14 11.30
C ALA D 35 -9.08 39.27 10.27
N PRO D 36 -9.29 40.05 9.19
CA PRO D 36 -8.29 40.16 8.12
C PRO D 36 -6.90 40.62 8.57
N LEU D 37 -6.82 41.63 9.44
CA LEU D 37 -5.49 42.11 9.89
C LEU D 37 -4.79 41.00 10.68
N ALA D 38 -5.46 40.44 11.70
CA ALA D 38 -4.83 39.38 12.52
C ALA D 38 -4.38 38.19 11.65
N VAL D 39 -5.22 37.79 10.69
CA VAL D 39 -4.85 36.62 9.87
C VAL D 39 -3.70 36.98 8.92
N GLU D 40 -3.76 38.14 8.27
CA GLU D 40 -2.63 38.50 7.36
C GLU D 40 -1.32 38.59 8.17
N ASN D 41 -1.37 39.23 9.34
CA ASN D 41 -0.19 39.40 10.23
C ASN D 41 0.37 38.02 10.57
N PHE D 42 -0.51 37.12 10.98
CA PHE D 42 -0.10 35.77 11.41
C PHE D 42 0.50 34.98 10.24
N LEU D 43 -0.20 34.96 9.10
CA LEU D 43 0.30 34.17 7.94
C LEU D 43 1.60 34.75 7.40
N THR D 44 1.72 36.07 7.30
CA THR D 44 2.99 36.65 6.76
C THR D 44 4.13 36.31 7.72
N HIS D 45 3.92 36.50 9.02
CA HIS D 45 4.95 36.15 10.03
C HIS D 45 5.30 34.66 9.90
N ALA D 46 4.29 33.80 9.81
CA ALA D 46 4.53 32.34 9.69
C ALA D 46 5.42 32.04 8.46
N LYS D 47 5.05 32.59 7.31
CA LYS D 47 5.79 32.27 6.06
C LYS D 47 7.20 32.89 6.09
N GLU D 48 7.36 34.01 6.78
CA GLU D 48 8.69 34.68 6.82
C GLU D 48 9.59 34.04 7.88
N GLY D 49 9.04 33.10 8.68
CA GLY D 49 9.83 32.38 9.71
C GLY D 49 9.93 33.13 11.03
N TYR D 50 9.10 34.15 11.22
CA TYR D 50 9.14 35.01 12.44
C TYR D 50 8.93 34.19 13.72
N TYR D 51 8.11 33.15 13.66
CA TYR D 51 7.79 32.33 14.86
C TYR D 51 8.71 31.10 15.00
N ASN D 52 9.63 30.89 14.06
CA ASN D 52 10.55 29.72 14.17
C ASN D 52 11.39 29.86 15.45
N GLY D 53 11.31 28.87 16.34
CA GLY D 53 12.10 28.90 17.59
C GLY D 53 11.43 29.69 18.70
N ILE D 54 10.26 30.29 18.44
CA ILE D 54 9.61 31.07 19.53
C ILE D 54 9.00 30.08 20.53
N THR D 55 9.00 30.44 21.81
CA THR D 55 8.53 29.52 22.88
C THR D 55 7.11 29.82 23.35
N PHE D 56 6.50 28.84 24.02
CA PHE D 56 5.24 29.05 24.77
C PHE D 56 5.74 29.55 26.12
N HIS D 57 5.84 30.87 26.29
CA HIS D 57 6.50 31.47 27.47
C HIS D 57 5.59 31.50 28.70
N ARG D 58 4.30 31.27 28.52
CA ARG D 58 3.35 31.35 29.67
C ARG D 58 2.27 30.29 29.46
N VAL D 59 2.23 29.30 30.35
CA VAL D 59 1.26 28.17 30.22
C VAL D 59 0.47 28.03 31.52
N ILE D 60 -0.85 28.17 31.44
CA ILE D 60 -1.68 28.02 32.67
C ILE D 60 -2.75 26.97 32.39
N ASP D 61 -2.63 25.80 33.01
CA ASP D 61 -3.61 24.71 32.79
C ASP D 61 -4.97 25.21 33.30
N GLY D 62 -6.03 24.98 32.51
CA GLY D 62 -7.39 25.43 32.86
C GLY D 62 -7.65 26.86 32.39
N PHE D 63 -6.67 27.46 31.68
CA PHE D 63 -6.85 28.85 31.19
C PHE D 63 -6.41 28.94 29.73
N VAL D 65 -2.61 28.94 26.83
CA VAL D 65 -1.18 28.92 26.60
C VAL D 65 -0.85 30.13 25.71
N GLN D 66 0.20 30.86 26.05
CA GLN D 66 0.57 32.10 25.33
C GLN D 66 1.94 31.95 24.63
N THR D 67 2.06 32.50 23.43
CA THR D 67 3.32 32.39 22.65
C THR D 67 3.43 33.61 21.72
N GLY D 68 4.39 33.56 20.78
CA GLY D 68 4.53 34.60 19.76
C GLY D 68 5.42 35.78 20.15
N ASP D 69 6.18 35.66 21.24
CA ASP D 69 7.07 36.78 21.66
C ASP D 69 8.54 36.40 21.44
N PRO D 70 9.25 37.08 20.52
CA PRO D 70 10.68 36.85 20.32
C PRO D 70 11.49 37.09 21.59
N LYS D 71 11.05 38.02 22.46
CA LYS D 71 11.78 38.30 23.73
C LYS D 71 11.51 37.19 24.73
N GLY D 72 10.48 36.38 24.50
CA GLY D 72 10.13 35.22 25.35
C GLY D 72 9.71 35.59 26.76
N ASP D 73 9.23 36.81 27.00
CA ASP D 73 8.84 37.20 28.39
C ASP D 73 7.48 37.90 28.41
N GLY D 74 6.82 38.04 27.25
CA GLY D 74 5.49 38.65 27.15
C GLY D 74 5.54 40.15 26.89
N THR D 75 6.71 40.73 26.64
CA THR D 75 6.81 42.20 26.45
C THR D 75 7.24 42.56 25.02
N GLY D 76 7.47 41.57 24.15
CA GLY D 76 7.97 41.93 22.80
C GLY D 76 7.05 41.52 21.67
N GLY D 77 7.58 41.58 20.46
CA GLY D 77 6.82 41.22 19.25
C GLY D 77 6.24 42.44 18.58
N GLN D 78 6.16 42.38 17.25
CA GLN D 78 5.65 43.51 16.43
C GLN D 78 4.83 42.97 15.27
N SER D 79 3.90 43.78 14.77
CA SER D 79 3.08 43.42 13.61
C SER D 79 3.94 43.57 12.35
N ILE D 80 3.46 43.00 11.26
CA ILE D 80 4.17 43.10 9.95
C ILE D 80 4.10 44.55 9.44
N TRP D 81 3.31 45.40 10.10
CA TRP D 81 3.14 46.81 9.63
C TRP D 81 3.95 47.80 10.46
N HIS D 82 4.63 47.32 11.51
CA HIS D 82 5.43 48.23 12.38
C HIS D 82 6.47 48.98 11.52
N ASP D 83 6.52 50.32 11.61
CA ASP D 83 7.49 51.15 10.80
C ASP D 83 7.21 51.04 9.29
N LYS D 84 6.28 50.19 8.86
CA LYS D 84 6.06 49.95 7.40
C LYS D 84 4.77 50.61 6.90
N ASP D 85 3.67 50.53 7.66
CA ASP D 85 2.38 51.15 7.23
C ASP D 85 1.65 51.76 8.44
N LYS D 86 1.69 53.08 8.55
CA LYS D 86 1.07 53.85 9.67
C LYS D 86 -0.46 53.79 9.65
N THR D 87 -1.09 53.44 8.53
CA THR D 87 -2.57 53.35 8.53
C THR D 87 -3.00 52.06 9.23
N LYS D 88 -2.03 51.18 9.55
CA LYS D 88 -2.34 49.87 10.19
C LYS D 88 -1.62 49.72 11.53
N ASP D 89 -0.43 50.30 11.69
CA ASP D 89 0.33 50.19 12.97
C ASP D 89 1.12 51.50 13.19
N LYS D 90 0.68 52.31 14.16
CA LYS D 90 1.27 53.63 14.49
C LYS D 90 2.47 53.45 15.42
N GLY D 91 2.80 52.22 15.82
CA GLY D 91 3.99 51.97 16.66
C GLY D 91 3.74 50.97 17.78
N THR D 92 2.50 50.88 18.27
CA THR D 92 2.16 50.03 19.42
C THR D 92 1.47 48.73 18.96
N GLY D 93 1.12 48.62 17.68
CA GLY D 93 0.40 47.44 17.16
C GLY D 93 -0.82 47.83 16.33
N PHE D 94 -1.61 46.84 15.90
CA PHE D 94 -2.82 47.10 15.06
C PHE D 94 -4.09 46.93 15.89
N LYS D 95 -5.20 47.40 15.32
CA LYS D 95 -6.51 47.45 16.01
C LYS D 95 -7.09 46.05 16.26
N ASN D 96 -7.90 45.97 17.31
CA ASN D 96 -8.69 44.76 17.64
C ASN D 96 -9.80 44.65 16.61
N GLU D 97 -10.02 43.45 16.08
CA GLU D 97 -11.15 43.16 15.16
C GLU D 97 -12.15 42.32 15.96
N ILE D 98 -13.07 42.99 16.64
CA ILE D 98 -14.08 42.25 17.45
C ILE D 98 -15.28 41.97 16.55
N THR D 99 -15.77 40.73 16.58
CA THR D 99 -16.90 40.27 15.75
C THR D 99 -17.87 39.48 16.62
N PRO D 100 -19.20 39.60 16.39
CA PRO D 100 -20.17 38.79 17.12
C PRO D 100 -20.20 37.33 16.62
N TYR D 101 -19.28 36.97 15.72
CA TYR D 101 -19.24 35.60 15.14
C TYR D 101 -18.07 34.76 15.67
N LEU D 102 -17.16 35.35 16.48
CA LEU D 102 -15.99 34.58 17.03
C LEU D 102 -15.87 34.79 18.54
N TYR D 103 -15.53 33.72 19.26
CA TYR D 103 -15.47 33.73 20.74
C TYR D 103 -14.29 32.93 21.25
N ASN D 104 -13.91 33.24 22.50
CA ASN D 104 -12.77 32.60 23.20
C ASN D 104 -13.22 31.25 23.80
N ILE D 105 -13.86 30.43 22.98
CA ILE D 105 -14.22 29.04 23.40
C ILE D 105 -12.91 28.23 23.45
N ARG D 106 -12.93 27.06 24.09
CA ARG D 106 -11.73 26.19 24.07
C ARG D 106 -11.29 25.97 22.61
N GLY D 107 -9.99 26.11 22.34
CA GLY D 107 -9.41 25.90 20.99
C GLY D 107 -9.32 27.18 20.19
N ALA D 108 -9.95 28.27 20.64
CA ALA D 108 -9.89 29.54 19.89
C ALA D 108 -8.51 30.18 20.02
N LEU D 109 -8.00 30.69 18.89
CA LEU D 109 -6.71 31.40 18.78
C LEU D 109 -7.05 32.90 18.79
N ALA D 110 -6.45 33.65 19.72
CA ALA D 110 -6.72 35.10 19.83
C ALA D 110 -5.43 35.87 20.05
N ALA D 112 -3.05 38.47 21.97
CA ALA D 112 -2.87 38.86 23.37
C ALA D 112 -3.08 40.37 23.55
N ASN D 113 -2.10 41.18 23.17
CA ASN D 113 -2.17 42.67 23.25
C ASN D 113 -2.06 43.12 24.73
N THR D 114 -2.02 44.43 24.99
CA THR D 114 -1.77 44.94 26.36
C THR D 114 -3.08 45.33 27.07
N GLY D 115 -4.23 45.08 26.47
CA GLY D 115 -5.51 45.51 27.08
C GLY D 115 -5.84 46.94 26.66
N GLN D 116 -4.88 47.63 26.02
CA GLN D 116 -5.10 49.01 25.50
C GLN D 116 -5.38 48.90 24.01
N PRO D 117 -6.08 49.88 23.39
CA PRO D 117 -6.38 49.80 21.96
C PRO D 117 -5.10 49.83 21.12
N ASN D 118 -5.16 49.24 19.92
CA ASN D 118 -4.04 49.23 18.93
C ASN D 118 -2.76 48.63 19.52
N THR D 119 -2.85 47.48 20.20
CA THR D 119 -1.61 46.88 20.77
C THR D 119 -1.46 45.43 20.30
N ASN D 120 -2.15 45.04 19.23
CA ASN D 120 -1.92 43.67 18.68
C ASN D 120 -0.59 43.69 17.94
N GLY D 121 0.34 42.78 18.28
CA GLY D 121 1.65 42.75 17.63
C GLY D 121 1.89 41.41 16.95
N SER D 122 2.50 40.49 17.69
CA SER D 122 2.74 39.12 17.20
C SER D 122 2.27 38.10 18.25
N GLN D 123 2.12 38.54 19.50
CA GLN D 123 1.77 37.57 20.57
C GLN D 123 0.32 37.09 20.45
N PHE D 124 0.13 35.79 20.62
CA PHE D 124 -1.22 35.18 20.54
C PHE D 124 -1.31 34.09 21.59
N PHE D 125 -2.53 33.65 21.84
CA PHE D 125 -2.74 32.56 22.84
C PHE D 125 -3.82 31.63 22.30
N ILE D 126 -3.86 30.44 22.87
CA ILE D 126 -4.88 29.41 22.55
C ILE D 126 -5.65 29.16 23.84
N ASN D 127 -6.96 29.38 23.79
CA ASN D 127 -7.88 29.11 24.94
C ASN D 127 -7.84 27.61 25.20
N GLN D 128 -7.61 27.21 26.46
CA GLN D 128 -7.40 25.79 26.81
C GLN D 128 -8.38 25.35 27.92
N ASN D 129 -9.01 26.30 28.58
CA ASN D 129 -10.01 26.00 29.65
C ASN D 129 -10.99 24.93 29.17
N SER D 130 -11.26 23.91 30.00
CA SER D 130 -12.21 22.82 29.63
C SER D 130 -13.36 22.72 30.65
N THR D 131 -13.62 23.78 31.41
CA THR D 131 -14.71 23.79 32.42
C THR D 131 -15.94 24.52 31.87
N ASP D 132 -17.13 23.98 32.16
CA ASP D 132 -18.42 24.56 31.70
C ASP D 132 -18.91 25.66 32.66
N THR D 133 -18.74 26.93 32.30
CA THR D 133 -19.30 28.06 33.11
C THR D 133 -20.34 28.79 32.25
N SER D 134 -20.89 28.08 31.25
CA SER D 134 -21.84 28.66 30.27
C SER D 134 -23.10 29.22 30.97
N SER D 135 -23.48 28.68 32.13
CA SER D 135 -24.71 29.12 32.84
C SER D 135 -24.61 30.60 33.26
N LYS D 136 -23.39 31.12 33.37
CA LYS D 136 -23.15 32.51 33.82
C LYS D 136 -23.19 33.47 32.63
N LEU D 137 -23.31 32.96 31.39
CA LEU D 137 -23.28 33.85 30.20
C LEU D 137 -24.63 34.55 30.03
N PRO D 138 -24.63 35.90 29.92
CA PRO D 138 -25.89 36.63 29.73
C PRO D 138 -26.47 36.33 28.35
N THR D 139 -27.73 35.89 28.31
CA THR D 139 -28.43 35.52 27.04
C THR D 139 -28.66 36.76 26.17
N SER D 140 -28.52 37.96 26.72
CA SER D 140 -28.74 39.21 25.93
C SER D 140 -27.51 39.48 25.05
N LYS D 141 -26.35 38.92 25.41
CA LYS D 141 -25.10 39.17 24.65
C LYS D 141 -24.63 37.91 23.91
N TYR D 142 -24.92 36.71 24.46
CA TYR D 142 -24.44 35.46 23.80
C TYR D 142 -25.55 34.70 23.10
N PRO D 143 -25.37 34.34 21.81
CA PRO D 143 -26.33 33.50 21.09
C PRO D 143 -26.36 32.11 21.75
N GLN D 144 -27.49 31.40 21.69
CA GLN D 144 -27.63 30.06 22.34
C GLN D 144 -26.59 29.07 21.77
N LYS D 145 -26.35 29.09 20.45
N LYS D 145 -26.33 29.12 20.45
CA LYS D 145 -25.33 28.20 19.82
CA LYS D 145 -25.34 28.18 19.83
C LYS D 145 -23.97 28.36 20.53
C LYS D 145 -23.96 28.37 20.50
N ILE D 146 -23.61 29.60 20.86
CA ILE D 146 -22.31 29.92 21.53
C ILE D 146 -22.39 29.52 23.01
N ILE D 147 -23.53 29.73 23.68
CA ILE D 147 -23.68 29.25 25.08
C ILE D 147 -23.43 27.74 25.10
N GLU D 148 -24.01 27.01 24.15
CA GLU D 148 -23.82 25.54 24.09
C GLU D 148 -22.34 25.21 23.85
N ALA D 149 -21.68 25.92 22.92
CA ALA D 149 -20.26 25.69 22.61
C ALA D 149 -19.40 25.91 23.86
N TYR D 150 -19.72 26.93 24.64
CA TYR D 150 -18.92 27.22 25.87
C TYR D 150 -19.05 26.09 26.90
N LYS D 151 -19.98 25.15 26.72
CA LYS D 151 -20.10 24.01 27.68
C LYS D 151 -18.83 23.14 27.62
N GLU D 152 -18.08 23.18 26.51
CA GLU D 152 -16.82 22.39 26.41
C GLU D 152 -15.66 23.21 26.98
N GLY D 153 -15.92 24.45 27.40
CA GLY D 153 -14.86 25.26 28.03
C GLY D 153 -14.56 26.53 27.26
N GLY D 154 -13.85 27.44 27.91
CA GLY D 154 -13.47 28.70 27.27
C GLY D 154 -13.24 29.78 28.31
N ASN D 155 -12.89 30.98 27.83
CA ASN D 155 -12.57 32.14 28.70
C ASN D 155 -13.42 33.32 28.22
N PRO D 156 -14.74 33.30 28.53
CA PRO D 156 -15.65 34.33 28.06
C PRO D 156 -15.30 35.75 28.49
N SER D 157 -14.55 35.89 29.61
CA SER D 157 -14.14 37.23 30.08
C SER D 157 -13.16 37.85 29.07
N LEU D 158 -12.66 37.05 28.12
CA LEU D 158 -11.68 37.58 27.12
C LEU D 158 -12.40 38.11 25.88
N ASP D 159 -13.70 37.78 25.74
CA ASP D 159 -14.48 38.21 24.54
C ASP D 159 -14.58 39.75 24.53
N GLY D 160 -14.36 40.36 23.36
CA GLY D 160 -14.44 41.83 23.25
C GLY D 160 -13.15 42.55 23.65
N LYS D 161 -12.16 41.84 24.21
CA LYS D 161 -10.87 42.44 24.62
C LYS D 161 -9.74 41.81 23.81
N HIS D 162 -9.89 40.55 23.42
CA HIS D 162 -8.87 39.81 22.63
C HIS D 162 -9.51 39.35 21.33
N PRO D 163 -9.02 39.81 20.17
CA PRO D 163 -9.61 39.42 18.88
C PRO D 163 -9.28 37.97 18.51
N VAL D 164 -10.33 37.19 18.26
CA VAL D 164 -10.23 35.76 17.86
C VAL D 164 -9.96 35.74 16.35
N PHE D 165 -9.05 34.88 15.89
CA PHE D 165 -8.71 34.87 14.45
C PHE D 165 -8.53 33.43 13.96
N GLY D 166 -8.69 32.45 14.85
CA GLY D 166 -8.51 31.04 14.43
C GLY D 166 -9.11 30.05 15.41
N GLN D 167 -9.07 28.77 15.06
CA GLN D 167 -9.65 27.70 15.90
C GLN D 167 -8.83 26.41 15.73
N VAL D 168 -8.44 25.80 16.84
CA VAL D 168 -7.72 24.50 16.75
C VAL D 168 -8.73 23.47 16.25
N ILE D 169 -8.36 22.71 15.21
CA ILE D 169 -9.26 21.66 14.66
C ILE D 169 -8.54 20.32 14.78
N GLY D 170 -7.32 20.32 15.32
CA GLY D 170 -6.54 19.08 15.52
C GLY D 170 -5.39 19.31 16.48
N GLY D 171 -5.07 18.32 17.32
CA GLY D 171 -3.94 18.51 18.23
C GLY D 171 -4.30 19.25 19.52
N ASP D 173 -4.92 17.83 22.10
CA ASP D 173 -4.22 17.04 23.10
C ASP D 173 -2.81 17.63 23.30
N VAL D 174 -2.24 18.17 22.23
CA VAL D 174 -0.88 18.80 22.30
C VAL D 174 -1.00 20.10 23.09
N VAL D 175 -2.07 20.87 22.87
CA VAL D 175 -2.28 22.14 23.61
C VAL D 175 -2.41 21.80 25.11
N ASP D 176 -3.11 20.70 25.44
CA ASP D 176 -3.28 20.28 26.86
C ASP D 176 -1.92 19.88 27.45
N LYS D 177 -1.13 19.10 26.71
CA LYS D 177 0.23 18.69 27.19
C LYS D 177 1.07 19.95 27.47
N ILE D 178 1.04 20.93 26.56
CA ILE D 178 1.79 22.21 26.73
C ILE D 178 1.29 22.91 28.01
N ALA D 179 -0.03 22.98 28.18
CA ALA D 179 -0.62 23.72 29.33
C ALA D 179 -0.20 23.08 30.66
N LYS D 180 0.03 21.77 30.69
CA LYS D 180 0.37 21.04 31.95
C LYS D 180 1.89 20.90 32.16
N ALA D 181 2.72 21.51 31.30
CA ALA D 181 4.18 21.36 31.43
C ALA D 181 4.69 21.91 32.77
N GLU D 182 5.76 21.31 33.30
CA GLU D 182 6.36 21.82 34.55
C GLU D 182 6.81 23.26 34.26
N LYS D 183 6.63 24.15 35.24
CA LYS D 183 6.94 25.59 35.01
C LYS D 183 7.28 26.27 36.33
N ASP D 184 7.75 27.52 36.24
CA ASP D 184 8.09 28.32 37.47
C ASP D 184 6.82 29.07 37.91
N GLU D 185 6.95 30.01 38.85
CA GLU D 185 5.77 30.74 39.39
C GLU D 185 5.34 31.88 38.44
N LYS D 186 6.05 32.09 37.34
CA LYS D 186 5.57 33.08 36.33
C LYS D 186 4.92 32.29 35.19
N ASP D 187 4.80 30.98 35.36
CA ASP D 187 4.14 30.04 34.42
C ASP D 187 5.03 29.82 33.19
N LYS D 188 6.34 30.00 33.32
CA LYS D 188 7.30 29.77 32.21
C LYS D 188 7.77 28.32 32.25
N PRO D 189 7.51 27.50 31.21
CA PRO D 189 7.97 26.11 31.22
C PRO D 189 9.44 25.98 31.63
N THR D 190 9.75 24.98 32.46
CA THR D 190 11.15 24.71 32.90
C THR D 190 11.95 24.29 31.67
N THR D 191 11.35 23.45 30.82
CA THR D 191 12.01 23.02 29.56
C THR D 191 11.29 23.72 28.41
N ALA D 192 12.04 24.50 27.64
CA ALA D 192 11.48 25.30 26.51
C ALA D 192 10.58 24.44 25.62
N ILE D 193 9.39 24.97 25.35
CA ILE D 193 8.42 24.37 24.39
C ILE D 193 8.42 25.34 23.21
N THR D 194 8.85 24.86 22.05
CA THR D 194 9.05 25.77 20.92
C THR D 194 8.15 25.44 19.72
N ILE D 195 7.90 26.49 18.94
CA ILE D 195 7.29 26.37 17.59
C ILE D 195 8.51 26.16 16.69
N ASP D 196 8.71 24.93 16.22
CA ASP D 196 9.88 24.64 15.37
C ASP D 196 9.63 25.25 13.99
N SER D 197 8.40 25.10 13.50
CA SER D 197 8.04 25.66 12.17
C SER D 197 6.53 25.78 12.09
N ILE D 198 6.05 26.56 11.12
CA ILE D 198 4.59 26.64 10.86
C ILE D 198 4.40 26.25 9.39
N GLU D 199 3.61 25.21 9.17
CA GLU D 199 3.31 24.75 7.79
C GLU D 199 2.05 25.48 7.35
N VAL D 200 2.11 26.24 6.25
CA VAL D 200 0.86 26.86 5.74
C VAL D 200 0.25 25.85 4.76
N VAL D 201 -0.74 25.09 5.25
CA VAL D 201 -1.47 24.07 4.44
C VAL D 201 -2.35 24.74 3.40
N LYS D 202 -3.11 25.76 3.82
CA LYS D 202 -3.99 26.52 2.89
C LYS D 202 -3.75 28.01 3.17
N ASP D 203 -3.17 28.70 2.20
CA ASP D 203 -2.83 30.14 2.38
C ASP D 203 -4.04 30.98 1.98
N TYR D 204 -3.93 32.29 2.15
CA TYR D 204 -5.04 33.19 1.77
C TYR D 204 -4.47 34.40 1.02
N ASP D 205 -5.12 34.79 -0.08
CA ASP D 205 -4.66 35.98 -0.84
C ASP D 205 -5.58 37.14 -0.46
N PHE D 206 -5.04 38.18 0.17
CA PHE D 206 -5.88 39.31 0.67
C PHE D 206 -6.31 40.23 -0.48
N LYS D 207 -5.85 39.96 -1.69
CA LYS D 207 -6.27 40.73 -2.89
C LYS D 207 -7.47 40.04 -3.55
N SER D 208 -7.85 38.86 -3.06
CA SER D 208 -8.95 38.07 -3.69
C SER D 208 -10.30 38.75 -3.53
N GLU D 209 -11.07 38.81 -4.62
CA GLU D 209 -12.43 39.40 -4.61
C GLU D 209 -13.45 38.28 -4.81
N ASN D 210 -13.02 37.04 -4.64
CA ASN D 210 -13.92 35.89 -4.80
C ASN D 210 -15.05 35.97 -3.78
N LEU D 211 -16.26 35.57 -4.18
CA LEU D 211 -17.42 35.50 -3.25
C LEU D 211 -17.65 34.03 -2.90
N TYR D 212 -17.97 33.77 -1.64
CA TYR D 212 -18.18 32.38 -1.16
C TYR D 212 -19.61 32.21 -0.64
N PHE D 213 -20.28 31.15 -1.11
CA PHE D 213 -21.67 30.83 -0.69
C PHE D 213 -21.61 30.37 0.78
N GLN D 214 -22.50 30.89 1.63
CA GLN D 214 -22.52 30.50 3.07
C GLN D 214 -23.84 29.80 3.41
N ASN E 2 31.97 34.66 -14.18
CA ASN E 2 31.23 33.56 -13.60
C ASN E 2 29.93 33.36 -14.42
N PHE E 3 29.75 32.18 -15.00
CA PHE E 3 28.51 31.89 -15.79
C PHE E 3 27.66 30.94 -14.95
N PRO E 4 26.59 31.46 -14.31
CA PRO E 4 25.81 30.67 -13.37
C PRO E 4 25.09 29.47 -13.99
N GLN E 5 24.95 29.41 -15.33
CA GLN E 5 24.27 28.24 -15.95
C GLN E 5 25.20 27.02 -16.00
N LEU E 6 26.51 27.23 -15.88
CA LEU E 6 27.47 26.12 -16.04
C LEU E 6 27.67 25.29 -14.77
N SER E 7 26.88 25.55 -13.72
CA SER E 7 27.02 24.72 -12.49
C SER E 7 25.63 24.26 -12.06
N LYS E 8 25.49 22.98 -11.67
CA LYS E 8 24.17 22.51 -11.19
C LYS E 8 23.92 23.01 -9.76
N GLU E 9 24.94 23.54 -9.08
CA GLU E 9 24.70 24.02 -7.69
C GLU E 9 23.79 25.25 -7.70
N VAL E 10 22.77 25.25 -6.85
CA VAL E 10 21.91 26.45 -6.70
C VAL E 10 22.67 27.39 -5.76
N ALA E 11 23.23 28.48 -6.30
CA ALA E 11 24.05 29.43 -5.51
C ALA E 11 23.20 30.11 -4.45
N GLU E 12 23.84 30.78 -3.50
N GLU E 12 23.85 30.80 -3.52
CA GLU E 12 23.09 31.48 -2.42
CA GLU E 12 23.15 31.50 -2.41
C GLU E 12 22.14 32.52 -3.02
C GLU E 12 22.21 32.57 -2.97
N ASP E 13 22.53 33.17 -4.13
CA ASP E 13 21.68 34.24 -4.73
C ASP E 13 20.80 33.69 -5.85
N GLU E 14 20.55 32.39 -5.87
CA GLU E 14 19.70 31.79 -6.92
C GLU E 14 18.45 31.21 -6.26
N ALA E 15 17.42 30.93 -7.06
CA ALA E 15 16.18 30.32 -6.52
C ALA E 15 16.01 28.98 -7.25
N GLU E 16 15.09 28.13 -6.80
CA GLU E 16 14.95 26.81 -7.46
C GLU E 16 13.50 26.34 -7.41
N VAL E 17 12.99 25.89 -8.54
CA VAL E 17 11.59 25.36 -8.56
C VAL E 17 11.59 24.02 -9.27
N ILE E 18 10.49 23.29 -9.06
CA ILE E 18 10.29 22.03 -9.80
C ILE E 18 8.96 22.14 -10.52
N LEU E 19 8.99 22.01 -11.84
CA LEU E 19 7.73 21.92 -12.62
C LEU E 19 7.26 20.46 -12.49
N HIS E 20 6.17 20.21 -11.78
CA HIS E 20 5.60 18.84 -11.72
C HIS E 20 4.68 18.72 -12.94
N THR E 21 5.19 18.16 -14.03
CA THR E 21 4.35 18.08 -15.26
C THR E 21 3.68 16.70 -15.35
N SER E 22 2.73 16.59 -16.27
CA SER E 22 2.00 15.30 -16.48
C SER E 22 2.97 14.25 -17.04
N GLN E 23 4.17 14.68 -17.46
CA GLN E 23 5.15 13.72 -18.03
C GLN E 23 6.42 13.64 -17.17
N GLY E 24 6.41 14.18 -15.95
CA GLY E 24 7.59 14.08 -15.08
C GLY E 24 8.01 15.43 -14.50
N ASP E 25 9.04 15.37 -13.64
CA ASP E 25 9.51 16.58 -12.93
C ASP E 25 10.69 17.24 -13.67
N ILE E 26 10.66 18.56 -13.76
CA ILE E 26 11.76 19.37 -14.38
C ILE E 26 12.27 20.32 -13.29
N ARG E 27 13.51 20.13 -12.85
CA ARG E 27 14.12 20.96 -11.77
C ARG E 27 14.81 22.15 -12.42
N ILE E 28 14.50 23.38 -11.96
CA ILE E 28 15.05 24.59 -12.62
C ILE E 28 15.63 25.56 -11.59
N LYS E 29 16.83 26.06 -11.87
CA LYS E 29 17.33 27.14 -10.99
C LYS E 29 17.08 28.46 -11.71
N LEU E 30 16.88 29.51 -10.93
CA LEU E 30 16.52 30.86 -11.46
C LEU E 30 17.60 31.86 -11.04
N PHE E 31 17.74 32.94 -11.82
CA PHE E 31 18.81 33.96 -11.59
C PHE E 31 18.21 35.33 -11.26
N PRO E 32 17.65 35.56 -10.06
CA PRO E 32 17.05 36.86 -9.73
C PRO E 32 18.00 38.08 -9.75
N LYS E 33 19.30 37.88 -9.55
CA LYS E 33 20.26 39.02 -9.63
C LYS E 33 20.54 39.44 -11.08
N LEU E 34 20.34 38.55 -12.05
CA LEU E 34 20.63 38.85 -13.48
C LEU E 34 19.35 39.19 -14.26
N ALA E 35 18.21 38.59 -13.91
CA ALA E 35 16.93 38.86 -14.62
C ALA E 35 15.87 39.11 -13.55
N PRO E 36 16.00 40.21 -12.78
CA PRO E 36 15.10 40.49 -11.67
C PRO E 36 13.61 40.49 -12.04
N LEU E 37 13.27 41.17 -13.13
CA LEU E 37 11.83 41.25 -13.52
C LEU E 37 11.35 39.86 -13.92
N ALA E 38 12.08 39.17 -14.79
CA ALA E 38 11.62 37.85 -15.28
C ALA E 38 11.51 36.85 -14.11
N VAL E 39 12.47 36.83 -13.19
CA VAL E 39 12.36 35.83 -12.08
C VAL E 39 11.23 36.22 -11.12
N GLU E 40 11.09 37.49 -10.76
CA GLU E 40 10.00 37.86 -9.82
C GLU E 40 8.66 37.54 -10.47
N ASN E 41 8.54 37.87 -11.75
CA ASN E 41 7.29 37.59 -12.50
C ASN E 41 7.03 36.08 -12.45
N PHE E 42 8.04 35.30 -12.80
CA PHE E 42 7.85 33.82 -12.87
C PHE E 42 7.52 33.25 -11.49
N LEU E 43 8.31 33.59 -10.47
CA LEU E 43 8.09 33.02 -9.10
C LEU E 43 6.73 33.42 -8.54
N THR E 44 6.36 34.70 -8.70
CA THR E 44 5.07 35.19 -8.16
C THR E 44 3.94 34.46 -8.88
N HIS E 45 4.02 34.38 -10.22
CA HIS E 45 2.97 33.62 -10.95
C HIS E 45 2.96 32.18 -10.43
N ALA E 46 4.13 31.56 -10.28
CA ALA E 46 4.17 30.15 -9.83
C ALA E 46 3.48 29.99 -8.46
N LYS E 47 3.81 30.84 -7.50
CA LYS E 47 3.26 30.72 -6.13
C LYS E 47 1.77 31.12 -6.10
N GLU E 48 1.31 31.94 -7.05
CA GLU E 48 -0.12 32.34 -7.09
C GLU E 48 -0.93 31.27 -7.83
N GLY E 49 -0.25 30.26 -8.38
CA GLY E 49 -0.94 29.14 -9.08
C GLY E 49 -1.31 29.46 -10.52
N TYR E 50 -0.76 30.54 -11.09
CA TYR E 50 -1.06 31.00 -12.47
C TYR E 50 -0.75 29.93 -13.52
N TYR E 51 0.30 29.14 -13.29
CA TYR E 51 0.71 28.10 -14.29
C TYR E 51 0.05 26.74 -13.97
N ASN E 52 -0.70 26.64 -12.87
CA ASN E 52 -1.36 25.35 -12.54
C ASN E 52 -2.35 25.02 -13.65
N GLY E 53 -2.20 23.85 -14.27
CA GLY E 53 -3.08 23.43 -15.37
C GLY E 53 -2.67 24.00 -16.72
N ILE E 54 -1.69 24.89 -16.78
CA ILE E 54 -1.26 25.46 -18.10
C ILE E 54 -0.52 24.38 -18.89
N THR E 55 -0.64 24.42 -20.21
CA THR E 55 -0.05 23.37 -21.08
C THR E 55 1.21 23.81 -21.80
N PHE E 56 1.96 22.83 -22.31
CA PHE E 56 3.08 23.06 -23.26
C PHE E 56 2.34 23.06 -24.60
N HIS E 57 1.93 24.25 -25.04
CA HIS E 57 1.05 24.38 -26.23
C HIS E 57 1.82 24.27 -27.56
N ARG E 58 3.15 24.31 -27.54
CA ARG E 58 3.94 24.26 -28.81
C ARG E 58 5.28 23.61 -28.53
N VAL E 59 5.57 22.52 -29.23
CA VAL E 59 6.81 21.72 -29.04
C VAL E 59 7.45 21.52 -30.41
N ILE E 60 8.73 21.86 -30.53
CA ILE E 60 9.53 21.65 -31.78
C ILE E 60 10.80 20.90 -31.39
N ASP E 61 10.82 19.58 -31.64
CA ASP E 61 12.00 18.74 -31.29
C ASP E 61 13.22 19.31 -32.01
N GLY E 62 14.35 19.42 -31.29
CA GLY E 62 15.59 19.98 -31.86
C GLY E 62 15.62 21.49 -31.75
N PHE E 63 14.62 22.09 -31.10
CA PHE E 63 14.58 23.58 -30.96
C PHE E 63 14.19 23.95 -29.53
N VAL E 65 10.55 24.00 -26.41
CA VAL E 65 9.17 23.73 -26.02
C VAL E 65 8.68 24.99 -25.31
N GLN E 66 7.46 25.46 -25.60
CA GLN E 66 6.99 26.70 -24.91
C GLN E 66 5.67 26.44 -24.18
N THR E 67 5.43 27.27 -23.17
CA THR E 67 4.28 27.10 -22.26
C THR E 67 3.98 28.45 -21.62
N GLY E 68 3.17 28.45 -20.55
CA GLY E 68 2.90 29.68 -19.78
C GLY E 68 1.78 30.52 -20.36
N ASP E 69 1.03 29.99 -21.33
CA ASP E 69 -0.11 30.76 -21.92
C ASP E 69 -1.45 30.25 -21.37
N PRO E 70 -2.16 31.03 -20.53
CA PRO E 70 -3.46 30.59 -20.03
C PRO E 70 -4.46 30.30 -21.17
N LYS E 71 -4.24 30.89 -22.35
CA LYS E 71 -5.15 30.68 -23.53
C LYS E 71 -4.74 29.42 -24.29
N GLY E 72 -3.49 28.96 -24.13
CA GLY E 72 -3.00 27.72 -24.77
C GLY E 72 -2.81 27.80 -26.27
N ASP E 73 -2.62 29.00 -26.85
CA ASP E 73 -2.41 29.12 -28.32
C ASP E 73 -1.21 30.04 -28.63
N GLY E 74 -0.58 30.63 -27.61
CA GLY E 74 0.60 31.51 -27.81
C GLY E 74 0.22 32.99 -27.88
N THR E 75 -1.05 33.34 -27.68
CA THR E 75 -1.51 34.75 -27.79
C THR E 75 -1.80 35.36 -26.41
N GLY E 76 -1.80 34.58 -25.34
CA GLY E 76 -2.23 35.13 -24.04
C GLY E 76 -1.13 35.25 -22.99
N GLY E 77 -1.58 35.51 -21.75
CA GLY E 77 -0.70 35.65 -20.59
C GLY E 77 -0.38 37.11 -20.32
N GLN E 78 -0.19 37.46 -19.06
CA GLN E 78 0.17 38.85 -18.69
C GLN E 78 1.20 38.79 -17.56
N SER E 79 1.99 39.85 -17.40
CA SER E 79 2.95 39.90 -16.29
C SER E 79 2.19 40.21 -14.99
N ILE E 80 2.84 40.01 -13.86
CA ILE E 80 2.22 40.30 -12.53
C ILE E 80 2.03 41.82 -12.36
N TRP E 81 2.54 42.62 -13.30
CA TRP E 81 2.44 44.11 -13.19
C TRP E 81 1.36 44.65 -14.13
N HIS E 82 0.78 43.80 -14.98
CA HIS E 82 -0.28 44.26 -15.91
C HIS E 82 -1.44 44.81 -15.09
N ASP E 83 -1.73 46.12 -15.22
CA ASP E 83 -2.82 46.77 -14.45
C ASP E 83 -2.45 46.84 -12.97
N LYS E 84 -1.23 47.28 -12.66
CA LYS E 84 -0.75 47.48 -11.26
C LYS E 84 0.40 48.50 -11.22
N ASP E 85 1.38 48.34 -12.10
CA ASP E 85 2.57 49.25 -12.10
C ASP E 85 2.98 49.49 -13.55
N LYS E 86 2.54 50.61 -14.12
CA LYS E 86 2.82 50.98 -15.53
C LYS E 86 4.32 51.26 -15.72
N THR E 87 5.08 51.43 -14.64
CA THR E 87 6.54 51.66 -14.78
C THR E 87 7.22 50.34 -15.14
N LYS E 88 6.51 49.22 -14.94
CA LYS E 88 7.09 47.88 -15.27
C LYS E 88 6.34 47.27 -16.45
N ASP E 89 5.02 47.48 -16.54
CA ASP E 89 4.21 46.91 -17.65
C ASP E 89 3.17 47.96 -18.09
N LYS E 90 3.48 48.68 -19.17
CA LYS E 90 2.58 49.74 -19.72
C LYS E 90 1.35 49.13 -20.40
N GLY E 91 1.31 47.80 -20.52
CA GLY E 91 0.12 47.14 -21.11
C GLY E 91 0.46 45.94 -21.97
N THR E 92 1.67 45.87 -22.55
CA THR E 92 2.04 44.77 -23.48
C THR E 92 3.03 43.80 -22.83
N GLY E 93 3.54 44.15 -21.64
CA GLY E 93 4.52 43.29 -20.93
C GLY E 93 5.67 44.11 -20.39
N PHE E 94 6.67 43.42 -19.81
CA PHE E 94 7.87 44.10 -19.24
C PHE E 94 9.06 43.96 -20.19
N LYS E 95 10.11 44.72 -19.88
CA LYS E 95 11.30 44.87 -20.76
C LYS E 95 12.20 43.64 -20.76
N ASN E 96 12.89 43.45 -21.89
CA ASN E 96 13.91 42.39 -22.02
C ASN E 96 15.05 42.72 -21.08
N GLU E 97 15.55 41.71 -20.37
CA GLU E 97 16.73 41.86 -19.50
C GLU E 97 17.81 40.98 -20.15
N ILE E 98 18.62 41.60 -21.01
CA ILE E 98 19.71 40.85 -21.71
C ILE E 98 20.99 41.04 -20.90
N THR E 99 21.79 39.99 -20.78
CA THR E 99 23.05 40.07 -20.00
C THR E 99 24.09 39.21 -20.68
N PRO E 100 25.38 39.60 -20.61
CA PRO E 100 26.44 38.79 -21.21
C PRO E 100 26.79 37.58 -20.32
N TYR E 101 26.00 37.34 -19.26
CA TYR E 101 26.27 36.20 -18.35
C TYR E 101 25.25 35.07 -18.57
N LEU E 102 24.18 35.28 -19.35
CA LEU E 102 23.18 34.19 -19.59
C LEU E 102 22.95 34.00 -21.08
N TYR E 103 22.76 32.74 -21.49
CA TYR E 103 22.64 32.39 -22.92
C TYR E 103 21.60 31.28 -23.14
N ASN E 104 21.10 31.19 -24.38
CA ASN E 104 20.07 30.19 -24.79
C ASN E 104 20.72 28.84 -25.09
N ILE E 105 21.54 28.36 -24.16
CA ILE E 105 22.11 26.98 -24.26
C ILE E 105 20.97 26.00 -23.99
N ARG E 106 21.22 24.72 -24.29
CA ARG E 106 20.24 23.65 -23.99
C ARG E 106 19.89 23.74 -22.49
N GLY E 107 18.59 23.70 -22.18
CA GLY E 107 18.12 23.74 -20.78
C GLY E 107 17.86 25.15 -20.27
N ALA E 108 18.27 26.17 -21.04
CA ALA E 108 18.03 27.55 -20.60
C ALA E 108 16.54 27.89 -20.71
N LEU E 109 16.05 28.57 -19.67
N LEU E 109 16.00 28.48 -19.64
CA LEU E 109 14.66 29.03 -19.55
CA LEU E 109 14.61 29.00 -19.67
C LEU E 109 14.62 30.52 -19.96
C LEU E 109 14.70 30.48 -20.07
N ALA E 110 13.80 30.87 -20.96
CA ALA E 110 13.76 32.27 -21.42
C ALA E 110 12.30 32.64 -21.71
N ALA E 112 9.28 34.18 -23.92
CA ALA E 112 8.94 34.18 -25.34
C ALA E 112 8.87 35.61 -25.89
N ASN E 113 7.77 36.31 -25.61
CA ASN E 113 7.51 37.71 -26.06
C ASN E 113 7.18 37.70 -27.57
N THR E 114 6.77 38.86 -28.10
CA THR E 114 6.32 38.96 -29.52
C THR E 114 7.45 39.41 -30.44
N GLY E 115 8.65 39.66 -29.90
CA GLY E 115 9.76 40.17 -30.71
C GLY E 115 9.80 41.69 -30.66
N GLN E 116 8.72 42.32 -30.19
CA GLN E 116 8.72 43.80 -30.02
C GLN E 116 9.18 44.11 -28.61
N PRO E 117 9.72 45.32 -28.34
CA PRO E 117 10.13 45.67 -26.98
C PRO E 117 8.95 45.67 -25.99
N ASN E 118 9.24 45.35 -24.73
CA ASN E 118 8.24 45.40 -23.62
C ASN E 118 7.07 44.44 -23.88
N THR E 119 7.36 43.20 -24.32
CA THR E 119 6.24 42.23 -24.51
C THR E 119 6.46 40.93 -23.72
N ASN E 120 7.28 40.96 -22.66
CA ASN E 120 7.39 39.75 -21.79
C ASN E 120 6.15 39.75 -20.89
N GLY E 121 5.38 38.66 -20.93
CA GLY E 121 4.15 38.52 -20.13
C GLY E 121 4.27 37.38 -19.15
N SER E 122 3.79 36.20 -19.54
CA SER E 122 3.87 34.98 -18.68
C SER E 122 4.45 33.81 -19.49
N GLN E 123 4.48 33.92 -20.83
CA GLN E 123 4.95 32.80 -21.67
C GLN E 123 6.47 32.67 -21.64
N PHE E 124 6.93 31.42 -21.56
CA PHE E 124 8.37 31.12 -21.51
C PHE E 124 8.63 29.83 -22.28
N PHE E 125 9.91 29.58 -22.58
CA PHE E 125 10.27 28.34 -23.29
C PHE E 125 11.54 27.77 -22.69
N ILE E 126 11.76 26.50 -22.97
CA ILE E 126 12.98 25.77 -22.54
C ILE E 126 13.73 25.41 -23.83
N ASN E 127 14.97 25.89 -23.96
CA ASN E 127 15.84 25.55 -25.11
C ASN E 127 16.06 24.03 -25.07
N GLN E 128 15.83 23.32 -26.17
CA GLN E 128 15.88 21.83 -26.13
C GLN E 128 16.86 21.31 -27.19
N ASN E 129 17.29 22.17 -28.11
CA ASN E 129 18.29 21.81 -29.14
C ASN E 129 19.47 21.05 -28.52
N SER E 130 19.97 19.99 -29.18
CA SER E 130 21.11 19.22 -28.63
C SER E 130 22.25 19.06 -29.66
N THR E 131 22.37 19.95 -30.63
CA THR E 131 23.46 19.80 -31.65
C THR E 131 24.59 20.79 -31.36
N ASP E 132 25.79 20.47 -31.84
CA ASP E 132 26.99 21.31 -31.62
C ASP E 132 27.25 22.17 -32.85
N THR E 133 26.87 23.45 -32.81
CA THR E 133 27.16 24.43 -33.90
C THR E 133 28.01 25.56 -33.33
N SER E 134 28.70 25.29 -32.23
CA SER E 134 29.48 26.31 -31.46
C SER E 134 30.62 26.94 -32.27
N SER E 135 31.18 26.24 -33.26
CA SER E 135 32.31 26.79 -34.06
C SER E 135 31.91 28.04 -34.84
N LYS E 136 30.62 28.15 -35.18
CA LYS E 136 30.08 29.29 -35.97
C LYS E 136 29.99 30.53 -35.08
N LEU E 137 30.10 30.36 -33.77
CA LEU E 137 29.93 31.52 -32.84
C LEU E 137 31.13 32.45 -32.94
N PRO E 138 30.90 33.78 -33.12
CA PRO E 138 32.00 34.75 -33.13
C PRO E 138 32.58 34.86 -31.72
N THR E 139 33.91 34.72 -31.60
CA THR E 139 34.58 34.78 -30.28
C THR E 139 34.56 36.22 -29.73
N SER E 140 34.24 37.20 -30.58
CA SER E 140 34.14 38.62 -30.16
C SER E 140 32.96 38.79 -29.19
N LYS E 141 31.89 38.04 -29.41
CA LYS E 141 30.65 38.16 -28.60
C LYS E 141 30.55 37.04 -27.55
N TYR E 142 30.96 35.82 -27.88
CA TYR E 142 30.77 34.63 -27.00
C TYR E 142 32.03 34.24 -26.23
N PRO E 143 31.97 34.26 -24.89
CA PRO E 143 33.09 33.84 -24.04
C PRO E 143 33.42 32.36 -24.32
N GLN E 144 34.68 31.96 -24.13
N GLN E 144 34.68 31.99 -24.11
CA GLN E 144 35.09 30.57 -24.46
CA GLN E 144 35.21 30.61 -24.36
C GLN E 144 34.30 29.54 -23.64
C GLN E 144 34.38 29.55 -23.62
N LYS E 145 34.05 29.79 -22.35
CA LYS E 145 33.29 28.81 -21.52
C LYS E 145 31.87 28.64 -22.07
N ILE E 146 31.33 29.68 -22.68
CA ILE E 146 29.95 29.62 -23.25
C ILE E 146 30.01 28.90 -24.59
N ILE E 147 31.02 29.18 -25.40
CA ILE E 147 31.21 28.43 -26.67
C ILE E 147 31.29 26.94 -26.31
N GLU E 148 32.04 26.63 -25.25
CA GLU E 148 32.20 25.21 -24.85
C GLU E 148 30.84 24.67 -24.39
N ALA E 149 30.08 25.45 -23.63
CA ALA E 149 28.75 24.97 -23.17
C ALA E 149 27.84 24.70 -24.38
N TYR E 150 27.89 25.57 -25.39
CA TYR E 150 27.02 25.38 -26.59
C TYR E 150 27.33 24.08 -27.35
N LYS E 151 28.42 23.38 -27.02
CA LYS E 151 28.72 22.12 -27.73
C LYS E 151 27.64 21.09 -27.42
N GLU E 152 26.97 21.21 -26.27
CA GLU E 152 25.91 20.26 -25.84
C GLU E 152 24.55 20.68 -26.42
N GLY E 153 24.49 21.83 -27.10
CA GLY E 153 23.23 22.24 -27.74
C GLY E 153 22.78 23.63 -27.33
N GLY E 154 21.88 24.21 -28.12
CA GLY E 154 21.36 25.55 -27.83
C GLY E 154 20.90 26.26 -29.07
N ASN E 155 20.27 27.42 -28.88
CA ASN E 155 19.71 28.24 -29.97
C ASN E 155 20.33 29.63 -29.88
N PRO E 156 21.61 29.83 -30.31
CA PRO E 156 22.28 31.12 -30.19
C PRO E 156 21.58 32.28 -30.91
N SER E 157 20.78 31.98 -31.94
CA SER E 157 20.03 33.06 -32.65
C SER E 157 19.04 33.73 -31.69
N LEU E 158 18.72 33.07 -30.57
CA LEU E 158 17.73 33.65 -29.61
C LEU E 158 18.42 34.60 -28.64
N ASP E 159 19.76 34.56 -28.55
CA ASP E 159 20.52 35.43 -27.61
C ASP E 159 20.30 36.89 -27.98
N GLY E 160 19.99 37.73 -27.00
CA GLY E 160 19.73 39.17 -27.26
C GLY E 160 18.29 39.47 -27.63
N LYS E 161 17.48 38.45 -27.93
CA LYS E 161 16.06 38.65 -28.33
C LYS E 161 15.12 38.09 -27.25
N HIS E 162 15.55 37.04 -26.55
CA HIS E 162 14.73 36.40 -25.50
C HIS E 162 15.52 36.44 -24.21
N PRO E 163 15.03 37.12 -23.15
CA PRO E 163 15.76 37.16 -21.89
C PRO E 163 15.78 35.81 -21.18
N VAL E 164 16.98 35.34 -20.87
CA VAL E 164 17.18 34.07 -20.13
C VAL E 164 17.02 34.38 -18.63
N PHE E 165 16.35 33.50 -17.89
CA PHE E 165 16.14 33.76 -16.44
C PHE E 165 16.31 32.48 -15.62
N GLY E 166 16.52 31.33 -16.28
CA GLY E 166 16.72 30.08 -15.52
C GLY E 166 17.44 29.01 -16.30
N GLN E 167 17.68 27.88 -15.64
CA GLN E 167 18.42 26.77 -16.26
C GLN E 167 17.92 25.45 -15.68
N VAL E 168 17.52 24.53 -16.56
CA VAL E 168 17.10 23.18 -16.11
C VAL E 168 18.35 22.49 -15.53
N ILE E 169 18.27 21.98 -14.30
CA ILE E 169 19.42 21.25 -13.70
C ILE E 169 19.04 19.77 -13.48
N GLY E 170 17.79 19.42 -13.76
CA GLY E 170 17.32 18.02 -13.62
C GLY E 170 16.07 17.81 -14.44
N GLY E 171 15.87 16.62 -14.98
CA GLY E 171 14.69 16.33 -15.80
C GLY E 171 14.80 16.80 -17.25
N ASP E 173 15.56 14.94 -19.49
CA ASP E 173 14.97 13.81 -20.20
C ASP E 173 13.46 14.06 -20.36
N VAL E 174 12.81 14.64 -19.34
CA VAL E 174 11.37 14.98 -19.40
C VAL E 174 11.17 16.03 -20.50
N VAL E 175 12.03 17.04 -20.54
CA VAL E 175 11.92 18.09 -21.61
C VAL E 175 12.03 17.43 -22.99
N ASP E 176 12.99 16.50 -23.18
CA ASP E 176 13.12 15.79 -24.49
C ASP E 176 11.84 15.00 -24.80
N LYS E 177 11.26 14.31 -23.80
CA LYS E 177 10.01 13.54 -24.04
C LYS E 177 8.90 14.51 -24.47
N ILE E 178 8.78 15.64 -23.79
CA ILE E 178 7.75 16.67 -24.17
C ILE E 178 8.00 17.16 -25.61
N ALA E 179 9.27 17.38 -25.97
CA ALA E 179 9.64 17.93 -27.30
C ALA E 179 9.26 16.95 -28.42
N LYS E 180 9.28 15.65 -28.13
CA LYS E 180 9.02 14.59 -29.15
C LYS E 180 7.58 14.08 -29.10
N ALA E 181 6.71 14.68 -28.30
CA ALA E 181 5.32 14.15 -28.19
C ALA E 181 4.62 14.25 -29.56
N GLU E 182 3.65 13.37 -29.82
CA GLU E 182 2.89 13.47 -31.10
C GLU E 182 2.13 14.79 -31.05
N LYS E 183 2.12 15.54 -32.15
CA LYS E 183 1.47 16.88 -32.18
C LYS E 183 0.70 17.08 -33.49
N ASP E 184 -0.12 18.14 -33.54
CA ASP E 184 -0.93 18.49 -34.73
C ASP E 184 -0.12 19.41 -35.65
N GLU E 185 -0.75 19.87 -36.74
CA GLU E 185 -0.10 20.75 -37.78
C GLU E 185 0.43 22.05 -37.17
N LYS E 186 -0.07 22.47 -36.00
CA LYS E 186 0.40 23.72 -35.34
C LYS E 186 1.35 23.40 -34.18
N ASP E 187 1.88 22.17 -34.16
CA ASP E 187 2.88 21.71 -33.16
C ASP E 187 2.28 21.66 -31.75
N LYS E 188 0.96 21.56 -31.62
CA LYS E 188 0.31 21.41 -30.29
C LYS E 188 0.20 19.92 -29.99
N PRO E 189 0.72 19.43 -28.83
CA PRO E 189 0.61 18.00 -28.50
C PRO E 189 -0.83 17.50 -28.58
N THR E 190 -1.06 16.34 -29.19
CA THR E 190 -2.43 15.77 -29.31
C THR E 190 -2.93 15.39 -27.90
N THR E 191 -2.03 14.95 -27.02
CA THR E 191 -2.37 14.68 -25.59
C THR E 191 -1.78 15.84 -24.77
N ALA E 192 -2.66 16.57 -24.07
CA ALA E 192 -2.25 17.75 -23.27
C ALA E 192 -1.12 17.41 -22.30
N ILE E 193 -0.08 18.23 -22.35
CA ILE E 193 1.10 18.16 -21.43
C ILE E 193 0.96 19.35 -20.50
N THR E 194 0.62 19.08 -19.25
CA THR E 194 0.31 20.17 -18.30
C THR E 194 1.34 20.31 -17.18
N ILE E 195 1.47 21.54 -16.72
CA ILE E 195 2.20 21.83 -15.45
C ILE E 195 1.13 21.62 -14.36
N ASP E 196 1.18 20.50 -13.64
CA ASP E 196 0.15 20.23 -12.60
C ASP E 196 0.36 21.20 -11.42
N SER E 197 1.61 21.43 -11.07
CA SER E 197 1.97 22.35 -9.97
C SER E 197 3.43 22.76 -10.11
N ILE E 198 3.83 23.79 -9.37
CA ILE E 198 5.24 24.23 -9.33
C ILE E 198 5.65 24.21 -7.86
N GLU E 199 6.64 23.38 -7.53
CA GLU E 199 7.15 23.31 -6.15
C GLU E 199 8.29 24.32 -6.03
N VAL E 200 8.20 25.23 -5.06
CA VAL E 200 9.32 26.17 -4.83
C VAL E 200 10.27 25.47 -3.85
N VAL E 201 11.40 24.97 -4.35
CA VAL E 201 12.39 24.25 -3.51
C VAL E 201 13.22 25.28 -2.75
N LYS E 202 13.65 26.34 -3.44
CA LYS E 202 14.38 27.44 -2.78
C LYS E 202 13.71 28.73 -3.24
N ASP E 203 13.04 29.44 -2.33
CA ASP E 203 12.29 30.66 -2.72
C ASP E 203 13.26 31.84 -2.69
N TYR E 204 12.75 32.99 -3.07
CA TYR E 204 13.58 34.22 -3.09
C TYR E 204 12.71 35.37 -2.64
N ASP E 205 13.21 36.19 -1.71
CA ASP E 205 12.46 37.37 -1.23
C ASP E 205 13.02 38.59 -1.96
N PHE E 206 12.24 39.19 -2.84
CA PHE E 206 12.73 40.35 -3.65
C PHE E 206 12.92 41.61 -2.80
N LYS E 207 12.62 41.53 -1.52
CA LYS E 207 12.92 42.68 -0.62
C LYS E 207 14.28 42.44 0.05
N SER E 208 14.90 41.27 -0.17
CA SER E 208 16.20 40.95 0.48
C SER E 208 17.30 41.94 0.06
N GLU E 209 18.03 42.46 1.06
CA GLU E 209 19.18 43.36 0.80
C GLU E 209 20.48 42.61 1.13
N ASN E 210 20.40 41.29 1.18
CA ASN E 210 21.62 40.47 1.44
C ASN E 210 22.65 40.70 0.33
N LEU E 211 23.93 40.79 0.70
CA LEU E 211 25.05 40.83 -0.28
C LEU E 211 25.70 39.44 -0.20
N TYR E 212 26.02 38.87 -1.36
CA TYR E 212 26.62 37.51 -1.42
C TYR E 212 28.05 37.55 -2.00
N PHE E 213 28.93 36.69 -1.44
CA PHE E 213 30.37 36.46 -1.80
C PHE E 213 31.26 36.73 -0.59
N ASN F 2 16.48 -18.30 13.55
CA ASN F 2 16.50 -18.83 12.20
C ASN F 2 17.86 -19.54 11.99
N PHE F 3 17.82 -20.87 11.88
CA PHE F 3 19.06 -21.68 11.70
C PHE F 3 19.27 -21.90 10.20
N PRO F 4 20.24 -21.20 9.57
CA PRO F 4 20.43 -21.29 8.11
C PRO F 4 20.74 -22.69 7.55
N GLN F 5 21.26 -23.59 8.37
CA GLN F 5 21.50 -24.97 7.87
C GLN F 5 20.19 -25.73 7.64
N LEU F 6 19.06 -25.23 8.18
CA LEU F 6 17.77 -25.97 8.08
C LEU F 6 16.98 -25.53 6.85
N SER F 7 17.65 -24.84 5.92
CA SER F 7 17.05 -24.41 4.64
C SER F 7 17.97 -24.86 3.51
N LYS F 8 17.40 -25.56 2.54
CA LYS F 8 18.19 -26.05 1.37
C LYS F 8 18.50 -24.91 0.41
N GLU F 9 17.75 -23.79 0.48
N GLU F 9 17.75 -23.79 0.48
CA GLU F 9 17.98 -22.69 -0.48
CA GLU F 9 17.98 -22.67 -0.46
C GLU F 9 19.18 -21.84 -0.04
C GLU F 9 19.19 -21.84 -0.03
N VAL F 10 19.95 -21.36 -1.02
CA VAL F 10 21.13 -20.49 -0.77
C VAL F 10 20.58 -19.09 -0.56
N ALA F 11 20.63 -18.58 0.68
CA ALA F 11 20.13 -17.23 0.99
C ALA F 11 20.98 -16.16 0.29
N GLU F 12 20.47 -14.91 0.24
CA GLU F 12 21.21 -13.78 -0.36
C GLU F 12 22.60 -13.65 0.27
N ASP F 13 22.73 -13.81 1.59
CA ASP F 13 24.04 -13.62 2.27
C ASP F 13 24.87 -14.93 2.35
N GLU F 14 24.53 -15.97 1.58
CA GLU F 14 25.29 -17.25 1.63
C GLU F 14 26.06 -17.43 0.32
N ALA F 15 27.11 -18.24 0.35
CA ALA F 15 27.90 -18.54 -0.87
C ALA F 15 27.60 -19.99 -1.24
N GLU F 16 28.05 -20.44 -2.40
CA GLU F 16 27.72 -21.81 -2.85
C GLU F 16 28.88 -22.38 -3.66
N VAL F 17 29.25 -23.62 -3.39
CA VAL F 17 30.33 -24.26 -4.18
C VAL F 17 29.93 -25.71 -4.48
N ILE F 18 30.59 -26.28 -5.47
CA ILE F 18 30.41 -27.74 -5.76
C ILE F 18 31.79 -28.38 -5.69
N LEU F 19 31.92 -29.42 -4.86
CA LEU F 19 33.19 -30.19 -4.82
C LEU F 19 33.06 -31.27 -5.91
N HIS F 20 33.81 -31.14 -7.00
CA HIS F 20 33.78 -32.20 -8.05
C HIS F 20 34.75 -33.31 -7.61
N THR F 21 34.26 -34.36 -6.94
CA THR F 21 35.17 -35.43 -6.45
C THR F 21 35.23 -36.58 -7.45
N SER F 22 36.21 -37.46 -7.27
CA SER F 22 36.35 -38.67 -8.12
C SER F 22 35.17 -39.62 -7.88
N GLN F 23 34.30 -39.32 -6.91
CA GLN F 23 33.13 -40.18 -6.58
C GLN F 23 31.81 -39.44 -6.84
N GLY F 24 31.86 -38.23 -7.39
CA GLY F 24 30.63 -37.46 -7.66
C GLY F 24 30.69 -36.04 -7.12
N ASP F 25 29.60 -35.28 -7.34
CA ASP F 25 29.53 -33.85 -6.95
C ASP F 25 28.85 -33.65 -5.58
N ILE F 26 29.42 -32.77 -4.76
CA ILE F 26 28.85 -32.40 -3.44
C ILE F 26 28.57 -30.90 -3.48
N ARG F 27 27.28 -30.52 -3.44
CA ARG F 27 26.87 -29.09 -3.49
C ARG F 27 26.80 -28.57 -2.06
N ILE F 28 27.52 -27.48 -1.79
CA ILE F 28 27.62 -26.95 -0.39
C ILE F 28 27.33 -25.44 -0.34
N LYS F 29 26.54 -25.02 0.65
CA LYS F 29 26.36 -23.55 0.83
C LYS F 29 27.26 -23.17 2.02
N LEU F 30 27.81 -21.95 2.00
CA LEU F 30 28.74 -21.45 3.04
C LEU F 30 28.11 -20.26 3.76
N PHE F 31 28.60 -19.95 4.96
CA PHE F 31 28.04 -18.89 5.81
C PHE F 31 29.06 -17.79 6.06
N PRO F 32 29.39 -16.98 5.04
CA PRO F 32 30.40 -15.92 5.18
C PRO F 32 30.10 -14.88 6.28
N LYS F 33 28.82 -14.68 6.62
CA LYS F 33 28.41 -13.71 7.67
C LYS F 33 28.64 -14.31 9.05
N LEU F 34 28.61 -15.63 9.18
CA LEU F 34 28.73 -16.27 10.52
C LEU F 34 30.14 -16.82 10.75
N ALA F 35 30.81 -17.30 9.70
CA ALA F 35 32.19 -17.85 9.87
C ALA F 35 33.07 -17.22 8.80
N PRO F 36 33.32 -15.89 8.90
CA PRO F 36 34.05 -15.18 7.85
C PRO F 36 35.49 -15.64 7.62
N LEU F 37 36.22 -15.95 8.68
CA LEU F 37 37.62 -16.42 8.50
C LEU F 37 37.58 -17.78 7.80
N ALA F 38 36.75 -18.72 8.31
CA ALA F 38 36.72 -20.05 7.67
C ALA F 38 36.26 -19.95 6.22
N VAL F 39 35.26 -19.12 5.92
CA VAL F 39 34.74 -19.07 4.53
C VAL F 39 35.76 -18.38 3.61
N GLU F 40 36.41 -17.30 4.06
CA GLU F 40 37.41 -16.65 3.19
C GLU F 40 38.56 -17.63 2.93
N ASN F 41 39.04 -18.26 4.00
CA ASN F 41 40.17 -19.22 3.89
C ASN F 41 39.78 -20.29 2.85
N PHE F 42 38.60 -20.85 3.03
CA PHE F 42 38.11 -21.95 2.18
C PHE F 42 37.94 -21.49 0.72
N LEU F 43 37.23 -20.38 0.49
CA LEU F 43 36.99 -19.92 -0.90
C LEU F 43 38.30 -19.51 -1.56
N THR F 44 39.20 -18.81 -0.86
CA THR F 44 40.46 -18.36 -1.45
C THR F 44 41.31 -19.60 -1.83
N HIS F 45 41.44 -20.55 -0.90
CA HIS F 45 42.16 -21.81 -1.22
C HIS F 45 41.51 -22.47 -2.44
N ALA F 46 40.18 -22.60 -2.42
CA ALA F 46 39.45 -23.27 -3.52
C ALA F 46 39.80 -22.60 -4.86
N LYS F 47 39.62 -21.28 -4.95
CA LYS F 47 39.89 -20.55 -6.21
C LYS F 47 41.38 -20.61 -6.60
N GLU F 48 42.29 -20.59 -5.62
CA GLU F 48 43.75 -20.62 -5.92
C GLU F 48 44.19 -22.05 -6.30
N GLY F 49 43.28 -23.04 -6.27
CA GLY F 49 43.58 -24.43 -6.66
C GLY F 49 44.27 -25.24 -5.58
N TYR F 50 44.29 -24.74 -4.35
CA TYR F 50 45.00 -25.40 -3.23
C TYR F 50 44.43 -26.80 -2.96
N TYR F 51 43.14 -27.01 -3.21
CA TYR F 51 42.50 -28.32 -2.91
C TYR F 51 42.48 -29.24 -4.14
N ASN F 52 43.03 -28.81 -5.29
CA ASN F 52 42.96 -29.67 -6.49
C ASN F 52 43.86 -30.89 -6.29
N GLY F 53 43.29 -32.10 -6.38
CA GLY F 53 44.08 -33.33 -6.23
C GLY F 53 44.20 -33.77 -4.78
N ILE F 54 43.69 -32.98 -3.84
CA ILE F 54 43.73 -33.36 -2.40
C ILE F 54 42.74 -34.50 -2.18
N THR F 55 43.10 -35.43 -1.31
CA THR F 55 42.27 -36.65 -1.08
C THR F 55 41.46 -36.57 0.21
N PHE F 56 40.45 -37.44 0.30
CA PHE F 56 39.72 -37.69 1.57
C PHE F 56 40.57 -38.75 2.26
N HIS F 57 41.50 -38.31 3.10
CA HIS F 57 42.53 -39.22 3.69
C HIS F 57 42.00 -40.03 4.88
N ARG F 58 40.81 -39.70 5.38
CA ARG F 58 40.27 -40.43 6.55
C ARG F 58 38.75 -40.48 6.47
N VAL F 59 38.20 -41.68 6.42
CA VAL F 59 36.72 -41.87 6.33
C VAL F 59 36.26 -42.83 7.43
N ILE F 60 35.20 -42.44 8.12
CA ILE F 60 34.57 -43.24 9.20
C ILE F 60 33.06 -43.25 8.97
N ASP F 61 32.55 -44.33 8.37
CA ASP F 61 31.10 -44.46 8.11
C ASP F 61 30.36 -44.35 9.44
N GLY F 62 29.32 -43.51 9.48
CA GLY F 62 28.53 -43.28 10.70
C GLY F 62 29.14 -42.17 11.55
N PHE F 63 30.16 -41.48 11.00
CA PHE F 63 30.82 -40.37 11.76
C PHE F 63 31.04 -39.18 10.85
N VAL F 65 33.75 -37.65 7.18
CA VAL F 65 34.77 -37.83 6.17
C VAL F 65 35.65 -36.58 6.25
N GLN F 66 36.98 -36.73 6.27
CA GLN F 66 37.79 -35.49 6.33
C GLN F 66 38.78 -35.41 5.19
N THR F 67 39.14 -34.17 4.86
CA THR F 67 39.99 -33.85 3.70
C THR F 67 40.68 -32.51 3.94
N GLY F 68 41.26 -31.96 2.89
CA GLY F 68 41.90 -30.63 2.93
C GLY F 68 43.36 -30.68 3.35
N ASP F 69 43.97 -31.86 3.46
CA ASP F 69 45.40 -31.90 3.85
C ASP F 69 46.28 -32.23 2.66
N PRO F 70 47.12 -31.29 2.15
CA PRO F 70 48.02 -31.58 1.05
C PRO F 70 49.03 -32.68 1.40
N LYS F 71 49.39 -32.79 2.68
CA LYS F 71 50.37 -33.81 3.16
C LYS F 71 49.69 -35.19 3.17
N GLY F 72 48.36 -35.23 3.19
CA GLY F 72 47.58 -36.49 3.13
C GLY F 72 47.63 -37.36 4.37
N ASP F 73 48.04 -36.86 5.55
CA ASP F 73 48.08 -37.74 6.75
C ASP F 73 47.36 -37.11 7.94
N GLY F 74 46.79 -35.92 7.78
CA GLY F 74 46.07 -35.26 8.89
C GLY F 74 46.96 -34.30 9.67
N THR F 75 48.24 -34.16 9.31
CA THR F 75 49.13 -33.24 10.05
C THR F 75 49.51 -32.00 9.22
N GLY F 76 49.06 -31.90 7.96
CA GLY F 76 49.50 -30.76 7.14
C GLY F 76 48.40 -29.73 6.87
N GLY F 77 48.68 -28.84 5.92
CA GLY F 77 47.72 -27.79 5.54
C GLY F 77 48.00 -26.51 6.30
N GLN F 78 47.78 -25.38 5.63
N GLN F 78 47.83 -25.38 5.62
CA GLN F 78 47.97 -24.06 6.28
CA GLN F 78 48.08 -24.02 6.18
C GLN F 78 46.85 -23.13 5.84
C GLN F 78 46.92 -23.09 5.80
N SER F 79 46.60 -22.10 6.63
CA SER F 79 45.56 -21.09 6.29
C SER F 79 46.18 -20.16 5.24
N ILE F 80 45.36 -19.39 4.56
CA ILE F 80 45.85 -18.41 3.57
C ILE F 80 46.61 -17.27 4.29
N TRP F 81 46.57 -17.21 5.62
CA TRP F 81 47.23 -16.09 6.35
C TRP F 81 48.57 -16.54 6.97
N HIS F 82 48.90 -17.82 6.86
CA HIS F 82 50.16 -18.34 7.46
C HIS F 82 51.38 -17.60 6.91
N ASP F 83 52.24 -17.11 7.80
CA ASP F 83 53.47 -16.34 7.40
C ASP F 83 53.11 -15.15 6.50
N LYS F 84 51.87 -14.65 6.60
CA LYS F 84 51.43 -13.49 5.76
C LYS F 84 50.67 -12.47 6.61
N ASP F 85 49.82 -12.93 7.54
CA ASP F 85 49.04 -11.96 8.34
C ASP F 85 48.94 -12.47 9.78
N LYS F 86 49.80 -11.95 10.66
CA LYS F 86 49.89 -12.39 12.09
C LYS F 86 48.60 -12.04 12.87
N THR F 87 47.78 -11.10 12.41
CA THR F 87 46.55 -10.78 13.17
C THR F 87 45.52 -11.91 12.98
N LYS F 88 45.72 -12.79 12.00
CA LYS F 88 44.74 -13.90 11.76
C LYS F 88 45.40 -15.28 12.00
N ASP F 89 46.71 -15.40 11.76
CA ASP F 89 47.43 -16.70 11.92
C ASP F 89 48.83 -16.41 12.48
N LYS F 90 49.07 -16.75 13.73
CA LYS F 90 50.39 -16.50 14.36
C LYS F 90 51.31 -17.70 14.18
N GLY F 91 50.89 -18.68 13.37
CA GLY F 91 51.77 -19.83 13.09
C GLY F 91 51.07 -21.18 13.12
N THR F 92 50.06 -21.34 13.98
CA THR F 92 49.41 -22.66 14.12
C THR F 92 48.05 -22.70 13.40
N GLY F 93 47.54 -21.55 12.93
CA GLY F 93 46.22 -21.52 12.28
C GLY F 93 45.39 -20.34 12.78
N PHE F 94 44.12 -20.27 12.38
CA PHE F 94 43.23 -19.16 12.81
C PHE F 94 42.26 -19.65 13.88
N LYS F 95 41.59 -18.71 14.52
CA LYS F 95 40.69 -18.98 15.67
C LYS F 95 39.39 -19.68 15.25
N ASN F 96 38.82 -20.40 16.21
CA ASN F 96 37.50 -21.03 16.00
C ASN F 96 36.42 -19.93 16.02
N GLU F 97 35.51 -19.98 15.06
CA GLU F 97 34.34 -19.06 15.03
C GLU F 97 33.12 -19.93 15.42
N ILE F 98 32.82 -19.94 16.71
CA ILE F 98 31.67 -20.74 17.24
C ILE F 98 30.49 -19.77 17.33
N THR F 99 29.32 -20.19 16.85
CA THR F 99 28.10 -19.36 16.86
C THR F 99 26.93 -20.22 17.31
N PRO F 100 25.94 -19.65 18.03
CA PRO F 100 24.76 -20.42 18.42
C PRO F 100 23.84 -20.66 17.21
N TYR F 101 24.25 -20.22 16.02
CA TYR F 101 23.42 -20.44 14.79
C TYR F 101 23.88 -21.65 13.98
N LEU F 102 25.06 -22.21 14.27
CA LEU F 102 25.57 -23.32 13.41
C LEU F 102 25.98 -24.51 14.26
N TYR F 103 25.68 -25.72 13.77
CA TYR F 103 25.92 -26.96 14.53
C TYR F 103 26.42 -28.08 13.62
N ASN F 104 27.07 -29.06 14.25
CA ASN F 104 27.64 -30.23 13.52
C ASN F 104 26.53 -31.26 13.20
N ILE F 105 25.41 -30.79 12.65
CA ILE F 105 24.33 -31.73 12.22
C ILE F 105 24.79 -32.45 10.96
N ARG F 106 24.08 -33.53 10.59
CA ARG F 106 24.45 -34.27 9.35
C ARG F 106 24.53 -33.28 8.17
N GLY F 107 25.63 -33.33 7.41
CA GLY F 107 25.83 -32.46 6.23
C GLY F 107 26.61 -31.20 6.58
N ALA F 108 26.82 -30.93 7.86
CA ALA F 108 27.57 -29.73 8.27
C ALA F 108 29.04 -29.87 7.87
N LEU F 109 29.56 -28.80 7.24
CA LEU F 109 30.99 -28.68 6.88
C LEU F 109 31.67 -27.89 8.02
N ALA F 110 32.72 -28.44 8.62
CA ALA F 110 33.45 -27.78 9.73
C ALA F 110 34.95 -27.96 9.58
N ALA F 112 38.65 -29.03 10.85
CA ALA F 112 39.18 -30.10 11.67
C ALA F 112 39.92 -29.54 12.91
N ASN F 113 41.12 -29.04 12.71
CA ASN F 113 41.99 -28.44 13.78
C ASN F 113 42.43 -29.55 14.75
N THR F 114 43.36 -29.22 15.66
CA THR F 114 43.93 -30.26 16.58
C THR F 114 43.09 -30.41 17.85
N GLY F 115 42.06 -29.56 18.02
CA GLY F 115 41.25 -29.54 19.26
C GLY F 115 41.76 -28.46 20.20
N GLN F 116 42.90 -27.85 19.85
CA GLN F 116 43.52 -26.75 20.64
C GLN F 116 43.18 -25.44 19.96
N PRO F 117 43.16 -24.30 20.69
CA PRO F 117 42.81 -23.02 20.08
C PRO F 117 43.74 -22.59 18.95
N ASN F 118 43.18 -21.83 18.01
CA ASN F 118 43.94 -21.24 16.88
C ASN F 118 44.65 -22.29 16.05
N THR F 119 43.99 -23.41 15.71
CA THR F 119 44.69 -24.43 14.89
C THR F 119 43.89 -24.74 13.60
N ASN F 120 43.03 -23.84 13.14
CA ASN F 120 42.34 -24.06 11.83
C ASN F 120 43.34 -23.72 10.72
N GLY F 121 43.54 -24.65 9.80
CA GLY F 121 44.50 -24.46 8.69
C GLY F 121 43.79 -24.57 7.36
N SER F 122 43.78 -25.78 6.79
CA SER F 122 43.06 -26.01 5.50
C SER F 122 42.19 -27.26 5.61
N GLN F 123 42.40 -28.06 6.65
CA GLN F 123 41.65 -29.34 6.79
C GLN F 123 40.23 -29.07 7.26
N PHE F 124 39.29 -29.80 6.65
CA PHE F 124 37.86 -29.69 6.98
C PHE F 124 37.24 -31.08 6.88
N PHE F 125 36.05 -31.22 7.46
CA PHE F 125 35.34 -32.51 7.44
C PHE F 125 33.85 -32.24 7.21
N ILE F 126 33.16 -33.28 6.77
CA ILE F 126 31.69 -33.25 6.56
C ILE F 126 31.08 -34.26 7.54
N ASN F 127 30.17 -33.80 8.41
CA ASN F 127 29.44 -34.68 9.35
C ASN F 127 28.59 -35.65 8.50
N GLN F 128 28.72 -36.96 8.73
CA GLN F 128 28.03 -37.99 7.89
C GLN F 128 27.12 -38.90 8.74
N ASN F 129 27.32 -38.91 10.07
CA ASN F 129 26.48 -39.73 11.00
C ASN F 129 25.00 -39.48 10.73
N SER F 130 24.20 -40.56 10.62
CA SER F 130 22.73 -40.44 10.37
C SER F 130 21.93 -41.12 11.49
N THR F 131 22.52 -41.30 12.67
CA THR F 131 21.81 -41.96 13.80
C THR F 131 21.31 -40.89 14.76
N ASP F 132 20.14 -41.13 15.37
CA ASP F 132 19.50 -40.17 16.31
C ASP F 132 20.38 -40.04 17.57
N THR F 133 20.76 -38.80 17.87
CA THR F 133 21.65 -38.47 19.03
C THR F 133 20.97 -37.45 19.95
N SER F 134 19.77 -37.01 19.57
CA SER F 134 19.01 -35.94 20.28
C SER F 134 18.83 -36.22 21.78
N SER F 135 18.58 -37.47 22.17
CA SER F 135 18.33 -37.80 23.60
C SER F 135 19.42 -37.20 24.48
N LYS F 136 20.69 -37.32 24.07
CA LYS F 136 21.85 -36.82 24.84
C LYS F 136 22.11 -35.34 24.50
N LEU F 137 21.12 -34.45 24.74
CA LEU F 137 21.33 -32.99 24.46
C LEU F 137 20.59 -32.16 25.51
N PRO F 138 21.31 -31.43 26.39
CA PRO F 138 20.68 -30.60 27.41
C PRO F 138 19.87 -29.44 26.79
N THR F 139 18.58 -29.34 27.13
CA THR F 139 17.71 -28.28 26.55
C THR F 139 18.17 -26.88 26.97
N SER F 140 19.02 -26.79 28.00
CA SER F 140 19.54 -25.47 28.45
C SER F 140 20.73 -25.06 27.57
N LYS F 141 21.13 -25.93 26.63
CA LYS F 141 22.30 -25.64 25.74
C LYS F 141 21.87 -25.66 24.27
N TYR F 142 20.90 -26.50 23.90
CA TYR F 142 20.51 -26.66 22.47
C TYR F 142 19.07 -26.22 22.20
N PRO F 143 18.86 -25.28 21.25
CA PRO F 143 17.50 -24.87 20.87
C PRO F 143 16.71 -26.08 20.37
N GLN F 144 15.39 -26.08 20.60
CA GLN F 144 14.51 -27.23 20.21
C GLN F 144 14.63 -27.52 18.70
N LYS F 145 14.73 -26.50 17.85
CA LYS F 145 14.80 -26.76 16.39
C LYS F 145 16.07 -27.57 16.05
N ILE F 146 17.14 -27.36 16.80
CA ILE F 146 18.43 -28.07 16.57
C ILE F 146 18.34 -29.47 17.20
N ILE F 147 17.62 -29.62 18.32
CA ILE F 147 17.43 -31.00 18.88
C ILE F 147 16.69 -31.81 17.80
N GLU F 148 15.65 -31.25 17.18
CA GLU F 148 14.92 -31.97 16.09
C GLU F 148 15.88 -32.28 14.94
N ALA F 149 16.72 -31.32 14.54
CA ALA F 149 17.64 -31.56 13.42
C ALA F 149 18.60 -32.71 13.78
N TYR F 150 19.04 -32.78 15.03
CA TYR F 150 19.97 -33.87 15.43
C TYR F 150 19.29 -35.24 15.41
N LYS F 151 17.96 -35.31 15.31
CA LYS F 151 17.30 -36.64 15.23
C LYS F 151 17.67 -37.30 13.90
N GLU F 152 18.13 -36.50 12.92
CA GLU F 152 18.51 -37.03 11.58
C GLU F 152 20.00 -37.39 11.54
N GLY F 153 20.74 -37.15 12.62
CA GLY F 153 22.16 -37.51 12.65
C GLY F 153 23.03 -36.32 13.00
N GLY F 154 24.34 -36.48 12.84
CA GLY F 154 25.29 -35.43 13.24
C GLY F 154 26.15 -35.89 14.39
N ASN F 155 27.06 -35.02 14.82
CA ASN F 155 28.06 -35.30 15.88
C ASN F 155 28.05 -34.12 16.86
N PRO F 156 27.04 -34.02 17.75
CA PRO F 156 26.94 -32.89 18.67
C PRO F 156 28.13 -32.73 19.63
N SER F 157 28.92 -33.77 19.87
CA SER F 157 30.10 -33.63 20.76
C SER F 157 31.18 -32.76 20.08
N LEU F 158 31.04 -32.50 18.78
CA LEU F 158 32.04 -31.67 18.03
C LEU F 158 31.66 -30.19 18.14
N ASP F 159 30.44 -29.88 18.61
CA ASP F 159 30.02 -28.45 18.70
C ASP F 159 30.88 -27.71 19.73
N GLY F 160 31.35 -26.52 19.37
CA GLY F 160 32.15 -25.72 20.31
C GLY F 160 33.64 -25.96 20.14
N LYS F 161 34.03 -27.09 19.53
CA LYS F 161 35.47 -27.41 19.28
C LYS F 161 35.78 -27.33 17.78
N HIS F 162 34.77 -27.47 16.93
CA HIS F 162 34.99 -27.43 15.45
C HIS F 162 34.04 -26.41 14.83
N PRO F 163 34.58 -25.31 14.27
CA PRO F 163 33.74 -24.28 13.69
C PRO F 163 33.06 -24.74 12.40
N VAL F 164 31.74 -24.63 12.37
CA VAL F 164 30.91 -24.99 11.19
C VAL F 164 30.94 -23.79 10.23
N PHE F 165 31.06 -24.02 8.93
CA PHE F 165 31.10 -22.87 7.99
C PHE F 165 30.31 -23.19 6.72
N GLY F 166 29.75 -24.40 6.62
CA GLY F 166 28.96 -24.74 5.42
C GLY F 166 28.00 -25.87 5.69
N GLN F 167 27.18 -26.19 4.70
CA GLN F 167 26.15 -27.24 4.80
C GLN F 167 25.96 -27.87 3.43
N VAL F 168 26.08 -29.19 3.36
CA VAL F 168 25.81 -29.91 2.09
C VAL F 168 24.32 -29.77 1.78
N ILE F 169 23.98 -29.33 0.57
CA ILE F 169 22.56 -29.14 0.14
C ILE F 169 22.28 -30.03 -1.07
N GLY F 170 23.31 -30.71 -1.57
CA GLY F 170 23.18 -31.66 -2.68
C GLY F 170 24.33 -32.64 -2.68
N GLY F 171 24.08 -33.91 -3.00
CA GLY F 171 25.16 -34.91 -3.06
C GLY F 171 25.49 -35.55 -1.70
N ASP F 173 24.42 -38.17 -0.85
CA ASP F 173 24.58 -39.56 -1.23
C ASP F 173 26.05 -39.83 -1.63
N VAL F 174 26.74 -38.83 -2.18
CA VAL F 174 28.18 -38.96 -2.55
C VAL F 174 29.00 -38.99 -1.25
N VAL F 175 28.60 -38.18 -0.26
CA VAL F 175 29.29 -38.18 1.05
C VAL F 175 29.17 -39.59 1.68
N ASP F 176 27.98 -40.19 1.59
CA ASP F 176 27.73 -41.55 2.17
C ASP F 176 28.60 -42.60 1.46
N LYS F 177 28.76 -42.47 0.14
N LYS F 177 28.74 -42.50 0.14
CA LYS F 177 29.57 -43.41 -0.69
CA LYS F 177 29.59 -43.48 -0.62
C LYS F 177 31.03 -43.31 -0.26
C LYS F 177 31.06 -43.32 -0.21
N ILE F 178 31.55 -42.08 -0.13
CA ILE F 178 32.96 -41.84 0.28
C ILE F 178 33.19 -42.43 1.68
N ALA F 179 32.23 -42.22 2.58
CA ALA F 179 32.33 -42.72 3.97
C ALA F 179 32.44 -44.24 4.01
N LYS F 180 31.83 -44.92 3.02
CA LYS F 180 31.80 -46.42 3.02
C LYS F 180 32.92 -46.99 2.15
N ALA F 181 33.86 -46.16 1.70
CA ALA F 181 34.99 -46.62 0.84
C ALA F 181 35.87 -47.62 1.59
N GLU F 182 36.48 -48.56 0.84
CA GLU F 182 37.42 -49.57 1.38
C GLU F 182 38.62 -48.81 1.96
N LYS F 183 38.98 -49.08 3.21
CA LYS F 183 40.06 -48.32 3.89
C LYS F 183 41.04 -49.26 4.60
N ASP F 184 42.23 -48.72 4.92
CA ASP F 184 43.27 -49.48 5.67
C ASP F 184 43.00 -49.31 7.17
N GLU F 185 43.93 -49.74 8.02
CA GLU F 185 43.72 -49.68 9.49
C GLU F 185 43.77 -48.22 9.98
N LYS F 186 44.18 -47.28 9.14
CA LYS F 186 44.25 -45.84 9.54
C LYS F 186 43.02 -45.11 8.96
N ASP F 187 42.06 -45.86 8.40
CA ASP F 187 40.82 -45.30 7.81
C ASP F 187 41.13 -44.51 6.52
N LYS F 188 42.29 -44.75 5.93
CA LYS F 188 42.69 -44.10 4.65
C LYS F 188 42.21 -44.99 3.51
N PRO F 189 41.36 -44.47 2.59
CA PRO F 189 40.88 -45.29 1.48
C PRO F 189 42.00 -45.99 0.70
N THR F 190 41.76 -47.25 0.33
CA THR F 190 42.68 -48.10 -0.46
C THR F 190 42.88 -47.46 -1.84
N THR F 191 41.78 -46.97 -2.41
CA THR F 191 41.80 -46.27 -3.71
C THR F 191 41.55 -44.79 -3.42
N ALA F 192 42.53 -43.93 -3.75
CA ALA F 192 42.44 -42.49 -3.47
C ALA F 192 41.10 -41.92 -3.93
N ILE F 193 40.48 -41.10 -3.09
CA ILE F 193 39.22 -40.36 -3.41
C ILE F 193 39.64 -38.89 -3.45
N THR F 194 39.56 -38.26 -4.62
CA THR F 194 40.14 -36.91 -4.76
C THR F 194 39.11 -35.82 -5.03
N ILE F 195 39.47 -34.61 -4.60
CA ILE F 195 38.74 -33.38 -5.00
C ILE F 195 39.41 -33.03 -6.32
N ASP F 196 38.73 -33.26 -7.44
CA ASP F 196 39.34 -32.97 -8.77
C ASP F 196 39.32 -31.44 -8.98
N SER F 197 38.26 -30.78 -8.53
CA SER F 197 38.15 -29.31 -8.66
C SER F 197 37.04 -28.79 -7.75
N ILE F 198 37.06 -27.49 -7.47
CA ILE F 198 35.96 -26.85 -6.69
C ILE F 198 35.38 -25.75 -7.58
N GLU F 199 34.08 -25.86 -7.85
CA GLU F 199 33.35 -24.86 -8.69
C GLU F 199 32.73 -23.84 -7.75
N VAL F 200 33.10 -22.57 -7.87
CA VAL F 200 32.44 -21.55 -7.04
C VAL F 200 31.20 -21.12 -7.81
N VAL F 201 30.02 -21.61 -7.38
CA VAL F 201 28.73 -21.29 -8.04
C VAL F 201 28.35 -19.85 -7.68
N LYS F 202 28.46 -19.50 -6.41
CA LYS F 202 28.16 -18.13 -5.93
C LYS F 202 29.27 -17.75 -4.94
N ASP F 203 30.06 -16.75 -5.29
CA ASP F 203 31.22 -16.34 -4.47
C ASP F 203 30.76 -15.31 -3.44
N TYR F 204 31.68 -14.93 -2.57
CA TYR F 204 31.45 -13.85 -1.58
C TYR F 204 32.70 -12.98 -1.63
N ASP F 205 32.53 -11.68 -1.81
CA ASP F 205 33.70 -10.78 -1.87
C ASP F 205 33.91 -10.18 -0.47
N PHE F 206 34.95 -10.64 0.24
CA PHE F 206 35.24 -10.17 1.62
C PHE F 206 35.76 -8.73 1.63
N LYS F 207 35.98 -8.14 0.46
CA LYS F 207 36.42 -6.72 0.43
C LYS F 207 35.25 -5.82 0.01
N SER F 208 34.07 -6.37 -0.30
CA SER F 208 32.93 -5.49 -0.72
C SER F 208 32.37 -4.71 0.46
N GLU F 209 32.18 -3.40 0.28
CA GLU F 209 31.60 -2.52 1.32
C GLU F 209 30.22 -2.01 0.86
N ASN F 210 29.66 -2.63 -0.19
CA ASN F 210 28.31 -2.21 -0.67
C ASN F 210 27.24 -2.51 0.39
N LEU F 211 26.39 -1.53 0.68
CA LEU F 211 25.27 -1.72 1.65
C LEU F 211 24.04 -2.20 0.88
N TYR F 212 23.38 -3.22 1.40
CA TYR F 212 22.13 -3.78 0.81
C TYR F 212 21.05 -3.71 1.87
N PHE F 213 19.86 -3.24 1.49
CA PHE F 213 18.72 -3.21 2.45
C PHE F 213 18.07 -4.60 2.48
N ASN G 2 -48.22 -2.34 33.91
CA ASN G 2 -47.71 -0.98 34.08
C ASN G 2 -47.28 -0.48 32.70
N PHE G 3 -47.69 0.75 32.37
CA PHE G 3 -47.37 1.40 31.07
C PHE G 3 -46.25 2.40 31.33
N PRO G 4 -45.02 2.08 30.88
CA PRO G 4 -43.86 2.94 31.17
C PRO G 4 -43.94 4.38 30.64
N GLN G 5 -44.83 4.68 29.69
CA GLN G 5 -44.95 6.07 29.15
C GLN G 5 -45.74 6.99 30.09
N LEU G 6 -46.47 6.41 31.04
CA LEU G 6 -47.39 7.20 31.91
C LEU G 6 -46.67 7.73 33.15
N SER G 7 -45.40 7.37 33.32
CA SER G 7 -44.58 7.90 34.45
C SER G 7 -43.45 8.75 33.85
N LYS G 8 -43.30 9.99 34.34
CA LYS G 8 -42.22 10.87 33.82
C LYS G 8 -40.87 10.43 34.44
N GLU G 9 -40.92 9.54 35.45
CA GLU G 9 -39.73 9.00 36.14
C GLU G 9 -39.01 8.01 35.21
N VAL G 10 -37.68 7.93 35.30
CA VAL G 10 -36.90 6.98 34.44
C VAL G 10 -36.58 5.74 35.29
N ALA G 11 -37.06 4.57 34.86
CA ALA G 11 -36.83 3.31 35.60
C ALA G 11 -35.37 2.86 35.42
N GLU G 12 -34.94 1.88 36.22
CA GLU G 12 -33.56 1.34 36.13
C GLU G 12 -33.34 0.67 34.77
N ASP G 13 -34.40 0.15 34.14
CA ASP G 13 -34.25 -0.55 32.83
C ASP G 13 -34.55 0.39 31.65
N GLU G 14 -34.55 1.71 31.87
CA GLU G 14 -34.84 2.68 30.78
C GLU G 14 -33.58 3.52 30.48
N ALA G 15 -33.51 4.10 29.29
CA ALA G 15 -32.36 4.97 28.95
C ALA G 15 -32.88 6.41 28.90
N GLU G 16 -31.96 7.38 28.82
CA GLU G 16 -32.36 8.80 28.88
C GLU G 16 -31.44 9.62 27.98
N VAL G 17 -32.03 10.42 27.12
CA VAL G 17 -31.24 11.24 26.15
C VAL G 17 -31.84 12.64 26.06
N ILE G 18 -31.04 13.56 25.57
CA ILE G 18 -31.53 14.94 25.32
C ILE G 18 -31.25 15.28 23.86
N LEU G 19 -32.28 15.64 23.09
CA LEU G 19 -32.03 16.16 21.72
C LEU G 19 -31.76 17.64 21.87
N HIS G 20 -30.54 18.08 21.57
CA HIS G 20 -30.23 19.54 21.60
C HIS G 20 -30.57 20.08 20.21
N THR G 21 -31.78 20.64 20.03
CA THR G 21 -32.20 21.15 18.71
C THR G 21 -31.98 22.65 18.64
N SER G 22 -32.06 23.20 17.43
CA SER G 22 -31.88 24.66 17.22
C SER G 22 -33.07 25.42 17.81
N GLN G 23 -34.15 24.72 18.19
CA GLN G 23 -35.35 25.36 18.79
C GLN G 23 -35.40 25.12 20.31
N GLY G 24 -34.41 24.42 20.87
CA GLY G 24 -34.38 24.12 22.31
C GLY G 24 -34.12 22.64 22.61
N ASP G 25 -34.07 22.27 23.87
CA ASP G 25 -33.79 20.85 24.26
C ASP G 25 -35.08 20.05 24.43
N ILE G 26 -35.04 18.80 23.97
CA ILE G 26 -36.18 17.83 24.12
C ILE G 26 -35.62 16.66 24.92
N ARG G 27 -36.15 16.41 26.11
CA ARG G 27 -35.61 15.31 26.96
C ARG G 27 -36.50 14.07 26.75
N ILE G 28 -35.88 12.93 26.51
CA ILE G 28 -36.64 11.68 26.17
C ILE G 28 -36.14 10.47 26.97
N LYS G 29 -37.05 9.60 27.39
CA LYS G 29 -36.62 8.32 27.99
C LYS G 29 -36.89 7.23 26.95
N LEU G 30 -36.08 6.17 26.95
CA LEU G 30 -36.23 5.11 25.94
C LEU G 30 -36.53 3.79 26.64
N PHE G 31 -37.12 2.84 25.89
CA PHE G 31 -37.56 1.54 26.46
C PHE G 31 -36.84 0.38 25.80
N PRO G 32 -35.54 0.15 26.15
CA PRO G 32 -34.76 -0.94 25.56
C PRO G 32 -35.30 -2.35 25.83
N LYS G 33 -36.06 -2.53 26.91
CA LYS G 33 -36.64 -3.87 27.23
C LYS G 33 -37.83 -4.18 26.33
N LEU G 34 -38.44 -3.15 25.73
CA LEU G 34 -39.66 -3.36 24.91
C LEU G 34 -39.34 -3.22 23.43
N ALA G 35 -38.41 -2.33 23.06
CA ALA G 35 -38.02 -2.12 21.64
C ALA G 35 -36.50 -2.12 21.56
N PRO G 36 -35.85 -3.28 21.82
CA PRO G 36 -34.39 -3.33 21.88
C PRO G 36 -33.72 -2.89 20.57
N LEU G 37 -34.23 -3.36 19.43
CA LEU G 37 -33.58 -2.99 18.13
C LEU G 37 -33.72 -1.49 17.92
N ALA G 38 -34.91 -0.92 18.11
CA ALA G 38 -35.10 0.53 17.90
C ALA G 38 -34.22 1.32 18.86
N VAL G 39 -34.15 0.92 20.13
CA VAL G 39 -33.35 1.70 21.11
C VAL G 39 -31.85 1.59 20.79
N GLU G 40 -31.35 0.38 20.52
CA GLU G 40 -29.91 0.21 20.19
C GLU G 40 -29.57 1.01 18.92
N ASN G 41 -30.38 0.85 17.87
CA ASN G 41 -30.20 1.60 16.60
C ASN G 41 -30.12 3.10 16.91
N PHE G 42 -31.07 3.60 17.69
CA PHE G 42 -31.13 5.04 18.02
C PHE G 42 -29.92 5.47 18.86
N LEU G 43 -29.61 4.73 19.93
CA LEU G 43 -28.47 5.12 20.83
C LEU G 43 -27.13 5.06 20.06
N THR G 44 -26.93 4.03 19.24
CA THR G 44 -25.64 3.90 18.49
C THR G 44 -25.54 5.04 17.47
N HIS G 45 -26.60 5.29 16.69
CA HIS G 45 -26.57 6.42 15.72
C HIS G 45 -26.25 7.72 16.45
N ALA G 46 -26.93 7.96 17.58
CA ALA G 46 -26.77 9.16 18.43
C ALA G 46 -25.30 9.33 18.84
N LYS G 47 -24.73 8.31 19.47
CA LYS G 47 -23.33 8.34 19.96
C LYS G 47 -22.32 8.46 18.80
N GLU G 48 -22.62 7.86 17.64
CA GLU G 48 -21.73 7.95 16.46
C GLU G 48 -21.90 9.29 15.74
N GLY G 49 -22.87 10.12 16.14
CA GLY G 49 -23.07 11.46 15.53
C GLY G 49 -23.89 11.41 14.23
N TYR G 50 -24.55 10.27 13.96
CA TYR G 50 -25.37 10.11 12.74
C TYR G 50 -26.41 11.21 12.62
N TYR G 51 -27.00 11.64 13.75
CA TYR G 51 -28.10 12.65 13.72
C TYR G 51 -27.58 14.09 13.83
N ASN G 52 -26.26 14.29 13.97
CA ASN G 52 -25.72 15.67 14.11
C ASN G 52 -25.99 16.49 12.84
N GLY G 53 -26.70 17.61 12.97
CA GLY G 53 -27.01 18.49 11.82
C GLY G 53 -28.20 17.98 11.00
N ILE G 54 -28.83 16.86 11.38
CA ILE G 54 -30.02 16.35 10.63
C ILE G 54 -31.21 17.25 10.98
N THR G 55 -32.13 17.43 10.03
CA THR G 55 -33.25 18.39 10.20
C THR G 55 -34.58 17.72 10.57
N PHE G 56 -35.52 18.55 11.04
CA PHE G 56 -36.95 18.14 11.21
C PHE G 56 -37.55 18.52 9.85
N HIS G 57 -37.37 17.62 8.89
CA HIS G 57 -37.70 17.85 7.45
C HIS G 57 -39.21 17.88 7.18
N ARG G 58 -40.04 17.46 8.13
CA ARG G 58 -41.50 17.43 7.87
C ARG G 58 -42.24 17.69 9.17
N VAL G 59 -43.08 18.74 9.19
CA VAL G 59 -43.85 19.08 10.42
C VAL G 59 -45.31 19.30 10.07
N ILE G 60 -46.21 18.66 10.81
CA ILE G 60 -47.69 18.80 10.64
C ILE G 60 -48.26 19.14 12.01
N ASP G 61 -48.62 20.41 12.23
CA ASP G 61 -49.14 20.86 13.54
C ASP G 61 -50.42 20.08 13.85
N GLY G 62 -50.54 19.55 15.06
CA GLY G 62 -51.72 18.75 15.44
C GLY G 62 -51.58 17.29 15.02
N PHE G 63 -50.39 16.90 14.55
CA PHE G 63 -50.14 15.48 14.14
C PHE G 63 -48.80 15.01 14.69
N VAL G 65 -44.05 15.52 14.16
CA VAL G 65 -42.87 16.12 13.55
C VAL G 65 -41.94 14.95 13.21
N GLN G 66 -41.35 14.96 12.01
CA GLN G 66 -40.47 13.84 11.57
C GLN G 66 -39.04 14.32 11.35
N THR G 67 -38.10 13.44 11.64
CA THR G 67 -36.65 13.74 11.48
C THR G 67 -35.89 12.44 11.24
N GLY G 68 -34.57 12.48 11.39
CA GLY G 68 -33.73 11.28 11.26
C GLY G 68 -33.35 10.95 9.83
N ASP G 69 -33.61 11.83 8.87
CA ASP G 69 -33.26 11.52 7.45
C ASP G 69 -32.08 12.37 6.97
N PRO G 70 -30.88 11.76 6.76
CA PRO G 70 -29.73 12.49 6.25
C PRO G 70 -30.01 13.15 4.90
N LYS G 71 -30.97 12.61 4.12
CA LYS G 71 -31.31 13.19 2.79
C LYS G 71 -32.24 14.39 2.96
N GLY G 72 -32.88 14.51 4.12
CA GLY G 72 -33.74 15.66 4.45
C GLY G 72 -34.99 15.78 3.59
N ASP G 73 -35.50 14.66 3.05
CA ASP G 73 -36.70 14.71 2.19
C ASP G 73 -37.62 13.48 2.46
N GLY G 74 -37.31 12.67 3.47
CA GLY G 74 -38.18 11.54 3.82
C GLY G 74 -37.83 10.23 3.13
N THR G 75 -36.85 10.22 2.22
CA THR G 75 -36.53 8.96 1.48
C THR G 75 -35.23 8.29 1.98
N GLY G 76 -34.53 8.87 2.96
CA GLY G 76 -33.21 8.30 3.32
C GLY G 76 -33.10 7.70 4.70
N GLY G 77 -31.85 7.40 5.11
CA GLY G 77 -31.60 6.80 6.43
C GLY G 77 -31.35 5.31 6.32
N GLN G 78 -30.45 4.81 7.16
CA GLN G 78 -30.10 3.37 7.22
C GLN G 78 -29.99 2.95 8.69
N SER G 79 -30.31 1.69 8.99
CA SER G 79 -30.10 1.16 10.35
C SER G 79 -28.60 0.94 10.53
N ILE G 80 -28.15 0.75 11.77
CA ILE G 80 -26.73 0.48 12.09
C ILE G 80 -26.33 -0.91 11.58
N TRP G 81 -27.30 -1.72 11.13
CA TRP G 81 -27.01 -3.10 10.67
C TRP G 81 -27.01 -3.20 9.13
N HIS G 82 -27.26 -2.10 8.45
CA HIS G 82 -27.35 -2.16 6.97
C HIS G 82 -26.04 -2.67 6.38
N ASP G 83 -26.12 -3.70 5.54
CA ASP G 83 -24.92 -4.30 4.87
C ASP G 83 -23.91 -4.79 5.90
N LYS G 84 -24.35 -5.06 7.14
CA LYS G 84 -23.45 -5.54 8.23
C LYS G 84 -24.05 -6.78 8.92
N ASP G 85 -25.38 -6.86 9.06
CA ASP G 85 -25.96 -8.07 9.71
C ASP G 85 -27.35 -8.35 9.11
N LYS G 86 -27.41 -9.32 8.20
CA LYS G 86 -28.65 -9.70 7.49
C LYS G 86 -29.71 -10.27 8.45
N THR G 87 -29.34 -10.64 9.68
CA THR G 87 -30.37 -11.18 10.61
C THR G 87 -31.17 -10.04 11.22
N LYS G 88 -30.65 -8.79 11.09
CA LYS G 88 -31.33 -7.62 11.71
C LYS G 88 -31.79 -6.63 10.64
N ASP G 89 -31.06 -6.53 9.52
CA ASP G 89 -31.44 -5.63 8.40
C ASP G 89 -31.27 -6.42 7.10
N LYS G 90 -32.37 -6.83 6.47
CA LYS G 90 -32.30 -7.65 5.23
C LYS G 90 -32.06 -6.74 4.01
N GLY G 91 -32.02 -5.42 4.21
CA GLY G 91 -31.75 -4.52 3.07
C GLY G 91 -32.46 -3.20 3.17
N THR G 92 -33.65 -3.13 3.80
CA THR G 92 -34.36 -1.84 3.86
C THR G 92 -34.65 -1.47 5.33
N GLY G 93 -33.97 -2.12 6.28
CA GLY G 93 -34.20 -1.79 7.70
C GLY G 93 -34.52 -2.99 8.56
N PHE G 94 -34.85 -2.73 9.83
CA PHE G 94 -35.13 -3.78 10.83
C PHE G 94 -36.64 -3.89 11.10
N LYS G 95 -37.02 -4.96 11.80
CA LYS G 95 -38.43 -5.32 12.05
C LYS G 95 -39.12 -4.38 13.04
N ASN G 96 -40.44 -4.27 12.89
CA ASN G 96 -41.28 -3.48 13.82
C ASN G 96 -41.35 -4.26 15.13
N GLU G 97 -41.11 -3.57 16.23
CA GLU G 97 -41.26 -4.17 17.58
C GLU G 97 -42.53 -3.60 18.15
N ILE G 98 -43.64 -4.32 17.95
CA ILE G 98 -44.98 -3.90 18.47
C ILE G 98 -45.18 -4.58 19.82
N THR G 99 -45.65 -3.81 20.78
CA THR G 99 -45.88 -4.29 22.16
C THR G 99 -47.17 -3.68 22.67
N PRO G 100 -47.97 -4.41 23.49
CA PRO G 100 -49.19 -3.86 24.06
C PRO G 100 -48.93 -2.87 25.20
N TYR G 101 -47.65 -2.55 25.48
CA TYR G 101 -47.32 -1.62 26.60
C TYR G 101 -46.94 -0.21 26.08
N LEU G 102 -46.83 -0.01 24.77
CA LEU G 102 -46.41 1.32 24.25
C LEU G 102 -47.35 1.77 23.14
N TYR G 103 -47.66 3.07 23.13
CA TYR G 103 -48.67 3.64 22.20
C TYR G 103 -48.24 5.02 21.70
N ASN G 104 -48.82 5.41 20.56
CA ASN G 104 -48.52 6.69 19.88
C ASN G 104 -49.29 7.84 20.54
N ILE G 105 -49.22 7.92 21.87
CA ILE G 105 -49.81 9.06 22.63
C ILE G 105 -48.94 10.29 22.36
N ARG G 106 -49.46 11.48 22.68
CA ARG G 106 -48.69 12.72 22.53
C ARG G 106 -47.35 12.53 23.23
N GLY G 107 -46.25 12.90 22.57
CA GLY G 107 -44.90 12.79 23.15
C GLY G 107 -44.23 11.45 22.88
N ALA G 108 -44.94 10.48 22.29
CA ALA G 108 -44.29 9.17 22.06
C ALA G 108 -43.35 9.28 20.86
N LEU G 109 -42.17 8.68 21.00
CA LEU G 109 -41.14 8.64 19.94
C LEU G 109 -41.32 7.31 19.22
N ALA G 110 -41.45 7.31 17.89
CA ALA G 110 -41.66 6.06 17.13
C ALA G 110 -40.93 6.13 15.79
N ALA G 112 -40.47 5.80 11.80
CA ALA G 112 -41.31 6.17 10.67
C ALA G 112 -41.58 4.95 9.79
N ASN G 113 -40.56 4.46 9.09
CA ASN G 113 -40.61 3.30 8.15
C ASN G 113 -41.52 3.65 6.95
N THR G 114 -41.61 2.76 5.97
CA THR G 114 -42.40 3.05 4.74
C THR G 114 -43.82 2.52 4.84
N GLY G 115 -44.17 1.83 5.94
CA GLY G 115 -45.48 1.20 6.10
C GLY G 115 -45.41 -0.29 5.75
N GLN G 116 -44.26 -0.74 5.26
CA GLN G 116 -44.08 -2.17 4.89
C GLN G 116 -43.15 -2.82 5.91
N PRO G 117 -43.15 -4.16 6.03
CA PRO G 117 -42.32 -4.84 7.04
C PRO G 117 -40.81 -4.64 6.85
N ASN G 118 -40.08 -4.56 7.97
CA ASN G 118 -38.59 -4.45 7.96
C ASN G 118 -38.13 -3.17 7.25
N THR G 119 -38.77 -2.04 7.51
CA THR G 119 -38.34 -0.79 6.82
C THR G 119 -37.94 0.27 7.85
N ASN G 120 -37.66 -0.14 9.09
CA ASN G 120 -37.15 0.82 10.11
C ASN G 120 -35.67 1.07 9.83
N GLY G 121 -35.29 2.33 9.61
CA GLY G 121 -33.89 2.68 9.29
C GLY G 121 -33.32 3.61 10.33
N SER G 122 -33.41 4.92 10.07
CA SER G 122 -32.95 5.95 11.02
C SER G 122 -34.06 6.97 11.26
N GLN G 123 -35.05 7.02 10.37
CA GLN G 123 -36.10 8.07 10.50
C GLN G 123 -37.05 7.77 11.67
N PHE G 124 -37.35 8.79 12.46
CA PHE G 124 -38.31 8.64 13.58
C PHE G 124 -39.19 9.90 13.63
N PHE G 125 -40.22 9.85 14.48
CA PHE G 125 -41.14 11.02 14.62
C PHE G 125 -41.63 11.11 16.06
N ILE G 126 -42.10 12.30 16.44
CA ILE G 126 -42.66 12.52 17.80
C ILE G 126 -44.13 12.90 17.61
N ASN G 127 -45.02 12.15 18.25
CA ASN G 127 -46.47 12.42 18.22
C ASN G 127 -46.69 13.79 18.87
N GLN G 128 -47.42 14.69 18.21
CA GLN G 128 -47.58 16.07 18.74
C GLN G 128 -49.06 16.43 18.86
N ASN G 129 -49.95 15.60 18.32
CA ASN G 129 -51.42 15.83 18.39
C ASN G 129 -51.82 16.08 19.86
N SER G 130 -52.69 17.07 20.11
CA SER G 130 -53.11 17.38 21.50
C SER G 130 -54.64 17.34 21.62
N THR G 131 -55.33 16.67 20.71
CA THR G 131 -56.82 16.61 20.75
C THR G 131 -57.30 15.28 21.32
N ASP G 132 -58.35 15.32 22.14
CA ASP G 132 -58.93 14.11 22.78
C ASP G 132 -59.82 13.36 21.78
N THR G 133 -59.43 12.13 21.43
CA THR G 133 -60.22 11.25 20.53
C THR G 133 -60.40 9.89 21.22
N SER G 134 -60.15 9.83 22.53
CA SER G 134 -60.23 8.58 23.34
C SER G 134 -61.61 7.91 23.20
N SER G 135 -62.68 8.69 23.00
CA SER G 135 -64.06 8.13 22.84
C SER G 135 -64.10 7.16 21.66
N LYS G 136 -63.34 7.46 20.61
CA LYS G 136 -63.23 6.65 19.37
C LYS G 136 -62.61 5.27 19.66
N LEU G 137 -61.58 5.22 20.51
CA LEU G 137 -60.82 3.98 20.83
C LEU G 137 -61.73 2.84 21.27
N PRO G 138 -61.69 1.67 20.61
CA PRO G 138 -62.51 0.52 21.01
C PRO G 138 -61.94 -0.08 22.30
N THR G 139 -62.77 -0.14 23.36
CA THR G 139 -62.37 -0.66 24.70
C THR G 139 -62.00 -2.15 24.64
N SER G 140 -62.23 -2.80 23.50
CA SER G 140 -61.92 -4.25 23.37
C SER G 140 -60.42 -4.48 23.15
N LYS G 141 -59.68 -3.45 22.73
CA LYS G 141 -58.22 -3.65 22.47
C LYS G 141 -57.35 -2.69 23.30
N TYR G 142 -57.83 -1.47 23.58
CA TYR G 142 -57.03 -0.48 24.35
C TYR G 142 -57.31 -0.53 25.85
N PRO G 143 -56.29 -0.79 26.70
CA PRO G 143 -56.49 -0.77 28.16
C PRO G 143 -57.03 0.61 28.59
N GLN G 144 -57.79 0.64 29.69
CA GLN G 144 -58.44 1.90 30.16
C GLN G 144 -57.40 2.95 30.52
N LYS G 145 -56.29 2.55 31.16
CA LYS G 145 -55.19 3.49 31.52
C LYS G 145 -54.69 4.19 30.25
N ILE G 146 -54.66 3.46 29.14
CA ILE G 146 -54.16 4.02 27.84
C ILE G 146 -55.27 4.90 27.25
N ILE G 147 -56.53 4.48 27.40
CA ILE G 147 -57.67 5.32 26.95
C ILE G 147 -57.57 6.67 27.65
N GLU G 148 -57.38 6.67 28.97
CA GLU G 148 -57.23 7.92 29.77
C GLU G 148 -56.07 8.73 29.20
N ALA G 149 -54.91 8.08 29.01
CA ALA G 149 -53.70 8.75 28.49
C ALA G 149 -54.00 9.43 27.14
N TYR G 150 -54.75 8.76 26.27
CA TYR G 150 -55.06 9.34 24.93
C TYR G 150 -55.93 10.61 25.04
N LYS G 151 -56.51 10.89 26.21
CA LYS G 151 -57.32 12.13 26.38
C LYS G 151 -56.44 13.36 26.22
N GLU G 152 -55.13 13.22 26.38
CA GLU G 152 -54.18 14.36 26.27
C GLU G 152 -53.74 14.52 24.80
N GLY G 153 -54.15 13.58 23.95
CA GLY G 153 -53.80 13.67 22.52
C GLY G 153 -53.00 12.46 22.06
N GLY G 154 -52.85 12.32 20.74
CA GLY G 154 -52.09 11.20 20.16
C GLY G 154 -52.64 10.81 18.80
N ASN G 155 -52.06 9.76 18.22
CA ASN G 155 -52.44 9.28 16.87
C ASN G 155 -52.63 7.76 16.96
N PRO G 156 -53.72 7.29 17.59
CA PRO G 156 -53.94 5.85 17.78
C PRO G 156 -53.92 5.02 16.49
N SER G 157 -54.26 5.65 15.35
CA SER G 157 -54.24 4.92 14.05
C SER G 157 -52.80 4.48 13.70
N LEU G 158 -51.79 5.07 14.34
CA LEU G 158 -50.37 4.68 14.05
C LEU G 158 -49.99 3.46 14.89
N ASP G 159 -50.79 3.12 15.91
CA ASP G 159 -50.47 1.95 16.77
C ASP G 159 -50.44 0.68 15.90
N GLY G 160 -49.43 -0.17 16.12
CA GLY G 160 -49.31 -1.44 15.37
C GLY G 160 -48.60 -1.28 14.03
N LYS G 161 -48.39 -0.05 13.57
CA LYS G 161 -47.71 0.19 12.27
C LYS G 161 -46.36 0.90 12.50
N HIS G 162 -46.25 1.64 13.60
CA HIS G 162 -44.98 2.37 13.89
C HIS G 162 -44.53 1.97 15.30
N PRO G 163 -43.35 1.32 15.43
CA PRO G 163 -42.86 0.87 16.73
C PRO G 163 -42.43 2.04 17.62
N VAL G 164 -43.08 2.14 18.79
CA VAL G 164 -42.79 3.19 19.81
C VAL G 164 -41.56 2.74 20.60
N PHE G 165 -40.61 3.64 20.85
CA PHE G 165 -39.37 3.24 21.55
C PHE G 165 -38.96 4.30 22.56
N GLY G 166 -39.73 5.38 22.67
CA GLY G 166 -39.36 6.44 23.61
C GLY G 166 -40.53 7.35 23.94
N GLN G 167 -40.30 8.26 24.91
CA GLN G 167 -41.34 9.21 25.36
C GLN G 167 -40.68 10.52 25.81
N VAL G 168 -41.19 11.64 25.30
CA VAL G 168 -40.70 12.97 25.73
C VAL G 168 -41.07 13.15 27.21
N ILE G 169 -40.11 13.53 28.05
CA ILE G 169 -40.33 13.78 29.51
C ILE G 169 -39.97 15.24 29.80
N GLY G 170 -39.50 15.96 28.78
CA GLY G 170 -39.13 17.38 28.94
C GLY G 170 -39.01 18.07 27.58
N GLY G 171 -39.47 19.31 27.50
CA GLY G 171 -39.36 20.09 26.26
C GLY G 171 -40.48 19.79 25.25
N ASP G 173 -42.83 21.62 24.98
CA ASP G 173 -43.08 22.96 24.47
C ASP G 173 -42.21 23.19 23.23
N VAL G 174 -41.02 22.57 23.19
CA VAL G 174 -40.07 22.73 22.04
C VAL G 174 -40.64 21.95 20.85
N VAL G 175 -41.22 20.78 21.11
CA VAL G 175 -41.85 19.97 20.01
C VAL G 175 -42.98 20.77 19.37
N ASP G 176 -43.84 21.39 20.18
CA ASP G 176 -44.98 22.22 19.69
C ASP G 176 -44.47 23.41 18.88
N LYS G 177 -43.32 23.96 19.29
CA LYS G 177 -42.70 25.09 18.56
C LYS G 177 -42.28 24.58 17.17
N ILE G 178 -41.60 23.42 17.12
CA ILE G 178 -41.14 22.83 15.84
C ILE G 178 -42.35 22.50 14.97
N ALA G 179 -43.41 21.97 15.58
CA ALA G 179 -44.63 21.57 14.83
C ALA G 179 -45.31 22.77 14.16
N LYS G 180 -45.15 23.98 14.72
CA LYS G 180 -45.84 25.22 14.26
C LYS G 180 -44.92 26.10 13.41
N ALA G 181 -43.74 25.60 13.05
CA ALA G 181 -42.78 26.40 12.25
C ALA G 181 -43.32 26.66 10.84
N GLU G 182 -42.99 27.84 10.31
CA GLU G 182 -43.34 28.24 8.92
C GLU G 182 -42.86 27.10 8.01
N LYS G 183 -43.72 26.60 7.11
CA LYS G 183 -43.32 25.45 6.24
C LYS G 183 -43.77 25.69 4.79
N ASP G 184 -43.18 24.93 3.85
CA ASP G 184 -43.48 25.02 2.39
C ASP G 184 -44.55 23.99 2.01
N GLU G 185 -44.68 23.70 0.70
CA GLU G 185 -45.69 22.76 0.14
C GLU G 185 -45.46 21.35 0.67
N LYS G 186 -44.20 20.92 0.72
CA LYS G 186 -43.77 19.58 1.21
C LYS G 186 -43.88 19.48 2.74
N ASP G 187 -44.23 20.58 3.43
CA ASP G 187 -44.30 20.60 4.92
C ASP G 187 -42.89 20.69 5.52
N LYS G 188 -41.90 21.10 4.72
CA LYS G 188 -40.52 21.26 5.23
C LYS G 188 -40.35 22.68 5.76
N PRO G 189 -39.89 22.86 7.03
CA PRO G 189 -39.73 24.20 7.60
C PRO G 189 -38.93 25.13 6.66
N THR G 190 -39.37 26.38 6.56
CA THR G 190 -38.71 27.38 5.68
C THR G 190 -37.31 27.70 6.21
N THR G 191 -37.14 27.65 7.54
CA THR G 191 -35.79 27.84 8.16
C THR G 191 -35.45 26.55 8.91
N ALA G 192 -34.38 25.88 8.47
CA ALA G 192 -33.90 24.59 9.00
C ALA G 192 -33.99 24.55 10.53
N ILE G 193 -34.64 23.50 11.04
CA ILE G 193 -34.70 23.16 12.48
C ILE G 193 -33.82 21.92 12.61
N THR G 194 -32.70 22.02 13.32
CA THR G 194 -31.73 20.90 13.33
C THR G 194 -31.50 20.27 14.70
N ILE G 195 -31.08 19.00 14.68
CA ILE G 195 -30.58 18.31 15.90
C ILE G 195 -29.09 18.66 15.91
N ASP G 196 -28.65 19.52 16.83
CA ASP G 196 -27.22 19.95 16.83
C ASP G 196 -26.38 18.82 17.43
N SER G 197 -26.92 18.16 18.46
CA SER G 197 -26.23 17.02 19.11
C SER G 197 -27.24 16.24 19.93
N ILE G 198 -26.87 15.03 20.32
CA ILE G 198 -27.71 14.19 21.21
C ILE G 198 -26.83 13.83 22.39
N GLU G 199 -27.31 14.18 23.59
CA GLU G 199 -26.55 13.90 24.82
C GLU G 199 -27.15 12.63 25.45
N VAL G 200 -26.34 11.60 25.62
CA VAL G 200 -26.86 10.36 26.28
C VAL G 200 -26.61 10.52 27.78
N VAL G 201 -27.69 10.76 28.53
CA VAL G 201 -27.64 11.04 29.99
C VAL G 201 -27.57 9.72 30.75
N LYS G 202 -28.31 8.72 30.29
CA LYS G 202 -28.24 7.35 30.88
C LYS G 202 -28.21 6.40 29.68
N ASP G 203 -27.07 5.73 29.46
CA ASP G 203 -26.91 4.83 28.30
C ASP G 203 -27.51 3.47 28.69
N TYR G 204 -27.43 2.49 27.80
CA TYR G 204 -27.95 1.14 28.12
C TYR G 204 -27.03 0.10 27.49
N ASP G 205 -26.67 -0.93 28.25
CA ASP G 205 -25.79 -2.03 27.75
C ASP G 205 -26.71 -3.21 27.41
N PHE G 206 -26.86 -3.50 26.12
CA PHE G 206 -27.80 -4.54 25.63
C PHE G 206 -27.34 -5.96 26.02
N LYS G 207 -26.15 -6.10 26.61
CA LYS G 207 -25.66 -7.43 27.07
C LYS G 207 -25.99 -7.60 28.57
N SER G 208 -26.57 -6.58 29.19
CA SER G 208 -26.86 -6.64 30.65
C SER G 208 -27.92 -7.70 30.96
N GLU G 209 -27.64 -8.57 31.94
CA GLU G 209 -28.59 -9.65 32.37
C GLU G 209 -29.12 -9.33 33.77
N ASN G 210 -29.00 -8.08 34.18
CA ASN G 210 -29.49 -7.66 35.52
C ASN G 210 -31.01 -7.84 35.60
N LEU G 211 -31.51 -8.30 36.76
CA LEU G 211 -32.98 -8.38 37.01
C LEU G 211 -33.34 -7.23 37.96
N TYR G 212 -34.43 -6.53 37.67
CA TYR G 212 -34.89 -5.38 38.50
C TYR G 212 -36.24 -5.71 39.13
N PHE G 213 -36.49 -5.17 40.33
CA PHE G 213 -37.75 -5.41 41.07
C PHE G 213 -38.70 -4.22 40.84
N ASN H 2 -13.11 -1.12 29.94
CA ASN H 2 -11.83 -0.63 29.43
C ASN H 2 -10.69 -1.28 30.23
N PHE H 3 -9.69 -1.80 29.52
CA PHE H 3 -8.55 -2.51 30.17
C PHE H 3 -7.33 -1.61 30.12
N PRO H 4 -6.84 -1.11 31.29
CA PRO H 4 -5.74 -0.13 31.31
C PRO H 4 -4.38 -0.67 30.85
N GLN H 5 -4.20 -2.00 30.81
CA GLN H 5 -2.92 -2.57 30.31
C GLN H 5 -2.83 -2.39 28.78
N LEU H 6 -3.97 -2.16 28.11
CA LEU H 6 -3.99 -2.07 26.62
C LEU H 6 -3.60 -0.66 26.16
N SER H 7 -3.32 0.25 27.10
CA SER H 7 -2.88 1.62 26.72
C SER H 7 -1.47 1.86 27.26
N LYS H 8 -0.59 2.39 26.40
CA LYS H 8 0.83 2.67 26.76
C LYS H 8 0.91 3.95 27.61
N GLU H 9 -0.16 4.77 27.60
CA GLU H 9 -0.17 6.06 28.32
C GLU H 9 -0.29 5.83 29.83
N VAL H 10 0.34 6.71 30.62
CA VAL H 10 0.23 6.64 32.11
C VAL H 10 -0.94 7.55 32.51
N ALA H 11 -2.09 6.95 32.86
CA ALA H 11 -3.30 7.73 33.24
C ALA H 11 -3.06 8.50 34.55
N GLU H 12 -3.96 9.44 34.86
CA GLU H 12 -3.87 10.29 36.08
C GLU H 12 -3.79 9.40 37.32
N ASP H 13 -4.59 8.32 37.38
CA ASP H 13 -4.64 7.42 38.56
C ASP H 13 -3.56 6.32 38.49
N GLU H 14 -2.61 6.41 37.56
CA GLU H 14 -1.58 5.34 37.43
C GLU H 14 -0.21 5.84 37.93
N ALA H 15 0.66 4.92 38.35
CA ALA H 15 2.02 5.27 38.82
C ALA H 15 3.01 4.79 37.76
N GLU H 16 4.27 5.23 37.85
CA GLU H 16 5.27 4.83 36.84
C GLU H 16 6.65 4.66 37.48
N VAL H 17 7.32 3.54 37.18
CA VAL H 17 8.71 3.31 37.70
C VAL H 17 9.59 2.81 36.56
N ILE H 18 10.90 2.90 36.77
CA ILE H 18 11.87 2.31 35.81
C ILE H 18 12.73 1.34 36.62
N LEU H 19 12.78 0.08 36.20
CA LEU H 19 13.73 -0.85 36.85
C LEU H 19 15.07 -0.65 36.14
N HIS H 20 16.09 -0.16 36.85
CA HIS H 20 17.44 -0.04 36.24
C HIS H 20 18.15 -1.38 36.43
N THR H 21 18.06 -2.28 35.44
CA THR H 21 18.68 -3.62 35.54
C THR H 21 20.07 -3.60 34.89
N SER H 22 20.89 -4.61 35.21
CA SER H 22 22.24 -4.79 34.64
C SER H 22 22.14 -5.17 33.15
N GLN H 23 20.92 -5.36 32.64
CA GLN H 23 20.71 -5.68 31.20
C GLN H 23 19.96 -4.52 30.53
N GLY H 24 19.62 -3.46 31.27
CA GLY H 24 18.91 -2.32 30.65
C GLY H 24 17.72 -1.82 31.46
N ASP H 25 17.02 -0.81 30.94
CA ASP H 25 15.89 -0.16 31.65
C ASP H 25 14.54 -0.75 31.24
N ILE H 26 13.71 -1.05 32.25
CA ILE H 26 12.33 -1.57 32.06
C ILE H 26 11.38 -0.53 32.65
N ARG H 27 10.61 0.12 31.79
N ARG H 27 10.62 0.15 31.79
CA ARG H 27 9.65 1.18 32.20
CA ARG H 27 9.65 1.20 32.21
C ARG H 27 8.30 0.51 32.45
C ARG H 27 8.30 0.54 32.45
N ILE H 28 7.75 0.71 33.66
CA ILE H 28 6.48 0.03 34.06
C ILE H 28 5.48 1.02 34.63
N LYS H 29 4.21 0.85 34.25
CA LYS H 29 3.14 1.68 34.90
C LYS H 29 2.42 0.76 35.90
N LEU H 30 1.94 1.32 37.01
CA LEU H 30 1.30 0.52 38.08
C LEU H 30 -0.17 0.95 38.22
N PHE H 31 -1.00 0.08 38.82
CA PHE H 31 -2.47 0.31 38.93
C PHE H 31 -2.87 0.32 40.40
N PRO H 32 -2.56 1.41 41.14
CA PRO H 32 -2.86 1.49 42.55
C PRO H 32 -4.36 1.37 42.89
N LYS H 33 -5.23 1.78 41.97
CA LYS H 33 -6.70 1.70 42.20
C LYS H 33 -7.18 0.25 42.13
N LEU H 34 -6.60 -0.56 41.24
CA LEU H 34 -7.05 -1.96 41.04
C LEU H 34 -6.31 -2.95 41.95
N ALA H 35 -5.04 -2.70 42.25
CA ALA H 35 -4.29 -3.63 43.14
C ALA H 35 -3.55 -2.81 44.19
N PRO H 36 -4.29 -2.12 45.08
CA PRO H 36 -3.71 -1.21 46.07
C PRO H 36 -2.67 -1.85 47.00
N LEU H 37 -2.89 -3.10 47.40
CA LEU H 37 -1.93 -3.76 48.33
C LEU H 37 -0.64 -4.07 47.57
N ALA H 38 -0.75 -4.69 46.41
CA ALA H 38 0.47 -5.02 45.63
C ALA H 38 1.23 -3.74 45.27
N VAL H 39 0.54 -2.67 44.87
CA VAL H 39 1.24 -1.44 44.43
C VAL H 39 1.88 -0.72 45.64
N GLU H 40 1.16 -0.60 46.76
CA GLU H 40 1.74 0.07 47.96
C GLU H 40 2.98 -0.71 48.42
N ASN H 41 2.86 -2.04 48.48
CA ASN H 41 3.95 -2.95 48.89
C ASN H 41 5.14 -2.77 47.96
N PHE H 42 4.87 -2.75 46.66
CA PHE H 42 5.95 -2.62 45.66
C PHE H 42 6.61 -1.23 45.74
N LEU H 43 5.81 -0.16 45.73
CA LEU H 43 6.39 1.22 45.77
C LEU H 43 7.13 1.48 47.10
N THR H 44 6.58 1.01 48.22
CA THR H 44 7.25 1.23 49.53
C THR H 44 8.58 0.44 49.53
N HIS H 45 8.55 -0.83 49.12
CA HIS H 45 9.81 -1.61 49.03
C HIS H 45 10.80 -0.92 48.08
N ALA H 46 10.34 -0.44 46.93
CA ALA H 46 11.26 0.20 45.96
C ALA H 46 11.94 1.42 46.60
N LYS H 47 11.16 2.33 47.18
CA LYS H 47 11.71 3.57 47.78
C LYS H 47 12.60 3.26 49.00
N GLU H 48 12.35 2.15 49.71
CA GLU H 48 13.17 1.76 50.89
C GLU H 48 14.45 1.03 50.44
N GLY H 49 14.60 0.78 49.14
CA GLY H 49 15.81 0.12 48.59
C GLY H 49 15.82 -1.40 48.78
N TYR H 50 14.67 -1.99 49.09
CA TYR H 50 14.55 -3.46 49.34
C TYR H 50 14.97 -4.27 48.10
N TYR H 51 14.74 -3.73 46.90
CA TYR H 51 15.02 -4.51 45.66
C TYR H 51 16.41 -4.19 45.10
N ASN H 52 17.13 -3.24 45.70
CA ASN H 52 18.50 -2.90 45.20
C ASN H 52 19.40 -4.13 45.28
N GLY H 53 19.95 -4.56 44.15
CA GLY H 53 20.87 -5.72 44.13
C GLY H 53 20.14 -7.04 44.02
N ILE H 54 18.80 -7.03 44.02
CA ILE H 54 18.02 -8.30 43.88
C ILE H 54 18.15 -8.80 42.45
N THR H 55 18.24 -10.11 42.28
CA THR H 55 18.45 -10.72 40.94
C THR H 55 17.17 -11.28 40.33
N PHE H 56 17.24 -11.54 39.03
CA PHE H 56 16.22 -12.34 38.31
C PHE H 56 16.74 -13.77 38.48
N HIS H 57 16.28 -14.48 39.50
CA HIS H 57 16.88 -15.79 39.86
C HIS H 57 16.34 -16.93 39.00
N ARG H 58 15.23 -16.71 38.31
CA ARG H 58 14.62 -17.77 37.48
C ARG H 58 14.08 -17.14 36.20
N VAL H 59 14.57 -17.61 35.05
CA VAL H 59 14.17 -17.08 33.71
C VAL H 59 13.80 -18.26 32.80
N ILE H 60 12.63 -18.16 32.16
CA ILE H 60 12.12 -19.20 31.22
C ILE H 60 11.71 -18.48 29.93
N ASP H 61 12.52 -18.53 28.87
CA ASP H 61 12.13 -17.85 27.60
C ASP H 61 10.82 -18.47 27.13
N GLY H 62 9.89 -17.64 26.64
CA GLY H 62 8.58 -18.13 26.16
C GLY H 62 7.60 -18.25 27.31
N PHE H 63 8.01 -17.79 28.50
CA PHE H 63 7.11 -17.89 29.67
C PHE H 63 7.19 -16.60 30.48
N VAL H 65 9.92 -14.10 33.49
CA VAL H 65 11.14 -13.91 34.26
C VAL H 65 10.71 -13.52 35.67
N GLN H 66 11.35 -14.06 36.72
CA GLN H 66 10.88 -13.69 38.09
C GLN H 66 12.06 -13.19 38.92
N THR H 67 11.74 -12.35 39.91
CA THR H 67 12.71 -11.62 40.75
C THR H 67 12.04 -11.25 42.07
N GLY H 68 12.69 -10.37 42.85
CA GLY H 68 12.08 -9.88 44.10
C GLY H 68 12.38 -10.73 45.31
N ASP H 69 13.31 -11.69 45.21
CA ASP H 69 13.63 -12.56 46.37
C ASP H 69 15.02 -12.24 46.92
N PRO H 70 15.12 -11.68 48.15
CA PRO H 70 16.41 -11.41 48.79
C PRO H 70 17.32 -12.65 48.86
N LYS H 71 16.72 -13.84 49.04
CA LYS H 71 17.48 -15.13 49.15
C LYS H 71 17.94 -15.60 47.77
N GLY H 72 17.38 -15.02 46.70
CA GLY H 72 17.74 -15.34 45.30
C GLY H 72 17.48 -16.79 44.90
N ASP H 73 16.53 -17.49 45.55
CA ASP H 73 16.25 -18.90 45.16
C ASP H 73 14.74 -19.15 45.09
N GLY H 74 13.92 -18.11 45.26
CA GLY H 74 12.46 -18.22 45.18
C GLY H 74 11.79 -18.60 46.50
N THR H 75 12.51 -18.62 47.63
CA THR H 75 11.88 -19.04 48.91
C THR H 75 11.80 -17.87 49.91
N GLY H 76 12.32 -16.69 49.56
CA GLY H 76 12.35 -15.57 50.52
C GLY H 76 11.44 -14.41 50.14
N GLY H 77 11.65 -13.27 50.80
CA GLY H 77 10.84 -12.08 50.55
C GLY H 77 9.73 -11.95 51.57
N GLN H 78 9.40 -10.71 51.93
CA GLN H 78 8.32 -10.43 52.91
C GLN H 78 7.57 -9.18 52.46
N SER H 79 6.29 -9.07 52.84
CA SER H 79 5.52 -7.84 52.50
C SER H 79 6.00 -6.74 53.45
N ILE H 80 5.59 -5.49 53.21
CA ILE H 80 5.96 -4.35 54.10
C ILE H 80 5.13 -4.41 55.39
N TRP H 81 4.17 -5.33 55.46
CA TRP H 81 3.27 -5.46 56.65
C TRP H 81 3.65 -6.67 57.50
N HIS H 82 4.65 -7.44 57.06
CA HIS H 82 5.06 -8.66 57.81
C HIS H 82 5.46 -8.26 59.23
N ASP H 83 4.81 -8.87 60.22
CA ASP H 83 5.11 -8.61 61.67
C ASP H 83 4.84 -7.14 62.05
N LYS H 84 4.12 -6.39 61.22
CA LYS H 84 3.77 -4.98 61.55
C LYS H 84 2.24 -4.80 61.55
N ASP H 85 1.52 -5.41 60.59
CA ASP H 85 0.05 -5.27 60.53
C ASP H 85 -0.57 -6.62 60.13
N LYS H 86 -1.08 -7.37 61.12
CA LYS H 86 -1.66 -8.71 60.89
C LYS H 86 -2.99 -8.64 60.13
N THR H 87 -3.53 -7.44 59.87
CA THR H 87 -4.81 -7.35 59.10
C THR H 87 -4.48 -7.38 57.61
N LYS H 88 -3.20 -7.25 57.26
CA LYS H 88 -2.76 -7.26 55.84
C LYS H 88 -1.79 -8.44 55.63
N ASP H 89 -1.03 -8.82 56.66
CA ASP H 89 -0.08 -9.95 56.52
C ASP H 89 -0.12 -10.80 57.79
N LYS H 90 -0.77 -11.97 57.73
CA LYS H 90 -0.90 -12.86 58.92
C LYS H 90 0.46 -13.51 59.22
N GLY H 91 1.38 -13.51 58.25
CA GLY H 91 2.72 -14.11 58.47
C GLY H 91 3.34 -14.70 57.20
N THR H 92 2.52 -15.08 56.21
CA THR H 92 3.05 -15.67 54.94
C THR H 92 2.85 -14.72 53.75
N GLY H 93 2.23 -13.55 53.98
CA GLY H 93 2.04 -12.57 52.88
C GLY H 93 0.65 -11.94 52.89
N PHE H 94 0.37 -11.09 51.90
CA PHE H 94 -0.96 -10.42 51.78
C PHE H 94 -1.81 -11.20 50.76
N LYS H 95 -3.10 -10.85 50.69
CA LYS H 95 -4.09 -11.59 49.87
C LYS H 95 -3.99 -11.26 48.38
N ASN H 96 -4.46 -12.20 47.54
CA ASN H 96 -4.50 -11.99 46.07
C ASN H 96 -5.59 -10.97 45.76
N GLU H 97 -5.25 -9.97 44.95
CA GLU H 97 -6.22 -8.96 44.48
C GLU H 97 -6.52 -9.30 43.01
N ILE H 98 -7.46 -10.23 42.77
CA ILE H 98 -7.82 -10.65 41.38
C ILE H 98 -8.92 -9.71 40.87
N THR H 99 -8.79 -9.22 39.64
CA THR H 99 -9.78 -8.29 39.05
C THR H 99 -10.03 -8.60 37.58
N PRO H 100 -11.28 -8.47 37.09
CA PRO H 100 -11.56 -8.69 35.68
C PRO H 100 -10.97 -7.56 34.81
N TYR H 101 -10.29 -6.58 35.42
CA TYR H 101 -9.66 -5.46 34.67
C TYR H 101 -8.17 -5.73 34.35
N LEU H 102 -7.53 -6.73 34.96
CA LEU H 102 -6.07 -6.97 34.73
C LEU H 102 -5.82 -8.45 34.44
N TYR H 103 -4.91 -8.72 33.48
CA TYR H 103 -4.60 -10.11 33.05
C TYR H 103 -3.09 -10.30 32.86
N ASN H 104 -2.67 -11.57 32.83
CA ASN H 104 -1.25 -11.97 32.67
C ASN H 104 -0.87 -11.99 31.19
N ILE H 105 -1.21 -10.91 30.47
CA ILE H 105 -0.83 -10.75 29.03
C ILE H 105 0.66 -10.42 28.98
N ARG H 106 1.25 -10.43 27.78
CA ARG H 106 2.69 -10.10 27.62
C ARG H 106 3.01 -8.74 28.27
N GLY H 107 4.05 -8.71 29.11
CA GLY H 107 4.47 -7.45 29.78
C GLY H 107 3.77 -7.22 31.10
N ALA H 108 2.75 -8.01 31.44
CA ALA H 108 2.04 -7.79 32.73
C ALA H 108 2.95 -8.17 33.89
N LEU H 109 2.99 -7.30 34.91
CA LEU H 109 3.76 -7.49 36.16
C LEU H 109 2.81 -8.11 37.21
N ALA H 110 3.16 -9.26 37.80
CA ALA H 110 2.28 -9.89 38.81
C ALA H 110 3.07 -10.46 39.97
N ALA H 112 4.21 -13.35 42.53
CA ALA H 112 4.46 -14.78 42.39
C ALA H 112 3.64 -15.59 43.41
N ASN H 113 3.98 -15.50 44.71
CA ASN H 113 3.29 -16.23 45.81
C ASN H 113 3.52 -17.75 45.64
N THR H 114 3.08 -18.57 46.59
CA THR H 114 3.35 -20.03 46.58
C THR H 114 2.23 -20.82 45.88
N GLY H 115 1.16 -20.14 45.49
CA GLY H 115 0.00 -20.84 44.90
C GLY H 115 -1.06 -21.10 45.96
N GLN H 116 -0.79 -20.69 47.21
CA GLN H 116 -1.76 -20.82 48.33
C GLN H 116 -2.22 -19.41 48.72
N PRO H 117 -3.42 -19.26 49.32
CA PRO H 117 -3.91 -17.93 49.69
C PRO H 117 -3.00 -17.18 50.67
N ASN H 118 -2.98 -15.85 50.55
CA ASN H 118 -2.21 -14.94 51.45
C ASN H 118 -0.71 -15.26 51.43
N THR H 119 -0.12 -15.45 50.24
CA THR H 119 1.35 -15.76 50.20
C THR H 119 2.08 -14.71 49.34
N ASN H 120 1.47 -13.55 49.09
CA ASN H 120 2.18 -12.47 48.33
C ASN H 120 3.15 -11.79 49.30
N GLY H 121 4.44 -11.78 48.96
CA GLY H 121 5.46 -11.15 49.82
C GLY H 121 6.15 -10.01 49.11
N SER H 122 7.22 -10.32 48.38
CA SER H 122 7.97 -9.29 47.64
C SER H 122 8.31 -9.81 46.24
N GLN H 123 8.21 -11.13 46.03
CA GLN H 123 8.54 -11.71 44.71
C GLN H 123 7.49 -11.39 43.67
N PHE H 124 7.96 -11.05 42.47
CA PHE H 124 7.07 -10.75 41.32
C PHE H 124 7.70 -11.31 40.05
N PHE H 125 6.91 -11.32 39.00
CA PHE H 125 7.38 -11.81 37.69
C PHE H 125 6.79 -10.95 36.58
N ILE H 126 7.44 -11.00 35.43
CA ILE H 126 6.98 -10.29 34.21
C ILE H 126 6.65 -11.36 33.18
N ASN H 127 5.42 -11.34 32.65
CA ASN H 127 4.99 -12.25 31.58
C ASN H 127 5.79 -11.91 30.33
N GLN H 128 6.49 -12.90 29.76
CA GLN H 128 7.38 -12.63 28.61
C GLN H 128 6.91 -13.41 27.38
N ASN H 129 6.09 -14.45 27.55
CA ASN H 129 5.60 -15.24 26.38
C ASN H 129 5.07 -14.29 25.30
N SER H 130 5.46 -14.54 24.03
CA SER H 130 4.99 -13.71 22.89
C SER H 130 4.32 -14.61 21.83
N THR H 131 4.13 -15.90 22.13
CA THR H 131 3.48 -16.82 21.17
C THR H 131 1.96 -16.78 21.41
N ASP H 132 1.19 -16.90 20.33
CA ASP H 132 -0.30 -16.92 20.40
C ASP H 132 -0.74 -17.99 21.40
N THR H 133 -1.60 -17.64 22.36
CA THR H 133 -2.10 -18.62 23.37
C THR H 133 -3.55 -19.02 23.06
N SER H 134 -4.03 -18.73 21.84
CA SER H 134 -5.44 -19.04 21.43
C SER H 134 -5.81 -20.52 21.66
N SER H 135 -4.91 -21.47 21.32
CA SER H 135 -5.20 -22.93 21.51
C SER H 135 -5.19 -23.33 23.00
N LYS H 136 -4.59 -22.52 23.88
CA LYS H 136 -4.54 -22.80 25.34
C LYS H 136 -5.51 -21.87 26.10
N LEU H 137 -6.40 -21.17 25.38
CA LEU H 137 -7.29 -20.17 26.01
C LEU H 137 -8.72 -20.70 26.18
N PRO H 138 -9.27 -20.71 27.41
CA PRO H 138 -10.69 -21.02 27.61
C PRO H 138 -11.52 -19.76 27.25
N THR H 139 -11.55 -19.44 25.95
CA THR H 139 -12.21 -18.25 25.31
C THR H 139 -13.44 -17.73 26.07
N SER H 140 -14.44 -18.57 26.34
CA SER H 140 -15.72 -18.14 26.98
C SER H 140 -15.50 -17.42 28.32
N LYS H 141 -14.26 -17.35 28.83
CA LYS H 141 -14.02 -16.68 30.15
C LYS H 141 -13.43 -15.27 30.00
N TYR H 142 -13.00 -14.87 28.78
CA TYR H 142 -12.31 -13.57 28.64
C TYR H 142 -13.07 -12.57 27.80
N PRO H 143 -13.00 -11.26 28.14
CA PRO H 143 -13.60 -10.21 27.32
C PRO H 143 -12.91 -10.27 25.94
N GLN H 144 -13.62 -9.87 24.88
CA GLN H 144 -13.06 -9.96 23.50
C GLN H 144 -11.71 -9.23 23.37
N LYS H 145 -11.60 -7.99 23.84
CA LYS H 145 -10.33 -7.23 23.72
C LYS H 145 -9.16 -7.98 24.40
N ILE H 146 -9.45 -8.77 25.42
CA ILE H 146 -8.36 -9.52 26.12
C ILE H 146 -8.04 -10.80 25.32
N ILE H 147 -9.05 -11.35 24.65
CA ILE H 147 -8.82 -12.52 23.77
C ILE H 147 -7.81 -12.07 22.70
N GLU H 148 -7.99 -10.83 22.20
CA GLU H 148 -7.09 -10.25 21.18
C GLU H 148 -5.69 -10.09 21.77
N ALA H 149 -5.58 -9.53 22.98
CA ALA H 149 -4.24 -9.37 23.61
C ALA H 149 -3.54 -10.73 23.76
N TYR H 150 -4.27 -11.78 24.16
CA TYR H 150 -3.62 -13.10 24.35
C TYR H 150 -3.14 -13.71 23.02
N LYS H 151 -3.48 -13.09 21.90
CA LYS H 151 -2.96 -13.59 20.59
C LYS H 151 -1.52 -13.11 20.41
N GLU H 152 -1.10 -12.10 21.20
CA GLU H 152 0.24 -11.46 21.15
C GLU H 152 1.15 -12.02 22.27
N GLY H 153 0.66 -13.00 23.04
CA GLY H 153 1.49 -13.62 24.10
C GLY H 153 0.76 -13.71 25.42
N GLY H 154 1.50 -13.89 26.51
CA GLY H 154 0.87 -13.99 27.85
C GLY H 154 0.79 -15.42 28.36
N ASN H 155 0.35 -15.56 29.60
CA ASN H 155 0.21 -16.87 30.29
C ASN H 155 -1.18 -16.90 30.93
N PRO H 156 -2.25 -17.21 30.16
CA PRO H 156 -3.61 -17.20 30.68
C PRO H 156 -3.83 -18.17 31.86
N SER H 157 -3.05 -19.27 31.92
CA SER H 157 -3.17 -20.24 33.04
C SER H 157 -2.80 -19.59 34.38
N LEU H 158 -2.17 -18.42 34.34
CA LEU H 158 -1.72 -17.76 35.61
C LEU H 158 -2.81 -16.83 36.15
N ASP H 159 -3.81 -16.47 35.33
CA ASP H 159 -4.87 -15.55 35.79
C ASP H 159 -5.66 -16.19 36.94
N GLY H 160 -5.96 -15.42 37.99
CA GLY H 160 -6.75 -15.99 39.08
C GLY H 160 -5.88 -16.55 40.19
N LYS H 161 -4.63 -16.92 39.88
CA LYS H 161 -3.71 -17.43 40.94
C LYS H 161 -2.63 -16.37 41.21
N HIS H 162 -2.34 -15.50 40.24
CA HIS H 162 -1.29 -14.46 40.42
C HIS H 162 -1.89 -13.09 40.21
N PRO H 163 -1.91 -12.20 41.23
CA PRO H 163 -2.47 -10.86 41.08
C PRO H 163 -1.56 -9.94 40.25
N VAL H 164 -2.15 -9.28 39.26
CA VAL H 164 -1.46 -8.35 38.34
C VAL H 164 -1.50 -6.95 38.96
N PHE H 165 -0.43 -6.16 38.83
CA PHE H 165 -0.43 -4.81 39.44
C PHE H 165 0.36 -3.84 38.60
N GLY H 166 0.91 -4.29 37.47
CA GLY H 166 1.71 -3.38 36.64
C GLY H 166 1.78 -3.86 35.21
N GLN H 167 2.31 -3.00 34.35
CA GLN H 167 2.45 -3.33 32.90
C GLN H 167 3.70 -2.64 32.35
N VAL H 168 4.56 -3.43 31.71
CA VAL H 168 5.79 -2.87 31.05
C VAL H 168 5.31 -2.05 29.85
N ILE H 169 5.79 -0.82 29.72
CA ILE H 169 5.37 0.07 28.60
C ILE H 169 6.63 0.55 27.87
N GLY H 170 7.78 0.05 28.31
CA GLY H 170 9.08 0.37 27.71
C GLY H 170 10.09 -0.66 28.13
N GLY H 171 10.95 -1.12 27.22
CA GLY H 171 11.99 -2.10 27.62
C GLY H 171 11.54 -3.56 27.58
N ASP H 173 12.18 -5.27 25.25
CA ASP H 173 13.36 -5.84 24.62
C ASP H 173 14.33 -6.30 25.71
N VAL H 174 14.42 -5.55 26.81
CA VAL H 174 15.32 -5.88 27.95
C VAL H 174 14.79 -7.15 28.60
N VAL H 175 13.46 -7.22 28.77
CA VAL H 175 12.82 -8.43 29.37
C VAL H 175 13.12 -9.64 28.48
N ASP H 176 13.00 -9.50 27.15
CA ASP H 176 13.31 -10.64 26.24
C ASP H 176 14.77 -11.06 26.40
N LYS H 177 15.68 -10.10 26.57
CA LYS H 177 17.14 -10.41 26.72
C LYS H 177 17.38 -11.15 28.03
N ILE H 178 16.72 -10.69 29.11
CA ILE H 178 16.84 -11.38 30.42
C ILE H 178 16.34 -12.82 30.26
N ALA H 179 15.20 -12.99 29.59
CA ALA H 179 14.55 -14.32 29.42
C ALA H 179 15.46 -15.30 28.66
N LYS H 180 16.27 -14.79 27.74
CA LYS H 180 17.14 -15.64 26.88
C LYS H 180 18.57 -15.69 27.43
N ALA H 181 18.78 -15.17 28.65
CA ALA H 181 20.13 -15.18 29.25
C ALA H 181 20.65 -16.63 29.40
N GLU H 182 21.96 -16.81 29.26
CA GLU H 182 22.54 -18.15 29.44
C GLU H 182 22.15 -18.59 30.86
N LYS H 183 21.79 -19.86 31.03
CA LYS H 183 21.32 -20.35 32.36
C LYS H 183 21.63 -21.84 32.51
N ASP H 184 21.45 -22.35 33.73
CA ASP H 184 21.68 -23.78 34.07
C ASP H 184 20.37 -24.57 33.91
N GLU H 185 20.38 -25.82 34.36
CA GLU H 185 19.19 -26.71 34.28
C GLU H 185 18.11 -26.22 35.27
N LYS H 186 18.51 -25.42 36.26
CA LYS H 186 17.56 -24.89 37.28
C LYS H 186 17.01 -23.52 36.82
N ASP H 187 17.32 -23.11 35.59
CA ASP H 187 16.80 -21.87 34.96
C ASP H 187 17.35 -20.61 35.66
N LYS H 188 18.48 -20.73 36.36
CA LYS H 188 19.12 -19.57 37.04
C LYS H 188 20.18 -19.01 36.10
N PRO H 189 20.18 -17.69 35.79
CA PRO H 189 21.16 -17.12 34.87
C PRO H 189 22.61 -17.40 35.28
N THR H 190 23.45 -17.80 34.32
CA THR H 190 24.90 -18.08 34.59
C THR H 190 25.53 -16.85 35.24
N THR H 191 25.35 -15.68 34.63
CA THR H 191 25.86 -14.40 35.21
C THR H 191 24.67 -13.64 35.78
N ALA H 192 24.76 -13.24 37.05
CA ALA H 192 23.67 -12.54 37.77
C ALA H 192 23.10 -11.34 37.00
N ILE H 193 21.77 -11.28 36.89
CA ILE H 193 21.03 -10.13 36.29
C ILE H 193 20.40 -9.42 37.49
N THR H 194 20.85 -8.20 37.78
CA THR H 194 20.40 -7.51 39.01
C THR H 194 19.58 -6.25 38.73
N ILE H 195 18.66 -5.96 39.65
CA ILE H 195 17.94 -4.67 39.68
C ILE H 195 18.91 -3.75 40.42
N ASP H 196 19.62 -2.88 39.72
CA ASP H 196 20.60 -1.98 40.37
C ASP H 196 19.83 -0.95 41.22
N SER H 197 18.73 -0.44 40.69
CA SER H 197 17.92 0.55 41.42
C SER H 197 16.53 0.65 40.80
N ILE H 198 15.59 1.24 41.53
CA ILE H 198 14.22 1.48 40.99
C ILE H 198 13.95 2.98 41.05
N GLU H 199 13.71 3.58 39.89
CA GLU H 199 13.44 5.03 39.81
C GLU H 199 11.92 5.23 39.84
N VAL H 200 11.42 5.94 40.83
CA VAL H 200 9.96 6.24 40.86
C VAL H 200 9.76 7.52 40.04
N VAL H 201 9.32 7.36 38.79
CA VAL H 201 9.11 8.51 37.87
C VAL H 201 7.84 9.26 38.30
N LYS H 202 6.77 8.50 38.60
CA LYS H 202 5.49 9.08 39.07
C LYS H 202 5.00 8.20 40.22
N ASP H 203 5.10 8.72 41.44
CA ASP H 203 4.72 7.96 42.65
C ASP H 203 3.20 8.05 42.83
N TYR H 204 2.69 7.33 43.83
CA TYR H 204 1.27 7.37 44.22
C TYR H 204 1.26 7.40 45.75
N ASP H 205 0.67 8.45 46.33
CA ASP H 205 0.62 8.58 47.81
C ASP H 205 -0.71 7.99 48.29
N PHE H 206 -0.67 6.80 48.89
CA PHE H 206 -1.90 6.12 49.37
C PHE H 206 -2.52 6.88 50.56
N LYS H 207 -1.86 7.89 51.12
CA LYS H 207 -2.48 8.62 52.27
C LYS H 207 -3.02 9.98 51.81
N SER H 208 -2.85 10.32 50.53
CA SER H 208 -3.33 11.63 50.04
C SER H 208 -4.85 11.65 49.93
N GLU H 209 -5.46 12.71 50.47
CA GLU H 209 -6.93 12.91 50.44
C GLU H 209 -7.22 14.17 49.62
N ASN H 210 -6.22 14.67 48.88
CA ASN H 210 -6.43 15.90 48.06
C ASN H 210 -7.34 15.54 46.89
N LEU H 211 -8.45 16.27 46.72
CA LEU H 211 -9.40 16.03 45.59
C LEU H 211 -8.82 16.65 44.32
N TYR H 212 -8.95 15.98 43.18
CA TYR H 212 -8.41 16.57 41.91
C TYR H 212 -9.57 17.01 41.00
N PHE H 213 -9.29 18.12 40.30
CA PHE H 213 -10.22 18.89 39.43
C PHE H 213 -9.92 18.62 37.96
N ASN I 2 -16.99 -4.59 -50.67
CA ASN I 2 -17.95 -3.54 -50.95
C ASN I 2 -18.59 -3.10 -49.63
N PHE I 3 -18.69 -1.79 -49.42
CA PHE I 3 -19.25 -1.19 -48.18
C PHE I 3 -20.68 -0.73 -48.45
N PRO I 4 -21.71 -1.42 -47.89
CA PRO I 4 -23.11 -1.11 -48.17
C PRO I 4 -23.61 0.31 -47.83
N GLN I 5 -22.88 1.01 -46.96
CA GLN I 5 -23.27 2.38 -46.55
C GLN I 5 -22.97 3.39 -47.67
N LEU I 6 -21.93 3.15 -48.47
CA LEU I 6 -21.50 4.10 -49.54
C LEU I 6 -22.47 4.09 -50.73
N SER I 7 -23.57 3.33 -50.66
CA SER I 7 -24.58 3.28 -51.74
C SER I 7 -25.96 3.56 -51.16
N LYS I 8 -26.75 4.43 -51.80
CA LYS I 8 -28.10 4.80 -51.27
C LYS I 8 -29.16 3.79 -51.73
N GLU I 9 -28.89 2.97 -52.74
CA GLU I 9 -29.89 1.96 -53.18
C GLU I 9 -30.01 0.86 -52.13
N VAL I 10 -31.21 0.28 -52.01
CA VAL I 10 -31.48 -0.81 -51.04
C VAL I 10 -31.17 -2.15 -51.74
N ALA I 11 -30.08 -2.81 -51.34
CA ALA I 11 -29.69 -4.12 -51.94
C ALA I 11 -30.74 -5.19 -51.58
N GLU I 12 -30.71 -6.32 -52.29
CA GLU I 12 -31.71 -7.40 -52.04
C GLU I 12 -31.60 -7.96 -50.62
N ASP I 13 -30.42 -7.84 -49.99
CA ASP I 13 -30.17 -8.39 -48.62
C ASP I 13 -30.30 -7.28 -47.57
N GLU I 14 -30.94 -6.16 -47.91
CA GLU I 14 -31.09 -5.03 -46.95
C GLU I 14 -32.58 -4.72 -46.75
N ALA I 15 -32.91 -4.18 -45.57
CA ALA I 15 -34.29 -3.79 -45.23
C ALA I 15 -34.40 -2.27 -45.37
N GLU I 16 -35.62 -1.74 -45.20
CA GLU I 16 -35.83 -0.26 -45.32
C GLU I 16 -36.98 0.17 -44.43
N VAL I 17 -36.79 1.27 -43.70
CA VAL I 17 -37.87 1.84 -42.84
C VAL I 17 -37.90 3.34 -43.03
N ILE I 18 -39.00 3.96 -42.60
CA ILE I 18 -39.11 5.44 -42.61
C ILE I 18 -39.47 5.86 -41.18
N LEU I 19 -38.60 6.65 -40.54
CA LEU I 19 -38.95 7.21 -39.22
C LEU I 19 -39.87 8.41 -39.46
N HIS I 20 -41.17 8.27 -39.19
CA HIS I 20 -42.07 9.43 -39.33
C HIS I 20 -41.96 10.26 -38.04
N THR I 21 -41.12 11.28 -38.04
CA THR I 21 -40.95 12.09 -36.79
C THR I 21 -41.78 13.38 -36.88
N SER I 22 -41.86 14.11 -35.76
CA SER I 22 -42.60 15.39 -35.64
C SER I 22 -41.85 16.51 -36.35
N GLN I 23 -40.65 16.24 -36.85
CA GLN I 23 -39.82 17.25 -37.59
C GLN I 23 -39.69 16.83 -39.06
N GLY I 24 -40.31 15.69 -39.43
CA GLY I 24 -40.25 15.20 -40.82
C GLY I 24 -39.90 13.72 -40.89
N ASP I 25 -39.76 13.19 -42.10
CA ASP I 25 -39.47 11.76 -42.34
C ASP I 25 -37.96 11.51 -42.49
N ILE I 26 -37.51 10.34 -42.03
CA ILE I 26 -36.09 9.88 -42.15
C ILE I 26 -36.11 8.47 -42.75
N ARG I 27 -35.59 8.32 -43.96
CA ARG I 27 -35.58 7.01 -44.68
C ARG I 27 -34.26 6.31 -44.34
N ILE I 28 -34.34 5.05 -43.94
CA ILE I 28 -33.15 4.31 -43.45
C ILE I 28 -33.09 2.90 -44.03
N LYS I 29 -31.90 2.50 -44.50
CA LYS I 29 -31.66 1.10 -44.97
C LYS I 29 -31.02 0.34 -43.80
N LEU I 30 -31.36 -0.93 -43.63
CA LEU I 30 -30.79 -1.73 -42.50
C LEU I 30 -29.97 -2.89 -43.07
N PHE I 31 -29.03 -3.42 -42.28
CA PHE I 31 -28.12 -4.50 -42.73
C PHE I 31 -28.32 -5.78 -41.90
N PRO I 32 -29.43 -6.53 -42.12
CA PRO I 32 -29.70 -7.74 -41.34
C PRO I 32 -28.62 -8.83 -41.46
N LYS I 33 -27.85 -8.82 -42.56
CA LYS I 33 -26.80 -9.85 -42.78
C LYS I 33 -25.50 -9.49 -42.04
N LEU I 34 -25.37 -8.23 -41.60
CA LEU I 34 -24.12 -7.82 -40.88
C LEU I 34 -24.41 -7.58 -39.40
N ALA I 35 -25.59 -7.07 -39.07
CA ALA I 35 -25.98 -6.85 -37.64
C ALA I 35 -27.31 -7.54 -37.38
N PRO I 36 -27.37 -8.88 -37.48
CA PRO I 36 -28.62 -9.62 -37.32
C PRO I 36 -29.41 -9.33 -36.03
N LEU I 37 -28.75 -9.36 -34.87
CA LEU I 37 -29.48 -9.10 -33.60
C LEU I 37 -29.95 -7.64 -33.56
N ALA I 38 -29.11 -6.68 -33.95
CA ALA I 38 -29.53 -5.26 -33.90
C ALA I 38 -30.73 -5.03 -34.83
N VAL I 39 -30.70 -5.60 -36.03
CA VAL I 39 -31.80 -5.37 -37.01
C VAL I 39 -33.08 -6.07 -36.56
N GLU I 40 -33.01 -7.34 -36.12
CA GLU I 40 -34.26 -8.01 -35.66
C GLU I 40 -34.86 -7.23 -34.48
N ASN I 41 -34.01 -6.88 -33.50
CA ASN I 41 -34.46 -6.11 -32.31
C ASN I 41 -35.16 -4.82 -32.77
N PHE I 42 -34.52 -4.05 -33.64
CA PHE I 42 -35.09 -2.77 -34.11
C PHE I 42 -36.41 -2.99 -34.87
N LEU I 43 -36.41 -3.91 -35.84
CA LEU I 43 -37.61 -4.14 -36.68
C LEU I 43 -38.78 -4.68 -35.85
N THR I 44 -38.50 -5.57 -34.89
CA THR I 44 -39.59 -6.16 -34.06
C THR I 44 -40.17 -5.05 -33.18
N HIS I 45 -39.31 -4.28 -32.51
CA HIS I 45 -39.79 -3.15 -31.67
C HIS I 45 -40.65 -2.19 -32.51
N ALA I 46 -40.15 -1.83 -33.69
CA ALA I 46 -40.84 -0.86 -34.58
C ALA I 46 -42.27 -1.29 -34.88
N LYS I 47 -42.45 -2.57 -35.23
CA LYS I 47 -43.76 -3.13 -35.64
C LYS I 47 -44.71 -3.26 -34.45
N GLU I 48 -44.17 -3.49 -33.26
CA GLU I 48 -44.97 -3.67 -32.02
C GLU I 48 -45.33 -2.30 -31.43
N GLY I 49 -44.89 -1.21 -32.08
CA GLY I 49 -45.19 0.18 -31.64
C GLY I 49 -44.33 0.63 -30.46
N TYR I 50 -43.27 -0.11 -30.14
CA TYR I 50 -42.38 0.23 -29.00
C TYR I 50 -41.83 1.66 -29.12
N TYR I 51 -41.48 2.08 -30.33
CA TYR I 51 -40.89 3.43 -30.54
C TYR I 51 -41.94 4.51 -30.80
N ASN I 52 -43.23 4.17 -30.86
CA ASN I 52 -44.29 5.18 -31.14
C ASN I 52 -44.40 6.16 -29.98
N GLY I 53 -44.19 7.45 -30.25
CA GLY I 53 -44.23 8.48 -29.19
C GLY I 53 -42.91 8.63 -28.47
N ILE I 54 -41.92 7.77 -28.76
CA ILE I 54 -40.58 7.90 -28.10
C ILE I 54 -39.87 9.12 -28.68
N THR I 55 -39.13 9.84 -27.83
CA THR I 55 -38.50 11.13 -28.24
C THR I 55 -37.00 11.00 -28.53
N PHE I 56 -36.48 12.06 -29.17
CA PHE I 56 -35.02 12.29 -29.35
C PHE I 56 -34.66 13.03 -28.07
N HIS I 57 -34.23 12.28 -27.05
CA HIS I 57 -34.05 12.82 -25.67
C HIS I 57 -32.70 13.53 -25.50
N ARG I 58 -31.78 13.36 -26.44
CA ARG I 58 -30.45 13.97 -26.29
C ARG I 58 -29.94 14.36 -27.67
N VAL I 59 -29.67 15.66 -27.88
CA VAL I 59 -29.20 16.10 -29.21
C VAL I 59 -27.93 16.94 -29.03
N ILE I 60 -26.87 16.64 -29.79
CA ILE I 60 -25.56 17.36 -29.78
C ILE I 60 -25.24 17.74 -31.22
N ASP I 61 -25.45 19.00 -31.59
CA ASP I 61 -25.19 19.46 -32.98
C ASP I 61 -23.69 19.26 -33.30
N GLY I 62 -23.41 18.69 -34.48
CA GLY I 62 -22.04 18.39 -34.93
C GLY I 62 -21.58 17.03 -34.42
N PHE I 63 -22.47 16.28 -33.75
CA PHE I 63 -22.11 14.94 -33.19
C PHE I 63 -23.19 13.92 -33.56
N VAL I 65 -27.69 12.55 -32.67
CA VAL I 65 -28.98 12.65 -31.99
C VAL I 65 -29.31 11.24 -31.46
N GLN I 66 -29.78 11.14 -30.22
CA GLN I 66 -30.11 9.84 -29.57
C GLN I 66 -31.61 9.69 -29.32
N THR I 67 -32.10 8.45 -29.41
CA THR I 67 -33.54 8.18 -29.19
C THR I 67 -33.66 6.73 -28.73
N GLY I 68 -34.89 6.21 -28.77
CA GLY I 68 -35.17 4.80 -28.44
C GLY I 68 -35.27 4.51 -26.97
N ASP I 69 -35.36 5.54 -26.12
CA ASP I 69 -35.47 5.30 -24.65
C ASP I 69 -36.89 5.63 -24.16
N PRO I 70 -37.70 4.63 -23.75
CA PRO I 70 -39.05 4.92 -23.23
C PRO I 70 -39.03 5.84 -21.99
N LYS I 71 -37.93 5.90 -21.25
CA LYS I 71 -37.84 6.76 -20.03
C LYS I 71 -37.40 8.19 -20.40
N GLY I 72 -37.00 8.40 -21.66
CA GLY I 72 -36.56 9.71 -22.18
C GLY I 72 -35.44 10.35 -21.39
N ASP I 73 -34.55 9.58 -20.75
CA ASP I 73 -33.45 10.20 -19.96
C ASP I 73 -32.11 9.48 -20.23
N GLY I 74 -32.12 8.45 -21.08
CA GLY I 74 -30.90 7.72 -21.45
C GLY I 74 -30.63 6.52 -20.58
N THR I 75 -31.52 6.22 -19.62
CA THR I 75 -31.26 5.06 -18.72
C THR I 75 -32.16 3.88 -19.04
N GLY I 76 -33.06 3.99 -20.02
CA GLY I 76 -34.02 2.87 -20.18
C GLY I 76 -33.95 2.17 -21.52
N GLY I 77 -34.95 1.34 -21.77
CA GLY I 77 -35.03 0.55 -23.01
C GLY I 77 -34.61 -0.88 -22.76
N GLN I 78 -35.29 -1.80 -23.42
CA GLN I 78 -35.02 -3.24 -23.28
C GLN I 78 -35.04 -3.87 -24.67
N SER I 79 -34.22 -4.89 -24.88
CA SER I 79 -34.23 -5.63 -26.16
C SER I 79 -35.49 -6.50 -26.20
N ILE I 80 -35.85 -6.99 -27.38
CA ILE I 80 -37.02 -7.88 -27.54
C ILE I 80 -36.75 -9.24 -26.87
N TRP I 81 -35.52 -9.50 -26.41
CA TRP I 81 -35.19 -10.83 -25.79
C TRP I 81 -35.07 -10.74 -24.27
N HIS I 82 -35.13 -9.54 -23.71
CA HIS I 82 -35.00 -9.33 -22.25
C HIS I 82 -35.95 -10.27 -21.48
N ASP I 83 -35.40 -11.10 -20.61
CA ASP I 83 -36.18 -12.02 -19.74
C ASP I 83 -37.00 -13.02 -20.60
N LYS I 84 -36.61 -13.23 -21.87
CA LYS I 84 -37.30 -14.23 -22.76
C LYS I 84 -36.30 -15.23 -23.32
N ASP I 85 -35.13 -14.76 -23.77
CA ASP I 85 -34.11 -15.66 -24.38
C ASP I 85 -32.74 -15.31 -23.80
N LYS I 86 -32.25 -16.10 -22.85
CA LYS I 86 -30.95 -15.82 -22.16
C LYS I 86 -29.75 -16.14 -23.06
N THR I 87 -29.97 -16.64 -24.28
CA THR I 87 -28.82 -16.91 -25.18
C THR I 87 -28.49 -15.62 -25.94
N LYS I 88 -29.42 -14.66 -25.96
CA LYS I 88 -29.21 -13.37 -26.69
C LYS I 88 -29.19 -12.21 -25.69
N ASP I 89 -29.93 -12.32 -24.59
CA ASP I 89 -29.98 -11.23 -23.59
C ASP I 89 -30.02 -11.86 -22.19
N LYS I 90 -28.93 -11.75 -21.43
CA LYS I 90 -28.83 -12.34 -20.07
C LYS I 90 -29.31 -11.33 -19.02
N GLY I 91 -29.87 -10.18 -19.45
CA GLY I 91 -30.42 -9.19 -18.50
C GLY I 91 -30.01 -7.75 -18.80
N THR I 92 -28.81 -7.54 -19.32
CA THR I 92 -28.30 -6.16 -19.54
C THR I 92 -28.42 -5.76 -21.01
N GLY I 93 -28.84 -6.67 -21.89
CA GLY I 93 -28.92 -6.36 -23.32
C GLY I 93 -28.19 -7.40 -24.17
N PHE I 94 -28.04 -7.14 -25.47
CA PHE I 94 -27.38 -8.12 -26.37
C PHE I 94 -25.99 -7.60 -26.77
N LYS I 95 -25.18 -8.50 -27.33
CA LYS I 95 -23.77 -8.23 -27.67
C LYS I 95 -23.59 -7.27 -28.85
N ASN I 96 -22.43 -6.61 -28.86
CA ASN I 96 -22.02 -5.72 -29.97
C ASN I 96 -21.71 -6.57 -31.20
N GLU I 97 -22.29 -6.19 -32.33
CA GLU I 97 -22.00 -6.86 -33.63
C GLU I 97 -21.09 -5.91 -34.39
N ILE I 98 -19.78 -6.00 -34.16
CA ILE I 98 -18.80 -5.10 -34.86
C ILE I 98 -18.24 -5.82 -36.07
N THR I 99 -18.36 -5.20 -37.25
CA THR I 99 -17.86 -5.76 -38.54
C THR I 99 -16.94 -4.73 -39.18
N PRO I 100 -15.91 -5.14 -39.97
CA PRO I 100 -15.05 -4.18 -40.64
C PRO I 100 -15.72 -3.61 -41.91
N TYR I 101 -17.03 -3.84 -42.08
CA TYR I 101 -17.78 -3.35 -43.27
C TYR I 101 -18.72 -2.18 -42.92
N LEU I 102 -18.92 -1.88 -41.63
CA LEU I 102 -19.85 -0.79 -41.24
C LEU I 102 -19.13 0.18 -40.30
N TYR I 103 -19.30 1.48 -40.53
CA TYR I 103 -18.62 2.53 -39.73
C TYR I 103 -19.60 3.65 -39.36
N ASN I 104 -19.20 4.43 -38.35
CA ASN I 104 -20.00 5.57 -37.82
C ASN I 104 -19.82 6.83 -38.67
N ILE I 105 -20.03 6.69 -39.98
CA ILE I 105 -20.01 7.85 -40.93
C ILE I 105 -21.31 8.62 -40.76
N ARG I 106 -21.36 9.85 -41.26
CA ARG I 106 -22.60 10.67 -41.15
C ARG I 106 -23.77 9.84 -41.68
N GLY I 107 -24.88 9.83 -40.92
CA GLY I 107 -26.12 9.11 -41.28
C GLY I 107 -26.15 7.66 -40.80
N ALA I 108 -25.07 7.18 -40.21
CA ALA I 108 -25.06 5.76 -39.76
C ALA I 108 -25.90 5.61 -38.49
N LEU I 109 -26.72 4.55 -38.44
CA LEU I 109 -27.52 4.18 -37.25
C LEU I 109 -26.71 3.17 -36.45
N ALA I 110 -26.57 3.43 -35.14
CA ALA I 110 -25.79 2.54 -34.26
C ALA I 110 -26.50 2.47 -32.90
N ALA I 112 -26.67 2.58 -28.88
CA ALA I 112 -25.99 3.37 -27.87
C ALA I 112 -25.21 2.44 -26.90
N ASN I 113 -25.90 1.80 -25.96
CA ASN I 113 -25.33 0.89 -24.93
C ASN I 113 -24.57 1.70 -23.88
N THR I 114 -24.08 1.05 -22.83
CA THR I 114 -23.44 1.75 -21.68
C THR I 114 -21.91 1.79 -21.78
N GLY I 115 -21.32 1.25 -22.86
CA GLY I 115 -19.84 1.17 -22.94
C GLY I 115 -19.34 -0.17 -22.41
N GLN I 116 -20.21 -0.93 -21.73
CA GLN I 116 -19.85 -2.28 -21.21
C GLN I 116 -20.37 -3.32 -22.21
N PRO I 117 -19.77 -4.54 -22.25
CA PRO I 117 -20.24 -5.57 -23.16
C PRO I 117 -21.68 -6.02 -22.87
N ASN I 118 -22.40 -6.40 -23.93
CA ASN I 118 -23.78 -6.97 -23.86
C ASN I 118 -24.75 -5.96 -23.27
N THR I 119 -24.70 -4.68 -23.68
CA THR I 119 -25.63 -3.69 -23.10
C THR I 119 -26.48 -3.00 -24.18
N ASN I 120 -26.61 -3.60 -25.36
CA ASN I 120 -27.51 -3.03 -26.39
C ASN I 120 -28.95 -3.37 -25.99
N GLY I 121 -29.82 -2.38 -25.88
CA GLY I 121 -31.23 -2.61 -25.48
C GLY I 121 -32.18 -2.14 -26.55
N SER I 122 -32.58 -0.86 -26.50
CA SER I 122 -33.49 -0.29 -27.53
C SER I 122 -32.94 1.06 -28.01
N GLN I 123 -32.07 1.69 -27.23
CA GLN I 123 -31.56 3.05 -27.59
C GLN I 123 -30.58 2.99 -28.76
N PHE I 124 -30.75 3.90 -29.69
CA PHE I 124 -29.85 4.02 -30.86
C PHE I 124 -29.64 5.50 -31.13
N PHE I 125 -28.65 5.80 -31.97
CA PHE I 125 -28.32 7.21 -32.31
C PHE I 125 -28.06 7.29 -33.82
N ILE I 126 -28.17 8.49 -34.38
CA ILE I 126 -27.81 8.77 -35.79
C ILE I 126 -26.59 9.69 -35.79
N ASN I 127 -25.51 9.28 -36.45
CA ASN I 127 -24.27 10.11 -36.54
C ASN I 127 -24.63 11.36 -37.35
N GLN I 128 -24.35 12.56 -36.83
CA GLN I 128 -24.82 13.79 -37.51
C GLN I 128 -23.65 14.73 -37.83
N ASN I 129 -22.45 14.37 -37.39
CA ASN I 129 -21.23 15.16 -37.67
C ASN I 129 -21.06 15.33 -39.19
N SER I 130 -20.71 16.54 -39.63
CA SER I 130 -20.54 16.84 -41.07
C SER I 130 -19.16 17.46 -41.35
N THR I 131 -18.18 17.23 -40.48
CA THR I 131 -16.84 17.86 -40.67
C THR I 131 -15.82 16.82 -41.17
N ASP I 132 -14.95 17.25 -42.08
CA ASP I 132 -13.92 16.35 -42.66
C ASP I 132 -12.70 16.29 -41.73
N THR I 133 -12.51 15.12 -41.11
CA THR I 133 -11.34 14.82 -40.25
C THR I 133 -10.73 13.50 -40.76
N SER I 134 -11.09 13.13 -41.99
CA SER I 134 -10.68 11.86 -42.65
C SER I 134 -9.15 11.71 -42.72
N SER I 135 -8.38 12.81 -42.78
CA SER I 135 -6.91 12.63 -42.90
C SER I 135 -6.30 12.17 -41.56
N LYS I 136 -7.08 12.16 -40.47
CA LYS I 136 -6.57 11.65 -39.16
C LYS I 136 -6.66 10.12 -39.10
N LEU I 137 -7.48 9.51 -39.96
CA LEU I 137 -7.73 8.05 -39.93
C LEU I 137 -6.59 7.28 -40.61
N PRO I 138 -5.80 6.49 -39.85
CA PRO I 138 -4.69 5.74 -40.42
C PRO I 138 -5.16 4.52 -41.24
N THR I 139 -4.48 4.29 -42.35
CA THR I 139 -4.74 3.16 -43.29
C THR I 139 -4.60 1.82 -42.55
N SER I 140 -3.88 1.83 -41.42
CA SER I 140 -3.63 0.59 -40.62
C SER I 140 -4.87 0.20 -39.80
N LYS I 141 -5.93 1.01 -39.84
CA LYS I 141 -7.15 0.68 -39.05
C LYS I 141 -8.40 0.84 -39.92
N TYR I 142 -8.31 1.66 -40.99
CA TYR I 142 -9.47 1.95 -41.87
C TYR I 142 -9.16 1.72 -43.34
N PRO I 143 -10.10 1.13 -44.11
CA PRO I 143 -9.93 0.97 -45.55
C PRO I 143 -9.97 2.35 -46.21
N GLN I 144 -9.25 2.53 -47.32
CA GLN I 144 -9.18 3.85 -48.02
C GLN I 144 -10.58 4.29 -48.47
N LYS I 145 -11.41 3.36 -48.93
CA LYS I 145 -12.82 3.65 -49.35
C LYS I 145 -13.60 4.28 -48.18
N ILE I 146 -13.29 3.84 -46.95
CA ILE I 146 -14.00 4.35 -45.74
C ILE I 146 -13.38 5.70 -45.36
N ILE I 147 -12.04 5.82 -45.44
CA ILE I 147 -11.40 7.13 -45.14
C ILE I 147 -12.01 8.17 -46.09
N GLU I 148 -12.26 7.79 -47.34
CA GLU I 148 -12.83 8.74 -48.33
C GLU I 148 -14.25 9.11 -47.88
N ALA I 149 -15.06 8.10 -47.53
CA ALA I 149 -16.45 8.31 -47.07
C ALA I 149 -16.50 9.29 -45.88
N TYR I 150 -15.55 9.19 -44.93
CA TYR I 150 -15.54 10.09 -43.75
C TYR I 150 -15.34 11.57 -44.13
N LYS I 151 -14.99 11.84 -45.39
CA LYS I 151 -14.84 13.26 -45.83
C LYS I 151 -16.18 14.01 -45.67
N GLU I 152 -17.31 13.30 -45.71
CA GLU I 152 -18.63 14.00 -45.61
C GLU I 152 -19.04 14.11 -44.13
N GLY I 153 -18.20 13.60 -43.22
CA GLY I 153 -18.46 13.69 -41.78
C GLY I 153 -18.62 12.32 -41.12
N GLY I 154 -18.61 12.31 -39.79
CA GLY I 154 -18.75 11.08 -39.01
C GLY I 154 -18.07 11.19 -37.66
N ASN I 155 -18.21 10.16 -36.84
CA ASN I 155 -17.65 10.08 -35.47
C ASN I 155 -16.83 8.79 -35.40
N PRO I 156 -15.62 8.77 -36.01
CA PRO I 156 -14.77 7.58 -36.05
C PRO I 156 -14.36 7.02 -34.67
N SER I 157 -14.37 7.87 -33.64
CA SER I 157 -14.05 7.40 -32.26
C SER I 157 -15.15 6.46 -31.74
N LEU I 158 -16.29 6.36 -32.44
CA LEU I 158 -17.38 5.46 -31.99
C LEU I 158 -17.21 4.07 -32.62
N ASP I 159 -16.38 3.98 -33.68
CA ASP I 159 -16.17 2.69 -34.37
C ASP I 159 -15.63 1.65 -33.38
N GLY I 160 -16.20 0.45 -33.39
CA GLY I 160 -15.75 -0.64 -32.49
C GLY I 160 -16.41 -0.58 -31.12
N LYS I 161 -17.04 0.53 -30.76
CA LYS I 161 -17.70 0.67 -29.43
C LYS I 161 -19.23 0.68 -29.61
N HIS I 162 -19.71 1.07 -30.80
CA HIS I 162 -21.16 1.15 -31.05
C HIS I 162 -21.47 0.41 -32.35
N PRO I 163 -22.24 -0.70 -32.27
CA PRO I 163 -22.55 -1.49 -33.47
C PRO I 163 -23.47 -0.73 -34.43
N VAL I 164 -23.00 -0.57 -35.67
CA VAL I 164 -23.75 0.08 -36.77
C VAL I 164 -24.69 -0.98 -37.36
N PHE I 165 -25.94 -0.61 -37.68
CA PHE I 165 -26.95 -1.58 -38.20
C PHE I 165 -27.81 -0.92 -39.28
N GLY I 166 -27.66 0.39 -39.48
CA GLY I 166 -28.45 1.11 -40.49
C GLY I 166 -27.73 2.32 -41.06
N GLN I 167 -28.30 2.92 -42.10
CA GLN I 167 -27.71 4.12 -42.75
C GLN I 167 -28.85 5.00 -43.26
N VAL I 168 -28.84 6.27 -42.89
CA VAL I 168 -29.88 7.21 -43.40
C VAL I 168 -29.61 7.39 -44.91
N ILE I 169 -30.64 7.27 -45.75
CA ILE I 169 -30.51 7.41 -47.23
C ILE I 169 -31.41 8.55 -47.70
N GLY I 170 -32.10 9.21 -46.76
CA GLY I 170 -32.99 10.33 -47.09
C GLY I 170 -33.48 11.02 -45.82
N GLY I 171 -33.59 12.34 -45.85
CA GLY I 171 -34.08 13.11 -44.68
C GLY I 171 -32.97 13.46 -43.70
N ASP I 173 -31.61 16.15 -43.66
CA ASP I 173 -31.95 17.53 -43.32
C ASP I 173 -32.81 17.53 -42.05
N VAL I 174 -33.71 16.55 -41.92
CA VAL I 174 -34.57 16.42 -40.70
C VAL I 174 -33.65 16.17 -39.49
N VAL I 175 -32.72 15.22 -39.61
CA VAL I 175 -31.71 14.90 -38.54
C VAL I 175 -30.98 16.19 -38.12
N ASP I 176 -30.57 17.01 -39.09
CA ASP I 176 -29.86 18.29 -38.79
C ASP I 176 -30.81 19.23 -38.02
N LYS I 177 -32.09 19.29 -38.39
CA LYS I 177 -33.06 20.16 -37.67
C LYS I 177 -33.20 19.66 -36.23
N ILE I 178 -33.28 18.33 -36.06
CA ILE I 178 -33.37 17.73 -34.70
C ILE I 178 -32.12 18.10 -33.89
N ALA I 179 -30.94 18.00 -34.49
CA ALA I 179 -29.66 18.26 -33.77
C ALA I 179 -29.51 19.72 -33.36
N LYS I 180 -30.18 20.65 -34.04
CA LYS I 180 -30.05 22.11 -33.75
C LYS I 180 -31.16 22.60 -32.83
N ALA I 181 -32.10 21.72 -32.45
CA ALA I 181 -33.25 22.13 -31.61
C ALA I 181 -32.78 22.74 -30.29
N GLU I 182 -33.48 23.78 -29.83
CA GLU I 182 -33.20 24.44 -28.53
C GLU I 182 -33.22 23.33 -27.46
N LYS I 183 -32.31 23.36 -26.49
CA LYS I 183 -32.23 22.26 -25.48
C LYS I 183 -31.79 22.79 -24.10
N ASP I 184 -31.98 21.99 -23.05
CA ASP I 184 -31.61 22.36 -21.66
C ASP I 184 -30.14 21.97 -21.39
N GLU I 185 -29.71 22.06 -20.12
CA GLU I 185 -28.30 21.76 -19.74
C GLU I 185 -28.02 20.26 -19.91
N LYS I 186 -29.07 19.42 -20.05
CA LYS I 186 -28.89 17.96 -20.24
C LYS I 186 -28.97 17.61 -21.75
N ASP I 187 -29.08 18.64 -22.60
CA ASP I 187 -29.13 18.48 -24.08
C ASP I 187 -30.47 17.87 -24.53
N LYS I 188 -31.49 17.92 -23.67
CA LYS I 188 -32.84 17.43 -24.03
C LYS I 188 -33.58 18.56 -24.72
N PRO I 189 -34.19 18.34 -25.91
CA PRO I 189 -34.94 19.40 -26.57
C PRO I 189 -36.03 19.99 -25.67
N THR I 190 -36.14 21.33 -25.61
CA THR I 190 -37.16 22.00 -24.76
C THR I 190 -38.56 21.76 -25.37
N THR I 191 -38.62 21.44 -26.66
CA THR I 191 -39.90 21.06 -27.34
C THR I 191 -39.76 19.61 -27.81
N ALA I 192 -40.50 18.70 -27.20
CA ALA I 192 -40.42 17.25 -27.51
C ALA I 192 -40.35 17.01 -29.02
N ILE I 193 -39.39 16.19 -29.45
CA ILE I 193 -39.27 15.74 -30.86
C ILE I 193 -39.57 14.24 -30.82
N THR I 194 -40.63 13.83 -31.50
CA THR I 194 -41.07 12.42 -31.36
C THR I 194 -41.02 11.63 -32.65
N ILE I 195 -40.84 10.31 -32.48
CA ILE I 195 -41.05 9.30 -33.56
C ILE I 195 -42.54 9.00 -33.47
N ASP I 196 -43.36 9.57 -34.35
CA ASP I 196 -44.83 9.34 -34.27
C ASP I 196 -45.13 7.89 -34.68
N SER I 197 -44.42 7.39 -35.68
CA SER I 197 -44.61 6.00 -36.17
C SER I 197 -43.40 5.60 -37.01
N ILE I 198 -43.22 4.30 -37.21
CA ILE I 198 -42.12 3.77 -38.06
C ILE I 198 -42.76 2.90 -39.14
N GLU I 199 -42.51 3.25 -40.40
CA GLU I 199 -43.06 2.50 -41.56
C GLU I 199 -42.01 1.52 -42.06
N VAL I 200 -42.36 0.23 -42.08
CA VAL I 200 -41.43 -0.81 -42.61
C VAL I 200 -41.67 -0.88 -44.12
N VAL I 201 -40.89 -0.13 -44.90
CA VAL I 201 -41.05 -0.12 -46.39
C VAL I 201 -40.68 -1.50 -46.92
N LYS I 202 -39.55 -2.04 -46.46
CA LYS I 202 -39.10 -3.40 -46.87
C LYS I 202 -38.60 -4.15 -45.64
N ASP I 203 -39.35 -5.15 -45.20
CA ASP I 203 -39.03 -5.94 -43.98
C ASP I 203 -38.00 -7.01 -44.35
N TYR I 204 -37.51 -7.71 -43.32
CA TYR I 204 -36.58 -8.86 -43.48
C TYR I 204 -37.08 -9.97 -42.55
N ASP I 205 -37.24 -11.18 -43.09
CA ASP I 205 -37.79 -12.31 -42.30
C ASP I 205 -36.64 -13.12 -41.70
N PHE I 206 -36.44 -13.02 -40.38
CA PHE I 206 -35.33 -13.73 -39.69
C PHE I 206 -35.61 -15.23 -39.62
N LYS I 207 -36.80 -15.67 -40.04
CA LYS I 207 -37.19 -17.11 -40.04
C LYS I 207 -36.91 -17.74 -41.41
N SER I 208 -36.63 -16.93 -42.43
CA SER I 208 -36.45 -17.44 -43.81
C SER I 208 -35.13 -18.23 -43.98
N GLU I 209 -35.23 -19.43 -44.58
CA GLU I 209 -34.07 -20.32 -44.84
C GLU I 209 -33.79 -20.38 -46.34
N ASN I 210 -34.56 -19.63 -47.14
CA ASN I 210 -34.39 -19.62 -48.62
C ASN I 210 -32.96 -19.21 -48.98
N LEU I 211 -32.30 -19.93 -49.89
CA LEU I 211 -30.92 -19.57 -50.32
C LEU I 211 -30.99 -18.64 -51.53
N TYR I 212 -30.14 -17.62 -51.56
CA TYR I 212 -30.06 -16.66 -52.69
C TYR I 212 -28.66 -16.76 -53.31
N PHE I 213 -28.58 -16.76 -54.64
CA PHE I 213 -27.32 -16.88 -55.42
C PHE I 213 -26.61 -15.52 -55.47
N ASN J 2 15.20 -3.65 -28.67
CA ASN J 2 15.88 -4.69 -29.44
C ASN J 2 15.04 -5.97 -29.44
N PHE J 3 14.42 -6.31 -28.30
CA PHE J 3 13.56 -7.53 -28.23
C PHE J 3 12.11 -7.10 -28.09
N PRO J 4 11.38 -6.94 -29.23
CA PRO J 4 10.01 -6.44 -29.21
C PRO J 4 8.96 -7.34 -28.51
N GLN J 5 9.30 -8.61 -28.28
CA GLN J 5 8.37 -9.55 -27.58
C GLN J 5 8.25 -9.14 -26.11
N LEU J 6 9.30 -8.51 -25.56
CA LEU J 6 9.34 -8.11 -24.13
C LEU J 6 8.57 -6.81 -23.93
N SER J 7 7.42 -6.65 -24.61
CA SER J 7 6.57 -5.44 -24.47
C SER J 7 5.13 -5.77 -24.82
N LYS J 8 4.19 -5.37 -23.96
CA LYS J 8 2.74 -5.59 -24.24
C LYS J 8 2.21 -4.40 -25.04
N GLU J 9 3.07 -3.40 -25.30
CA GLU J 9 2.70 -2.22 -26.12
C GLU J 9 2.93 -2.54 -27.59
N VAL J 10 1.96 -2.20 -28.45
CA VAL J 10 2.12 -2.42 -29.92
C VAL J 10 2.92 -1.24 -30.45
N ALA J 11 4.19 -1.47 -30.79
CA ALA J 11 5.08 -0.40 -31.29
C ALA J 11 4.56 0.16 -32.62
N GLU J 12 5.16 1.26 -33.06
CA GLU J 12 4.76 1.93 -34.33
C GLU J 12 4.80 0.92 -35.49
N ASP J 13 5.85 0.10 -35.57
CA ASP J 13 6.02 -0.84 -36.71
C ASP J 13 5.44 -2.23 -36.42
N GLU J 14 4.52 -2.35 -35.48
CA GLU J 14 3.94 -3.68 -35.15
C GLU J 14 2.47 -3.75 -35.56
N ALA J 15 1.97 -4.95 -35.86
CA ALA J 15 0.55 -5.16 -36.23
C ALA J 15 -0.15 -5.77 -35.01
N GLU J 16 -1.49 -5.83 -35.03
CA GLU J 16 -2.25 -6.38 -33.86
C GLU J 16 -3.52 -7.08 -34.35
N VAL J 17 -3.71 -8.32 -33.88
CA VAL J 17 -4.93 -9.10 -34.22
C VAL J 17 -5.53 -9.62 -32.92
N ILE J 18 -6.83 -9.95 -32.96
CA ILE J 18 -7.53 -10.61 -31.83
C ILE J 18 -8.12 -11.89 -32.41
N LEU J 19 -7.75 -13.04 -31.85
CA LEU J 19 -8.36 -14.31 -32.31
C LEU J 19 -9.65 -14.49 -31.51
N HIS J 20 -10.80 -14.45 -32.18
CA HIS J 20 -12.10 -14.67 -31.47
C HIS J 20 -12.36 -16.17 -31.43
N THR J 21 -11.90 -16.83 -30.36
CA THR J 21 -12.05 -18.31 -30.23
C THR J 21 -13.26 -18.65 -29.35
N SER J 22 -13.72 -19.90 -29.45
CA SER J 22 -14.87 -20.40 -28.66
C SER J 22 -14.50 -20.51 -27.17
N GLN J 23 -13.22 -20.28 -26.84
CA GLN J 23 -12.74 -20.33 -25.43
C GLN J 23 -12.40 -18.92 -24.97
N GLY J 24 -12.56 -17.92 -25.86
CA GLY J 24 -12.27 -16.52 -25.50
C GLY J 24 -11.40 -15.83 -26.53
N ASP J 25 -10.99 -14.60 -26.23
CA ASP J 25 -10.16 -13.78 -27.15
C ASP J 25 -8.67 -13.92 -26.83
N ILE J 26 -7.85 -14.00 -27.87
CA ILE J 26 -6.36 -14.02 -27.75
C ILE J 26 -5.86 -12.78 -28.50
N ARG J 27 -5.28 -11.82 -27.78
CA ARG J 27 -4.78 -10.56 -28.38
C ARG J 27 -3.30 -10.76 -28.74
N ILE J 28 -2.95 -10.56 -30.01
CA ILE J 28 -1.57 -10.85 -30.48
C ILE J 28 -1.03 -9.67 -31.28
N LYS J 29 0.24 -9.33 -31.05
CA LYS J 29 0.92 -8.32 -31.90
C LYS J 29 1.82 -9.10 -32.86
N LEU J 30 2.05 -8.55 -34.04
CA LEU J 30 2.87 -9.22 -35.08
C LEU J 30 4.10 -8.36 -35.39
N PHE J 31 5.18 -8.99 -35.87
CA PHE J 31 6.45 -8.27 -36.15
C PHE J 31 6.72 -8.28 -37.65
N PRO J 32 6.03 -7.42 -38.44
CA PRO J 32 6.20 -7.38 -39.90
C PRO J 32 7.64 -7.06 -40.35
N LYS J 33 8.36 -6.26 -39.55
CA LYS J 33 9.75 -5.86 -39.88
C LYS J 33 10.70 -7.05 -39.77
N LEU J 34 10.47 -7.96 -38.82
CA LEU J 34 11.42 -9.09 -38.59
C LEU J 34 10.99 -10.38 -39.30
N ALA J 35 9.69 -10.61 -39.49
CA ALA J 35 9.17 -11.81 -40.18
C ALA J 35 8.14 -11.35 -41.20
N PRO J 36 8.56 -10.64 -42.27
CA PRO J 36 7.64 -10.07 -43.23
C PRO J 36 6.79 -11.10 -43.99
N LEU J 37 7.37 -12.25 -44.34
CA LEU J 37 6.59 -13.28 -45.09
C LEU J 37 5.56 -13.91 -44.16
N ALA J 38 5.98 -14.27 -42.95
CA ALA J 38 5.05 -14.90 -41.97
C ALA J 38 3.93 -13.91 -41.63
N VAL J 39 4.27 -12.64 -41.42
CA VAL J 39 3.23 -11.63 -41.03
C VAL J 39 2.32 -11.31 -42.23
N GLU J 40 2.86 -11.14 -43.44
CA GLU J 40 1.95 -10.84 -44.57
C GLU J 40 1.07 -12.07 -44.82
N ASN J 41 1.69 -13.25 -44.86
CA ASN J 41 0.93 -14.50 -45.10
C ASN J 41 -0.25 -14.61 -44.12
N PHE J 42 0.03 -14.36 -42.83
CA PHE J 42 -0.98 -14.48 -41.74
C PHE J 42 -2.08 -13.42 -41.88
N LEU J 43 -1.69 -12.15 -42.05
CA LEU J 43 -2.68 -11.04 -42.14
C LEU J 43 -3.57 -11.21 -43.38
N THR J 44 -3.00 -11.60 -44.51
CA THR J 44 -3.81 -11.77 -45.75
C THR J 44 -4.83 -12.89 -45.52
N HIS J 45 -4.36 -14.07 -45.07
CA HIS J 45 -5.26 -15.21 -44.76
C HIS J 45 -6.33 -14.78 -43.76
N ALA J 46 -5.94 -14.01 -42.73
CA ALA J 46 -6.87 -13.55 -41.67
C ALA J 46 -8.00 -12.70 -42.27
N LYS J 47 -7.62 -11.66 -43.03
CA LYS J 47 -8.61 -10.74 -43.63
C LYS J 47 -9.45 -11.47 -44.69
N GLU J 48 -8.93 -12.55 -45.26
CA GLU J 48 -9.67 -13.33 -46.29
C GLU J 48 -10.53 -14.42 -45.63
N GLY J 49 -10.58 -14.43 -44.29
CA GLY J 49 -11.41 -15.41 -43.54
C GLY J 49 -10.92 -16.84 -43.69
N TYR J 50 -9.66 -17.03 -44.09
CA TYR J 50 -9.08 -18.39 -44.28
C TYR J 50 -9.11 -19.18 -42.97
N TYR J 51 -8.90 -18.51 -41.84
CA TYR J 51 -8.84 -19.19 -40.52
C TYR J 51 -10.24 -19.32 -39.88
N ASN J 52 -11.25 -18.62 -40.41
CA ASN J 52 -12.62 -18.69 -39.85
C ASN J 52 -13.11 -20.14 -39.84
N GLY J 53 -13.41 -20.67 -38.65
CA GLY J 53 -13.92 -22.06 -38.51
C GLY J 53 -12.83 -23.07 -38.25
N ILE J 54 -11.57 -22.73 -38.54
CA ILE J 54 -10.43 -23.66 -38.30
C ILE J 54 -10.31 -23.88 -36.79
N THR J 55 -9.86 -25.07 -36.39
CA THR J 55 -9.77 -25.49 -34.96
C THR J 55 -8.33 -25.59 -34.48
N PHE J 56 -8.17 -25.71 -33.15
CA PHE J 56 -6.87 -26.02 -32.50
C PHE J 56 -6.82 -27.55 -32.45
N HIS J 57 -6.40 -28.15 -33.57
CA HIS J 57 -6.44 -29.63 -33.78
C HIS J 57 -5.42 -30.38 -32.92
N ARG J 58 -4.52 -29.68 -32.24
CA ARG J 58 -3.51 -30.42 -31.44
C ARG J 58 -3.07 -29.55 -30.25
N VAL J 59 -3.24 -30.09 -29.03
CA VAL J 59 -2.89 -29.36 -27.78
C VAL J 59 -2.02 -30.24 -26.88
N ILE J 60 -0.89 -29.70 -26.43
CA ILE J 60 0.04 -30.42 -25.51
C ILE J 60 0.29 -29.48 -24.32
N ASP J 61 -0.37 -29.73 -23.20
CA ASP J 61 -0.21 -28.86 -22.00
C ASP J 61 1.28 -28.87 -21.60
N GLY J 62 1.83 -27.68 -21.30
CA GLY J 62 3.26 -27.55 -20.93
C GLY J 62 4.16 -27.45 -22.15
N PHE J 63 3.57 -27.41 -23.35
CA PHE J 63 4.36 -27.31 -24.61
C PHE J 63 3.76 -26.25 -25.52
N VAL J 65 0.00 -25.22 -28.31
CA VAL J 65 -1.25 -25.55 -28.98
C VAL J 65 -1.05 -25.20 -30.45
N GLN J 66 -1.50 -26.05 -31.38
CA GLN J 66 -1.30 -25.66 -32.80
C GLN J 66 -2.66 -25.58 -33.51
N THR J 67 -2.67 -24.86 -34.63
CA THR J 67 -3.91 -24.57 -35.39
C THR J 67 -3.51 -24.19 -36.83
N GLY J 68 -4.43 -23.53 -37.55
CA GLY J 68 -4.19 -23.05 -38.92
C GLY J 68 -4.34 -24.12 -40.01
N ASP J 69 -4.90 -25.29 -39.69
CA ASP J 69 -5.03 -26.35 -40.73
C ASP J 69 -6.49 -26.53 -41.12
N PRO J 70 -6.88 -26.17 -42.37
CA PRO J 70 -8.25 -26.37 -42.84
C PRO J 70 -8.74 -27.82 -42.86
N LYS J 71 -7.82 -28.79 -42.84
CA LYS J 71 -8.19 -30.23 -42.84
C LYS J 71 -8.28 -30.72 -41.40
N GLY J 72 -7.73 -29.94 -40.45
CA GLY J 72 -7.79 -30.25 -39.01
C GLY J 72 -7.06 -31.54 -38.62
N ASP J 73 -6.13 -32.04 -39.45
CA ASP J 73 -5.40 -33.28 -39.09
C ASP J 73 -3.88 -33.03 -39.07
N GLY J 74 -3.44 -31.80 -39.37
CA GLY J 74 -2.01 -31.42 -39.31
C GLY J 74 -1.29 -31.56 -40.65
N THR J 75 -1.98 -31.95 -41.71
CA THR J 75 -1.29 -32.14 -43.01
C THR J 75 -1.73 -31.07 -44.03
N GLY J 76 -2.66 -30.20 -43.66
CA GLY J 76 -3.21 -29.23 -44.64
C GLY J 76 -2.67 -27.82 -44.53
N GLY J 77 -3.26 -26.92 -45.32
CA GLY J 77 -2.89 -25.50 -45.34
C GLY J 77 -1.87 -25.20 -46.42
N GLN J 78 -1.89 -23.96 -46.90
CA GLN J 78 -0.93 -23.49 -47.93
C GLN J 78 -0.74 -21.98 -47.73
N SER J 79 0.40 -21.44 -48.17
CA SER J 79 0.63 -19.98 -48.03
C SER J 79 -0.23 -19.23 -49.06
N ILE J 80 -0.27 -17.90 -48.93
CA ILE J 80 -1.07 -17.02 -49.83
C ILE J 80 -0.39 -16.95 -51.21
N TRP J 81 0.80 -17.54 -51.33
CA TRP J 81 1.57 -17.50 -52.61
C TRP J 81 1.54 -18.85 -53.33
N HIS J 82 1.00 -19.90 -52.69
CA HIS J 82 0.97 -21.23 -53.35
C HIS J 82 0.26 -21.12 -54.71
N ASP J 83 0.95 -21.52 -55.79
CA ASP J 83 0.42 -21.51 -57.18
C ASP J 83 0.15 -20.07 -57.64
N LYS J 84 0.91 -19.10 -57.13
CA LYS J 84 0.71 -17.67 -57.54
C LYS J 84 2.08 -16.97 -57.65
N ASP J 85 2.94 -17.13 -56.64
CA ASP J 85 4.27 -16.45 -56.68
C ASP J 85 5.35 -17.47 -56.31
N LYS J 86 6.01 -18.04 -57.34
CA LYS J 86 7.06 -19.08 -57.13
C LYS J 86 8.32 -18.45 -56.51
N THR J 87 8.48 -17.12 -56.52
CA THR J 87 9.64 -16.48 -55.85
C THR J 87 9.43 -16.53 -54.32
N LYS J 88 8.19 -16.81 -53.87
CA LYS J 88 7.93 -16.87 -52.41
C LYS J 88 7.52 -18.30 -52.00
N ASP J 89 6.85 -19.04 -52.90
CA ASP J 89 6.40 -20.42 -52.57
C ASP J 89 6.62 -21.34 -53.78
N LYS J 90 7.63 -22.21 -53.71
CA LYS J 90 7.96 -23.19 -54.79
C LYS J 90 6.81 -24.21 -54.93
N GLY J 91 6.04 -24.42 -53.86
CA GLY J 91 4.92 -25.37 -53.91
C GLY J 91 4.72 -26.09 -52.59
N THR J 92 5.74 -26.07 -51.71
CA THR J 92 5.69 -26.76 -50.39
C THR J 92 5.58 -25.73 -49.27
N GLY J 93 5.74 -24.44 -49.58
CA GLY J 93 5.64 -23.39 -48.55
C GLY J 93 6.69 -22.31 -48.74
N PHE J 94 6.70 -21.32 -47.84
CA PHE J 94 7.69 -20.21 -47.89
C PHE J 94 8.81 -20.50 -46.87
N LYS J 95 9.91 -19.75 -46.99
CA LYS J 95 11.15 -20.00 -46.20
C LYS J 95 11.02 -19.58 -44.73
N ASN J 96 11.86 -20.19 -43.90
CA ASN J 96 11.96 -19.82 -42.46
C ASN J 96 12.65 -18.45 -42.36
N GLU J 97 12.09 -17.56 -41.55
CA GLU J 97 12.68 -16.22 -41.27
C GLU J 97 13.20 -16.28 -39.83
N ILE J 98 14.45 -16.69 -39.65
CA ILE J 98 15.06 -16.78 -38.30
C ILE J 98 15.84 -15.50 -38.04
N THR J 99 15.58 -14.89 -36.88
CA THR J 99 16.27 -13.63 -36.49
C THR J 99 16.74 -13.78 -35.05
N PRO J 100 17.87 -13.15 -34.66
CA PRO J 100 18.32 -13.19 -33.27
C PRO J 100 17.49 -12.29 -32.35
N TYR J 101 16.37 -11.74 -32.86
CA TYR J 101 15.53 -10.83 -32.05
C TYR J 101 14.20 -11.49 -31.64
N LEU J 102 13.84 -12.65 -32.20
CA LEU J 102 12.57 -13.34 -31.83
C LEU J 102 12.87 -14.78 -31.38
N TYR J 103 12.19 -15.22 -30.32
CA TYR J 103 12.46 -16.55 -29.69
C TYR J 103 11.15 -17.22 -29.33
N ASN J 104 11.20 -18.54 -29.09
CA ASN J 104 9.99 -19.33 -28.76
C ASN J 104 9.71 -19.29 -27.26
N ILE J 105 9.68 -18.08 -26.69
CA ILE J 105 9.34 -17.88 -25.26
C ILE J 105 7.82 -18.09 -25.11
N ARG J 106 7.36 -18.32 -23.89
CA ARG J 106 5.89 -18.49 -23.63
C ARG J 106 5.13 -17.36 -24.33
N GLY J 107 4.01 -17.68 -24.98
CA GLY J 107 3.18 -16.67 -25.67
C GLY J 107 3.63 -16.39 -27.11
N ALA J 108 4.81 -16.87 -27.51
CA ALA J 108 5.33 -16.61 -28.88
C ALA J 108 4.51 -17.38 -29.92
N LEU J 109 4.16 -16.68 -31.00
CA LEU J 109 3.40 -17.25 -32.14
C LEU J 109 4.45 -17.66 -33.20
N ALA J 110 4.41 -18.89 -33.70
CA ALA J 110 5.41 -19.32 -34.70
C ALA J 110 4.79 -20.30 -35.69
N ALA J 112 4.44 -23.62 -37.97
CA ALA J 112 4.71 -25.01 -37.70
C ALA J 112 5.72 -25.56 -38.70
N ASN J 113 5.27 -25.83 -39.93
CA ASN J 113 6.08 -26.41 -41.04
C ASN J 113 6.45 -27.87 -40.71
N THR J 114 7.05 -28.57 -41.68
CA THR J 114 7.35 -30.01 -41.52
C THR J 114 8.73 -30.24 -40.88
N GLY J 115 9.50 -29.18 -40.69
CA GLY J 115 10.87 -29.32 -40.15
C GLY J 115 11.88 -29.31 -41.29
N GLN J 116 11.40 -29.26 -42.54
CA GLN J 116 12.27 -29.17 -43.73
C GLN J 116 12.23 -27.74 -44.24
N PRO J 117 13.23 -27.30 -45.03
CA PRO J 117 13.26 -25.92 -45.52
C PRO J 117 12.06 -25.62 -46.45
N ASN J 118 11.59 -24.37 -46.39
CA ASN J 118 10.49 -23.88 -47.27
C ASN J 118 9.21 -24.69 -47.07
N THR J 119 8.78 -24.91 -45.82
CA THR J 119 7.51 -25.67 -45.63
C THR J 119 6.52 -24.88 -44.77
N ASN J 120 6.65 -23.56 -44.71
CA ASN J 120 5.66 -22.74 -43.97
C ASN J 120 4.44 -22.54 -44.85
N GLY J 121 3.25 -22.92 -44.35
CA GLY J 121 2.01 -22.78 -45.12
C GLY J 121 1.02 -21.86 -44.42
N SER J 122 0.07 -22.45 -43.68
CA SER J 122 -0.93 -21.67 -42.92
C SER J 122 -0.93 -22.10 -41.46
N GLN J 123 -0.38 -23.29 -41.17
CA GLN J 123 -0.37 -23.81 -39.77
C GLN J 123 0.61 -23.01 -38.91
N PHE J 124 0.16 -22.70 -37.69
CA PHE J 124 0.97 -21.96 -36.69
C PHE J 124 0.69 -22.54 -35.31
N PHE J 125 1.47 -22.12 -34.32
CA PHE J 125 1.31 -22.63 -32.93
C PHE J 125 1.69 -21.52 -31.96
N ILE J 126 1.19 -21.65 -30.73
CA ILE J 126 1.49 -20.69 -29.63
C ILE J 126 2.27 -21.44 -28.54
N ASN J 127 3.47 -20.96 -28.21
CA ASN J 127 4.30 -21.57 -27.14
C ASN J 127 3.54 -21.36 -25.82
N GLN J 128 3.35 -22.43 -25.04
CA GLN J 128 2.54 -22.34 -23.79
C GLN J 128 3.35 -22.86 -22.59
N ASN J 129 4.50 -23.49 -22.83
CA ASN J 129 5.37 -23.99 -21.72
C ASN J 129 5.56 -22.87 -20.68
N SER J 130 5.51 -23.20 -19.39
CA SER J 130 5.66 -22.21 -18.29
C SER J 130 6.74 -22.66 -17.28
N THR J 131 7.61 -23.61 -17.64
CA THR J 131 8.67 -24.07 -16.70
C THR J 131 9.97 -23.32 -17.01
N ASP J 132 10.81 -23.12 -15.98
CA ASP J 132 12.09 -22.37 -16.09
C ASP J 132 13.26 -23.32 -16.37
N THR J 133 13.79 -23.30 -17.61
CA THR J 133 14.98 -24.12 -18.01
C THR J 133 16.00 -23.18 -18.67
N SER J 134 16.15 -21.96 -18.15
CA SER J 134 17.09 -20.95 -18.71
C SER J 134 18.55 -21.34 -18.49
N SER J 135 18.86 -22.02 -17.37
CA SER J 135 20.26 -22.44 -17.07
C SER J 135 20.84 -23.24 -18.24
N LYS J 136 19.97 -23.98 -18.94
CA LYS J 136 20.31 -24.82 -20.12
C LYS J 136 20.86 -23.96 -21.28
N LEU J 137 20.34 -22.74 -21.44
CA LEU J 137 20.67 -21.86 -22.59
C LEU J 137 22.13 -21.42 -22.59
N PRO J 138 22.90 -21.76 -23.66
CA PRO J 138 24.29 -21.34 -23.78
C PRO J 138 24.36 -19.82 -23.94
N THR J 139 24.99 -19.16 -22.96
CA THR J 139 25.11 -17.67 -22.92
C THR J 139 25.76 -17.14 -24.21
N SER J 140 26.46 -17.99 -24.97
CA SER J 140 27.15 -17.55 -26.21
C SER J 140 26.17 -17.42 -27.37
N LYS J 141 25.00 -18.05 -27.29
CA LYS J 141 24.00 -17.98 -28.40
C LYS J 141 22.80 -17.12 -27.98
N TYR J 142 22.39 -17.21 -26.72
CA TYR J 142 21.18 -16.46 -26.23
C TYR J 142 21.59 -15.18 -25.49
N PRO J 143 21.06 -14.00 -25.90
CA PRO J 143 21.31 -12.75 -25.18
C PRO J 143 20.74 -12.81 -23.76
N GLN J 144 21.35 -12.08 -22.82
CA GLN J 144 20.96 -12.06 -21.38
C GLN J 144 19.46 -11.78 -21.21
N LYS J 145 18.97 -10.71 -21.84
CA LYS J 145 17.52 -10.32 -21.76
C LYS J 145 16.63 -11.51 -22.12
N ILE J 146 17.00 -12.29 -23.15
CA ILE J 146 16.21 -13.45 -23.63
C ILE J 146 16.32 -14.60 -22.62
N ILE J 147 17.55 -14.88 -22.13
CA ILE J 147 17.72 -15.95 -21.11
C ILE J 147 16.78 -15.64 -19.94
N GLU J 148 16.72 -14.36 -19.54
CA GLU J 148 15.83 -13.89 -18.43
C GLU J 148 14.37 -14.15 -18.81
N ALA J 149 13.96 -13.76 -20.03
CA ALA J 149 12.56 -13.95 -20.47
C ALA J 149 12.16 -15.43 -20.42
N TYR J 150 13.06 -16.33 -20.84
CA TYR J 150 12.76 -17.79 -20.83
C TYR J 150 12.48 -18.29 -19.41
N LYS J 151 12.73 -17.49 -18.38
CA LYS J 151 12.43 -17.95 -16.99
C LYS J 151 10.93 -18.19 -16.83
N GLU J 152 10.10 -17.40 -17.54
CA GLU J 152 8.62 -17.53 -17.44
C GLU J 152 8.14 -18.72 -18.29
N GLY J 153 9.04 -19.32 -19.09
CA GLY J 153 8.69 -20.49 -19.91
C GLY J 153 8.96 -20.31 -21.39
N GLY J 154 8.92 -21.41 -22.13
CA GLY J 154 9.17 -21.39 -23.59
C GLY J 154 9.75 -22.70 -24.07
N ASN J 155 10.01 -22.79 -25.38
CA ASN J 155 10.56 -24.00 -26.03
C ASN J 155 11.79 -23.60 -26.84
N PRO J 156 12.96 -23.37 -26.17
CA PRO J 156 14.17 -22.93 -26.87
C PRO J 156 14.68 -23.92 -27.93
N SER J 157 14.33 -25.20 -27.83
CA SER J 157 14.78 -26.17 -28.86
C SER J 157 14.05 -25.88 -30.18
N LEU J 158 12.99 -25.07 -30.14
CA LEU J 158 12.22 -24.72 -31.36
C LEU J 158 12.87 -23.53 -32.07
N ASP J 159 13.83 -22.87 -31.43
CA ASP J 159 14.49 -21.67 -32.02
C ASP J 159 15.32 -22.10 -33.23
N GLY J 160 15.22 -21.35 -34.34
CA GLY J 160 16.00 -21.69 -35.55
C GLY J 160 15.35 -22.79 -36.38
N LYS J 161 14.24 -23.35 -35.93
CA LYS J 161 13.53 -24.41 -36.71
C LYS J 161 12.12 -23.91 -37.04
N HIS J 162 11.58 -23.06 -36.17
CA HIS J 162 10.20 -22.51 -36.35
C HIS J 162 10.29 -20.99 -36.30
N PRO J 163 9.92 -20.29 -37.40
CA PRO J 163 9.99 -18.83 -37.43
C PRO J 163 8.92 -18.19 -36.54
N VAL J 164 9.35 -17.31 -35.63
CA VAL J 164 8.43 -16.59 -34.72
C VAL J 164 7.96 -15.34 -35.44
N PHE J 165 6.69 -14.97 -35.31
CA PHE J 165 6.19 -13.78 -36.04
C PHE J 165 5.18 -12.99 -35.22
N GLY J 166 4.88 -13.43 -34.00
CA GLY J 166 3.92 -12.72 -33.15
C GLY J 166 4.10 -13.04 -31.68
N GLN J 167 3.36 -12.35 -30.82
CA GLN J 167 3.49 -12.54 -29.36
C GLN J 167 2.16 -12.21 -28.69
N VAL J 168 1.61 -13.16 -27.93
CA VAL J 168 0.33 -12.92 -27.18
C VAL J 168 0.60 -11.82 -26.15
N ILE J 169 -0.20 -10.75 -26.16
CA ILE J 169 -0.05 -9.63 -25.19
C ILE J 169 -1.27 -9.61 -24.26
N GLY J 170 -2.31 -10.40 -24.61
CA GLY J 170 -3.53 -10.51 -23.79
C GLY J 170 -4.24 -11.83 -24.05
N GLY J 171 -4.76 -12.45 -22.98
CA GLY J 171 -5.49 -13.72 -23.11
C GLY J 171 -4.58 -14.95 -23.03
N ASP J 173 -4.21 -16.64 -20.52
CA ASP J 173 -4.99 -17.56 -19.72
C ASP J 173 -5.92 -18.37 -20.64
N VAL J 174 -6.40 -17.76 -21.73
CA VAL J 174 -7.27 -18.44 -22.74
C VAL J 174 -6.43 -19.53 -23.44
N VAL J 175 -5.16 -19.23 -23.71
CA VAL J 175 -4.27 -20.23 -24.38
C VAL J 175 -4.05 -21.40 -23.42
N ASP J 176 -3.84 -21.12 -22.12
CA ASP J 176 -3.65 -22.16 -21.08
C ASP J 176 -4.93 -23.00 -20.95
N LYS J 177 -6.09 -22.37 -21.12
CA LYS J 177 -7.38 -23.11 -21.04
C LYS J 177 -7.42 -24.09 -22.20
N ILE J 178 -7.05 -23.62 -23.39
CA ILE J 178 -7.03 -24.47 -24.63
C ILE J 178 -6.00 -25.58 -24.43
N ALA J 179 -4.84 -25.24 -23.84
CA ALA J 179 -3.75 -26.23 -23.63
C ALA J 179 -4.20 -27.33 -22.66
N LYS J 180 -5.04 -26.99 -21.68
CA LYS J 180 -5.51 -27.99 -20.67
C LYS J 180 -6.84 -28.64 -21.10
N ALA J 181 -7.26 -28.46 -22.36
CA ALA J 181 -8.54 -29.05 -22.81
C ALA J 181 -8.45 -30.59 -22.84
N GLU J 182 -9.53 -31.27 -22.46
CA GLU J 182 -9.55 -32.77 -22.49
C GLU J 182 -9.29 -33.19 -23.94
N LYS J 183 -8.21 -33.95 -24.18
CA LYS J 183 -7.79 -34.37 -25.54
C LYS J 183 -7.89 -35.90 -25.68
N ASP J 184 -7.94 -36.39 -26.92
CA ASP J 184 -8.05 -37.85 -27.20
C ASP J 184 -6.63 -38.43 -27.39
N GLU J 185 -6.50 -39.44 -28.26
CA GLU J 185 -5.20 -40.12 -28.53
C GLU J 185 -4.31 -39.24 -29.43
N LYS J 186 -4.88 -38.61 -30.46
CA LYS J 186 -4.11 -37.72 -31.39
C LYS J 186 -3.90 -36.32 -30.79
N ASP J 187 -4.12 -36.16 -29.47
CA ASP J 187 -3.93 -34.85 -28.78
C ASP J 187 -4.94 -33.82 -29.32
N LYS J 188 -6.04 -34.29 -29.93
CA LYS J 188 -7.11 -33.39 -30.45
C LYS J 188 -8.16 -33.19 -29.35
N PRO J 189 -8.61 -31.95 -29.10
CA PRO J 189 -9.63 -31.71 -28.07
C PRO J 189 -10.89 -32.57 -28.29
N THR J 190 -11.45 -33.13 -27.21
CA THR J 190 -12.70 -33.93 -27.31
C THR J 190 -13.82 -32.98 -27.75
N THR J 191 -13.78 -31.73 -27.27
CA THR J 191 -14.76 -30.67 -27.64
C THR J 191 -14.02 -29.68 -28.54
N ALA J 192 -14.45 -29.57 -29.80
CA ALA J 192 -13.80 -28.70 -30.82
C ALA J 192 -13.60 -27.27 -30.28
N ILE J 193 -12.37 -26.77 -30.40
CA ILE J 193 -11.98 -25.38 -30.00
C ILE J 193 -11.70 -24.62 -31.30
N THR J 194 -12.61 -23.72 -31.69
CA THR J 194 -12.48 -23.06 -33.02
C THR J 194 -12.13 -21.57 -32.96
N ILE J 195 -11.48 -21.10 -34.02
CA ILE J 195 -11.21 -19.65 -34.27
C ILE J 195 -12.48 -19.16 -34.97
N ASP J 196 -13.44 -18.62 -34.21
CA ASP J 196 -14.71 -18.17 -34.85
C ASP J 196 -14.37 -17.18 -35.96
N SER J 197 -13.50 -16.20 -35.66
CA SER J 197 -13.04 -15.18 -36.64
C SER J 197 -11.83 -14.42 -36.09
N ILE J 198 -11.13 -13.69 -36.96
CA ILE J 198 -9.95 -12.87 -36.57
C ILE J 198 -10.26 -11.39 -36.80
N GLU J 199 -9.95 -10.55 -35.81
CA GLU J 199 -10.16 -9.08 -35.90
C GLU J 199 -8.80 -8.42 -36.12
N VAL J 200 -8.61 -7.80 -37.29
CA VAL J 200 -7.31 -7.10 -37.55
C VAL J 200 -7.43 -5.71 -36.92
N VAL J 201 -6.95 -5.56 -35.69
CA VAL J 201 -7.02 -4.25 -34.97
C VAL J 201 -6.11 -3.25 -35.69
N LYS J 202 -4.85 -3.62 -35.90
CA LYS J 202 -3.86 -2.75 -36.58
C LYS J 202 -3.22 -3.53 -37.74
N ASP J 203 -3.53 -3.13 -38.98
CA ASP J 203 -3.00 -3.85 -40.17
C ASP J 203 -1.59 -3.31 -40.46
N TYR J 204 -0.93 -3.86 -41.49
CA TYR J 204 0.40 -3.40 -41.94
C TYR J 204 0.42 -3.45 -43.46
N ASP J 205 0.74 -2.33 -44.10
CA ASP J 205 0.75 -2.28 -45.59
C ASP J 205 2.17 -2.61 -46.06
N PHE J 206 2.35 -3.81 -46.64
CA PHE J 206 3.70 -4.22 -47.13
C PHE J 206 4.07 -3.50 -48.44
N LYS J 207 3.13 -2.76 -49.03
CA LYS J 207 3.40 -2.05 -50.31
C LYS J 207 3.68 -0.56 -50.07
N SER J 208 3.47 -0.07 -48.84
CA SER J 208 3.67 1.38 -48.58
C SER J 208 5.15 1.76 -48.58
N GLU J 209 5.45 2.85 -49.29
CA GLU J 209 6.84 3.39 -49.39
C GLU J 209 6.89 4.77 -48.75
N ASN J 210 5.85 5.16 -47.99
CA ASN J 210 5.80 6.50 -47.36
C ASN J 210 6.95 6.61 -46.34
N LEU J 211 7.69 7.74 -46.35
CA LEU J 211 8.81 7.92 -45.38
C LEU J 211 8.30 8.68 -44.15
N TYR J 212 8.76 8.24 -42.97
CA TYR J 212 8.39 8.83 -41.65
C TYR J 212 9.65 9.25 -40.88
N PHE J 213 9.66 10.45 -40.31
CA PHE J 213 10.82 10.97 -39.53
C PHE J 213 11.57 9.82 -38.86
#